data_2NXX
#
_entry.id   2NXX
#
_cell.length_a   77.540
_cell.length_b   89.628
_cell.length_c   160.247
_cell.angle_alpha   90.00
_cell.angle_beta   91.97
_cell.angle_gamma   90.00
#
_symmetry.space_group_name_H-M   'P 1 21 1'
#
loop_
_entity.id
_entity.type
_entity.pdbx_description
1 polymer 'Ultraspiracle (USP, NR2B4)'
2 polymer 'Ecdysone Receptor (EcR, NRH1)'
3 non-polymer 2,3,14,20,22-PENTAHYDROXYCHOLEST-7-EN-6-ONE
4 water water
#
loop_
_entity_poly.entity_id
_entity_poly.type
_entity_poly.pdbx_seq_one_letter_code
_entity_poly.pdbx_strand_id
1 'polypeptide(L)'
;MTSNLQADMPLERIIEAEKRVECNDPLVALVVNENNTTVNNICQATHKQLFQLVQWAKLVPHFTSLPLTDQVQLLRAGWN
ELLIAAFSHRSMQAQDAIVLATGLTVNKSTAHAVGVGNIYDRVLSELVNKMKEMKMDKTELGCLRAIILYNPDVRGIKSV
QEVEMLREKIYGVLEEYTRTTHPNEPGRFAKLLLRLPALRSIGLKCLEHLFFFKLIGDVPIDTFLMEMLEGTTDS
;
A,B,C,D
2 'polypeptide(L)'
;GSHMNGSKGISPEQEELIHRLVYFQNEYEHPSEEDVKRIINQPMDGEDQCDVRFRHITEITILTVQLIVEFAKRLPGFDK
LLREDQIALLKACSSEVMMFRMARRYDVQTDSILFVNNQPYSRDSYNLAGMGETIEDLLHFCRTMYSMRVDNAEYALLTA
IVIFSERPALIEGWKVEKIQEIYLEALRAYVDNRRKPKPGTIFAKLLSVLTELRTLGNQNSEMCFSLKLKNKKLPPFLAE
IWDVDLKT
;
E,F,G,H
#
loop_
_chem_comp.id
_chem_comp.type
_chem_comp.name
_chem_comp.formula
P1A non-polymer 2,3,14,20,22-PENTAHYDROXYCHOLEST-7-EN-6-ONE 'C27 H44 O6'
#
# COMPACT_ATOMS: atom_id res chain seq x y z
N ASP A 8 37.73 -27.91 55.23
CA ASP A 8 38.78 -28.57 56.08
C ASP A 8 38.22 -29.85 56.72
N MET A 9 38.97 -30.94 56.61
CA MET A 9 38.57 -32.23 57.19
C MET A 9 39.77 -33.02 57.62
N PRO A 10 40.15 -32.92 58.90
CA PRO A 10 41.31 -33.64 59.43
C PRO A 10 40.94 -35.08 59.78
N LEU A 11 41.65 -36.05 59.21
CA LEU A 11 41.39 -37.45 59.51
C LEU A 11 41.70 -37.75 60.97
N GLU A 12 42.45 -36.86 61.60
CA GLU A 12 42.84 -37.00 63.00
C GLU A 12 41.64 -36.65 63.87
N ARG A 13 41.02 -35.52 63.53
CA ARG A 13 39.85 -35.03 64.25
C ARG A 13 38.79 -36.13 64.27
N ILE A 14 38.65 -36.82 63.14
CA ILE A 14 37.67 -37.89 63.00
C ILE A 14 38.03 -39.11 63.82
N ILE A 15 39.29 -39.54 63.75
CA ILE A 15 39.71 -40.72 64.51
C ILE A 15 39.60 -40.45 66.00
N GLU A 16 39.75 -39.18 66.36
CA GLU A 16 39.69 -38.74 67.75
C GLU A 16 38.27 -38.86 68.30
N ALA A 17 37.33 -38.25 67.60
CA ALA A 17 35.93 -38.26 68.00
C ALA A 17 35.41 -39.67 68.24
N GLU A 18 35.85 -40.60 67.41
CA GLU A 18 35.41 -41.99 67.56
C GLU A 18 36.16 -42.63 68.72
N LYS A 19 37.30 -42.03 69.08
CA LYS A 19 38.12 -42.55 70.18
C LYS A 19 37.62 -42.04 71.52
N ARG A 20 37.36 -40.75 71.60
CA ARG A 20 36.88 -40.14 72.84
C ARG A 20 35.66 -40.87 73.38
N VAL A 21 34.99 -41.62 72.50
CA VAL A 21 33.81 -42.37 72.87
C VAL A 21 34.11 -43.87 72.85
N GLU A 22 35.31 -44.21 72.39
CA GLU A 22 35.73 -45.61 72.30
C GLU A 22 35.37 -46.33 73.58
N CYS A 23 34.28 -47.09 73.56
CA CYS A 23 33.84 -47.83 74.73
C CYS A 23 34.48 -49.21 74.75
N ASN A 24 34.84 -49.67 75.94
CA ASN A 24 35.46 -50.98 76.10
C ASN A 24 35.73 -51.23 77.57
N ASP A 25 34.78 -51.89 78.24
CA ASP A 25 34.95 -52.16 79.66
C ASP A 25 34.76 -53.64 80.01
N PRO A 26 33.53 -54.08 80.35
CA PRO A 26 33.49 -55.51 80.67
C PRO A 26 33.02 -56.40 79.52
N LEU A 27 31.88 -57.05 79.76
CA LEU A 27 31.25 -57.95 78.81
C LEU A 27 30.14 -58.61 79.62
N VAL A 28 29.37 -57.76 80.32
CA VAL A 28 28.27 -58.18 81.19
C VAL A 28 26.97 -58.53 80.46
N ALA A 29 26.61 -59.80 80.44
CA ALA A 29 25.36 -60.22 79.82
C ALA A 29 24.22 -59.58 80.58
N LEU A 30 23.17 -59.16 79.86
CA LEU A 30 22.04 -58.51 80.52
C LEU A 30 21.17 -59.49 81.29
N VAL A 31 20.66 -59.02 82.42
CA VAL A 31 19.80 -59.82 83.29
C VAL A 31 18.33 -59.49 83.01
N VAL A 32 17.57 -60.47 82.57
CA VAL A 32 16.15 -60.25 82.25
C VAL A 32 15.23 -60.39 83.48
N ASN A 33 15.41 -59.51 84.46
CA ASN A 33 14.59 -59.56 85.67
C ASN A 33 14.21 -58.17 86.21
N GLU A 34 13.15 -58.12 86.99
CA GLU A 34 12.67 -56.88 87.57
C GLU A 34 13.38 -56.56 88.88
N ASN A 35 14.64 -56.95 88.99
CA ASN A 35 15.41 -56.70 90.20
C ASN A 35 15.76 -55.22 90.34
N ASN A 36 14.94 -54.36 89.75
CA ASN A 36 15.15 -52.91 89.78
C ASN A 36 16.63 -52.53 89.71
N THR A 37 17.44 -53.45 89.18
CA THR A 37 18.87 -53.25 89.02
C THR A 37 19.13 -53.28 87.52
N THR A 38 18.57 -54.27 86.86
CA THR A 38 18.72 -54.40 85.41
C THR A 38 18.14 -53.13 84.81
N VAL A 39 17.12 -52.58 85.48
CA VAL A 39 16.47 -51.36 85.02
C VAL A 39 17.49 -50.22 85.03
N ASN A 40 18.50 -50.34 85.88
CA ASN A 40 19.55 -49.33 85.97
C ASN A 40 20.70 -49.68 85.05
N ASN A 41 20.95 -50.96 84.84
CA ASN A 41 22.02 -51.39 83.95
C ASN A 41 21.62 -50.98 82.53
N ILE A 42 20.33 -51.13 82.24
CA ILE A 42 19.79 -50.77 80.94
C ILE A 42 19.78 -49.25 80.87
N CYS A 43 19.21 -48.63 81.89
CA CYS A 43 19.13 -47.18 81.94
C CYS A 43 20.50 -46.53 81.83
N GLN A 44 21.49 -47.16 82.46
CA GLN A 44 22.85 -46.63 82.42
C GLN A 44 23.42 -46.76 81.02
N ALA A 45 23.28 -47.95 80.44
CA ALA A 45 23.77 -48.22 79.10
C ALA A 45 23.17 -47.20 78.14
N THR A 46 21.88 -46.92 78.31
CA THR A 46 21.18 -45.96 77.50
C THR A 46 21.81 -44.59 77.62
N HIS A 47 21.75 -44.01 78.82
CA HIS A 47 22.31 -42.69 79.06
C HIS A 47 23.71 -42.52 78.49
N LYS A 48 24.57 -43.50 78.71
CA LYS A 48 25.93 -43.40 78.19
C LYS A 48 25.93 -43.42 76.66
N GLN A 49 25.14 -44.32 76.08
CA GLN A 49 25.05 -44.44 74.63
C GLN A 49 24.61 -43.14 73.97
N LEU A 50 23.55 -42.53 74.51
CA LEU A 50 23.03 -41.29 73.95
C LEU A 50 23.93 -40.09 74.22
N PHE A 51 24.63 -40.10 75.33
CA PHE A 51 25.53 -38.98 75.62
C PHE A 51 26.69 -39.09 74.65
N GLN A 52 27.19 -40.30 74.46
CA GLN A 52 28.30 -40.54 73.55
C GLN A 52 27.91 -40.17 72.11
N LEU A 53 26.62 -40.28 71.80
CA LEU A 53 26.15 -39.94 70.47
C LEU A 53 26.38 -38.45 70.21
N VAL A 54 25.89 -37.61 71.11
CA VAL A 54 26.05 -36.17 70.95
C VAL A 54 27.51 -35.77 71.20
N GLN A 55 28.14 -36.44 72.17
CA GLN A 55 29.53 -36.15 72.47
C GLN A 55 30.36 -36.36 71.22
N TRP A 56 30.04 -37.44 70.51
CA TRP A 56 30.74 -37.80 69.27
C TRP A 56 30.52 -36.76 68.18
N ALA A 57 29.26 -36.41 67.96
CA ALA A 57 28.91 -35.42 66.94
C ALA A 57 29.63 -34.09 67.10
N LYS A 58 29.77 -33.64 68.34
CA LYS A 58 30.43 -32.36 68.60
C LYS A 58 31.91 -32.41 68.30
N LEU A 59 32.49 -33.61 68.38
CA LEU A 59 33.90 -33.79 68.11
C LEU A 59 34.19 -33.94 66.62
N VAL A 60 33.15 -34.01 65.81
CA VAL A 60 33.33 -34.15 64.38
C VAL A 60 33.56 -32.78 63.75
N PRO A 61 34.62 -32.65 62.94
CA PRO A 61 34.99 -31.40 62.26
C PRO A 61 33.86 -30.54 61.72
N HIS A 62 33.76 -29.33 62.26
CA HIS A 62 32.78 -28.33 61.82
C HIS A 62 31.32 -28.59 62.16
N PHE A 63 31.04 -29.62 62.94
CA PHE A 63 29.64 -29.91 63.28
C PHE A 63 29.04 -28.78 64.10
N THR A 64 29.76 -28.36 65.13
CA THR A 64 29.30 -27.29 65.99
C THR A 64 29.26 -25.94 65.28
N SER A 65 29.85 -25.87 64.10
CA SER A 65 29.87 -24.63 63.32
C SER A 65 28.58 -24.51 62.54
N LEU A 66 27.74 -25.53 62.63
CA LEU A 66 26.46 -25.52 61.91
C LEU A 66 25.40 -24.85 62.78
N PRO A 67 24.37 -24.30 62.14
CA PRO A 67 23.29 -23.63 62.88
C PRO A 67 22.71 -24.60 63.91
N LEU A 68 22.49 -24.14 65.14
CA LEU A 68 21.96 -25.01 66.16
C LEU A 68 20.81 -25.90 65.68
N THR A 69 19.83 -25.29 65.03
CA THR A 69 18.67 -26.04 64.53
C THR A 69 19.11 -27.19 63.61
N ASP A 70 20.12 -26.93 62.79
CA ASP A 70 20.63 -27.92 61.85
C ASP A 70 21.34 -29.09 62.51
N GLN A 71 22.09 -28.84 63.59
CA GLN A 71 22.77 -29.95 64.22
C GLN A 71 21.77 -30.79 65.00
N VAL A 72 20.61 -30.21 65.28
CA VAL A 72 19.60 -30.95 66.01
C VAL A 72 18.92 -31.87 65.01
N GLN A 73 18.59 -31.30 63.85
CA GLN A 73 17.94 -32.07 62.79
C GLN A 73 18.81 -33.22 62.31
N LEU A 74 20.10 -32.95 62.13
CA LEU A 74 21.02 -33.97 61.68
C LEU A 74 21.13 -35.15 62.63
N LEU A 75 21.10 -34.89 63.93
CA LEU A 75 21.21 -35.95 64.90
C LEU A 75 19.90 -36.72 65.04
N ARG A 76 18.80 -35.99 64.96
CA ARG A 76 17.49 -36.61 65.06
C ARG A 76 17.30 -37.58 63.89
N ALA A 77 17.75 -37.15 62.71
CA ALA A 77 17.62 -37.96 61.49
C ALA A 77 18.56 -39.16 61.48
N GLY A 78 19.81 -38.92 61.83
CA GLY A 78 20.80 -39.99 61.82
C GLY A 78 20.82 -40.86 63.06
N TRP A 79 20.16 -40.41 64.12
CA TRP A 79 20.09 -41.13 65.38
C TRP A 79 20.22 -42.66 65.27
N ASN A 80 19.19 -43.32 64.73
CA ASN A 80 19.23 -44.78 64.65
C ASN A 80 20.38 -45.37 63.86
N GLU A 81 20.59 -44.87 62.64
CA GLU A 81 21.70 -45.39 61.86
C GLU A 81 23.03 -45.24 62.62
N LEU A 82 23.23 -44.05 63.21
CA LEU A 82 24.44 -43.77 63.97
C LEU A 82 24.63 -44.75 65.13
N LEU A 83 23.56 -44.97 65.90
CA LEU A 83 23.65 -45.91 67.00
C LEU A 83 23.85 -47.33 66.52
N ILE A 84 23.07 -47.76 65.54
CA ILE A 84 23.19 -49.13 65.07
C ILE A 84 24.61 -49.40 64.58
N ALA A 85 25.19 -48.42 63.90
CA ALA A 85 26.55 -48.56 63.41
C ALA A 85 27.49 -48.70 64.61
N ALA A 86 27.31 -47.85 65.60
CA ALA A 86 28.12 -47.86 66.81
C ALA A 86 28.13 -49.20 67.54
N PHE A 87 26.95 -49.65 67.97
CA PHE A 87 26.92 -50.92 68.68
C PHE A 87 27.16 -52.12 67.78
N SER A 88 27.09 -51.94 66.47
CA SER A 88 27.35 -53.07 65.59
C SER A 88 28.84 -53.31 65.52
N HIS A 89 29.61 -52.22 65.42
CA HIS A 89 31.05 -52.32 65.32
C HIS A 89 31.67 -52.86 66.60
N ARG A 90 31.24 -52.37 67.75
CA ARG A 90 31.83 -52.88 68.98
C ARG A 90 31.17 -54.16 69.40
N SER A 91 30.51 -54.83 68.47
CA SER A 91 29.87 -56.09 68.79
C SER A 91 30.65 -57.18 68.08
N MET A 92 31.75 -56.78 67.46
CA MET A 92 32.60 -57.70 66.73
C MET A 92 33.26 -58.72 67.66
N GLN A 93 33.54 -58.28 68.89
CA GLN A 93 34.15 -59.17 69.88
C GLN A 93 33.15 -60.19 70.38
N ALA A 94 31.95 -59.72 70.75
CA ALA A 94 30.90 -60.60 71.23
C ALA A 94 30.77 -61.81 70.30
N GLN A 95 30.68 -62.99 70.88
CA GLN A 95 30.54 -64.21 70.11
C GLN A 95 29.26 -64.16 69.31
N ASP A 96 28.14 -64.13 70.02
CA ASP A 96 26.84 -64.09 69.36
C ASP A 96 25.91 -63.15 70.13
N ALA A 97 26.18 -61.85 70.04
CA ALA A 97 25.36 -60.88 70.74
C ALA A 97 25.75 -59.44 70.42
N ILE A 98 24.93 -58.50 70.90
CA ILE A 98 25.16 -57.08 70.69
C ILE A 98 25.72 -56.42 71.95
N VAL A 99 26.76 -55.61 71.77
CA VAL A 99 27.42 -54.92 72.87
C VAL A 99 27.04 -53.45 73.01
N LEU A 100 26.45 -53.09 74.14
CA LEU A 100 26.05 -51.71 74.37
C LEU A 100 27.19 -50.88 75.01
N ALA A 101 26.89 -49.65 75.41
CA ALA A 101 27.89 -48.76 76.00
C ALA A 101 28.33 -49.19 77.41
N THR A 102 27.37 -49.51 78.27
CA THR A 102 27.66 -49.95 79.64
C THR A 102 28.59 -51.15 79.59
N GLY A 103 28.78 -51.71 78.40
CA GLY A 103 29.61 -52.88 78.28
C GLY A 103 28.61 -54.00 78.37
N LEU A 104 27.38 -53.61 78.70
CA LEU A 104 26.26 -54.53 78.83
C LEU A 104 25.98 -55.13 77.46
N THR A 105 25.68 -56.43 77.41
CA THR A 105 25.41 -57.09 76.13
C THR A 105 24.03 -57.72 76.08
N VAL A 106 23.46 -57.77 74.88
CA VAL A 106 22.13 -58.33 74.67
C VAL A 106 22.19 -59.50 73.72
N ASN A 107 21.20 -60.37 73.82
CA ASN A 107 21.12 -61.57 73.00
C ASN A 107 19.70 -61.80 72.47
N LYS A 108 19.60 -62.65 71.44
CA LYS A 108 18.34 -62.99 70.81
C LYS A 108 17.15 -63.03 71.78
N SER A 109 17.36 -63.62 72.95
CA SER A 109 16.30 -63.75 73.94
C SER A 109 16.18 -62.54 74.86
N THR A 110 17.31 -61.95 75.20
CA THR A 110 17.32 -60.79 76.07
C THR A 110 17.35 -59.50 75.25
N ALA A 111 16.67 -59.51 74.11
CA ALA A 111 16.65 -58.36 73.22
C ALA A 111 15.49 -57.38 73.36
N HIS A 112 14.29 -57.85 73.67
CA HIS A 112 13.17 -56.93 73.78
C HIS A 112 13.54 -55.66 74.51
N ALA A 113 13.71 -55.74 75.83
CA ALA A 113 14.10 -54.55 76.58
C ALA A 113 15.34 -54.05 75.88
N VAL A 114 15.53 -52.73 75.86
CA VAL A 114 16.68 -52.13 75.18
C VAL A 114 16.33 -52.00 73.71
N GLY A 115 15.04 -51.87 73.43
CA GLY A 115 14.60 -51.73 72.04
C GLY A 115 15.14 -52.88 71.24
N VAL A 116 15.57 -52.64 70.00
CA VAL A 116 16.10 -53.70 69.17
C VAL A 116 15.09 -54.82 69.21
N GLY A 117 15.51 -56.05 68.96
CA GLY A 117 14.56 -57.15 68.99
C GLY A 117 14.40 -57.75 67.62
N ASN A 118 13.68 -57.08 66.74
CA ASN A 118 13.49 -57.62 65.41
C ASN A 118 14.47 -57.10 64.38
N ILE A 119 15.51 -56.42 64.86
CA ILE A 119 16.54 -55.95 63.95
C ILE A 119 17.76 -56.76 64.34
N TYR A 120 17.61 -57.53 65.42
CA TYR A 120 18.68 -58.36 65.94
C TYR A 120 19.32 -59.32 64.94
N ASP A 121 18.55 -60.24 64.40
CA ASP A 121 19.09 -61.20 63.46
C ASP A 121 19.79 -60.50 62.31
N ARG A 122 19.12 -59.51 61.75
CA ARG A 122 19.65 -58.74 60.62
C ARG A 122 20.89 -57.93 60.98
N VAL A 123 20.88 -57.28 62.14
CA VAL A 123 22.02 -56.50 62.58
C VAL A 123 23.27 -57.38 62.62
N LEU A 124 23.13 -58.55 63.23
CA LEU A 124 24.22 -59.51 63.38
C LEU A 124 24.73 -60.05 62.04
N SER A 125 23.81 -60.48 61.19
CA SER A 125 24.19 -61.05 59.90
C SER A 125 24.63 -60.09 58.81
N GLU A 126 24.03 -58.90 58.73
CA GLU A 126 24.41 -57.95 57.68
C GLU A 126 25.42 -56.89 58.07
N LEU A 127 25.59 -56.68 59.38
CA LEU A 127 26.53 -55.69 59.86
C LEU A 127 27.68 -56.27 60.66
N VAL A 128 27.37 -56.81 61.83
CA VAL A 128 28.40 -57.41 62.68
C VAL A 128 29.28 -58.40 61.93
N ASN A 129 28.71 -59.47 61.40
CA ASN A 129 29.50 -60.45 60.68
C ASN A 129 30.25 -59.85 59.52
N LYS A 130 29.59 -58.95 58.79
CA LYS A 130 30.22 -58.32 57.64
C LYS A 130 31.43 -57.50 58.09
N MET A 131 31.24 -56.69 59.13
CA MET A 131 32.34 -55.86 59.65
C MET A 131 33.46 -56.72 60.20
N LYS A 132 33.07 -57.84 60.78
CA LYS A 132 34.02 -58.77 61.36
C LYS A 132 34.90 -59.40 60.30
N GLU A 133 34.29 -60.00 59.28
CA GLU A 133 35.05 -60.65 58.21
C GLU A 133 35.76 -59.66 57.30
N MET A 134 35.51 -58.38 57.52
CA MET A 134 36.11 -57.34 56.69
C MET A 134 37.18 -56.60 57.47
N LYS A 135 37.23 -56.87 58.78
CA LYS A 135 38.20 -56.23 59.64
C LYS A 135 38.05 -54.71 59.57
N MET A 136 36.81 -54.23 59.68
CA MET A 136 36.57 -52.79 59.62
C MET A 136 37.16 -52.16 60.87
N ASP A 137 37.99 -51.13 60.70
CA ASP A 137 38.61 -50.48 61.85
C ASP A 137 37.90 -49.19 62.26
N LYS A 138 38.12 -48.79 63.51
CA LYS A 138 37.51 -47.59 64.05
C LYS A 138 37.64 -46.34 63.17
N THR A 139 38.68 -46.24 62.35
CA THR A 139 38.84 -45.06 61.51
C THR A 139 37.82 -45.07 60.38
N GLU A 140 37.60 -46.26 59.83
CA GLU A 140 36.64 -46.47 58.76
C GLU A 140 35.25 -46.22 59.33
N LEU A 141 34.97 -46.83 60.48
CA LEU A 141 33.70 -46.64 61.14
C LEU A 141 33.47 -45.16 61.33
N GLY A 142 34.47 -44.48 61.91
CA GLY A 142 34.37 -43.06 62.15
C GLY A 142 33.98 -42.28 60.91
N CYS A 143 34.58 -42.61 59.78
CA CYS A 143 34.23 -41.93 58.55
C CYS A 143 32.81 -42.22 58.09
N LEU A 144 32.41 -43.49 58.14
CA LEU A 144 31.06 -43.89 57.72
C LEU A 144 30.00 -43.19 58.57
N ARG A 145 30.18 -43.21 59.88
CA ARG A 145 29.23 -42.57 60.76
C ARG A 145 29.17 -41.06 60.46
N ALA A 146 30.31 -40.46 60.19
CA ALA A 146 30.33 -39.04 59.88
C ALA A 146 29.59 -38.83 58.57
N ILE A 147 29.73 -39.77 57.64
CA ILE A 147 29.04 -39.68 56.36
C ILE A 147 27.55 -39.71 56.64
N ILE A 148 27.14 -40.63 57.51
CA ILE A 148 25.73 -40.79 57.86
C ILE A 148 25.22 -39.48 58.44
N LEU A 149 26.02 -38.88 59.31
CA LEU A 149 25.67 -37.64 59.98
C LEU A 149 25.46 -36.48 59.02
N TYR A 150 26.40 -36.30 58.09
CA TYR A 150 26.31 -35.21 57.13
C TYR A 150 25.47 -35.57 55.90
N ASN A 151 24.18 -35.79 56.15
CA ASN A 151 23.25 -36.13 55.09
C ASN A 151 22.59 -34.82 54.66
N PRO A 152 23.08 -34.23 53.57
CA PRO A 152 22.54 -32.96 53.06
C PRO A 152 21.07 -33.07 52.65
N ASP A 153 20.56 -34.28 52.57
CA ASP A 153 19.18 -34.46 52.17
C ASP A 153 18.20 -34.55 53.32
N VAL A 154 18.71 -34.53 54.55
CA VAL A 154 17.82 -34.58 55.71
C VAL A 154 16.91 -33.36 55.61
N ARG A 155 15.63 -33.54 55.88
CA ARG A 155 14.71 -32.42 55.74
C ARG A 155 14.75 -31.39 56.85
N GLY A 156 14.49 -30.15 56.47
CA GLY A 156 14.48 -29.05 57.41
C GLY A 156 15.86 -28.44 57.61
N ILE A 157 16.85 -29.01 56.95
CA ILE A 157 18.21 -28.52 57.07
C ILE A 157 18.42 -27.22 56.29
N LYS A 158 19.10 -26.26 56.92
CA LYS A 158 19.37 -24.97 56.30
C LYS A 158 20.69 -24.97 55.52
N SER A 159 21.76 -25.29 56.22
CA SER A 159 23.10 -25.33 55.64
C SER A 159 23.31 -26.53 54.71
N VAL A 160 22.38 -26.72 53.78
CA VAL A 160 22.44 -27.82 52.84
C VAL A 160 23.79 -27.97 52.16
N GLN A 161 24.11 -27.01 51.30
CA GLN A 161 25.37 -27.01 50.56
C GLN A 161 26.57 -27.14 51.49
N GLU A 162 26.49 -26.52 52.66
CA GLU A 162 27.58 -26.60 53.63
C GLU A 162 27.78 -28.07 54.04
N VAL A 163 26.67 -28.76 54.29
CA VAL A 163 26.70 -30.16 54.68
C VAL A 163 27.17 -31.06 53.54
N GLU A 164 26.69 -30.79 52.33
CA GLU A 164 27.08 -31.59 51.17
C GLU A 164 28.59 -31.57 51.01
N MET A 165 29.18 -30.39 51.17
CA MET A 165 30.61 -30.24 51.03
C MET A 165 31.38 -30.98 52.13
N LEU A 166 30.90 -30.88 53.36
CA LEU A 166 31.56 -31.57 54.47
C LEU A 166 31.54 -33.07 54.22
N ARG A 167 30.43 -33.56 53.67
CA ARG A 167 30.33 -34.99 53.41
C ARG A 167 31.32 -35.42 52.34
N GLU A 168 31.40 -34.62 51.27
CA GLU A 168 32.31 -34.93 50.17
C GLU A 168 33.74 -35.00 50.66
N LYS A 169 34.09 -34.13 51.60
CA LYS A 169 35.43 -34.13 52.14
C LYS A 169 35.70 -35.43 52.88
N ILE A 170 34.68 -35.95 53.57
CA ILE A 170 34.83 -37.20 54.29
C ILE A 170 34.98 -38.36 53.32
N TYR A 171 34.35 -38.27 52.15
CA TYR A 171 34.47 -39.32 51.15
C TYR A 171 35.95 -39.37 50.78
N GLY A 172 36.48 -38.21 50.41
CA GLY A 172 37.89 -38.11 50.04
C GLY A 172 38.84 -38.63 51.10
N VAL A 173 38.58 -38.29 52.36
CA VAL A 173 39.43 -38.75 53.44
C VAL A 173 39.39 -40.25 53.54
N LEU A 174 38.19 -40.83 53.56
CA LEU A 174 38.08 -42.28 53.65
C LEU A 174 38.64 -42.94 52.38
N GLU A 175 38.42 -42.31 51.23
CA GLU A 175 38.93 -42.84 49.97
C GLU A 175 40.44 -42.90 50.07
N GLU A 176 41.05 -41.81 50.51
CA GLU A 176 42.49 -41.72 50.66
C GLU A 176 43.01 -42.68 51.73
N TYR A 177 42.32 -42.72 52.85
CA TYR A 177 42.73 -43.58 53.94
C TYR A 177 42.80 -45.05 53.52
N THR A 178 41.80 -45.51 52.78
CA THR A 178 41.79 -46.90 52.36
C THR A 178 42.84 -47.26 51.31
N ARG A 179 43.11 -46.34 50.40
CA ARG A 179 44.10 -46.62 49.37
C ARG A 179 45.47 -46.84 50.01
N THR A 180 45.80 -46.03 51.02
CA THR A 180 47.10 -46.15 51.68
C THR A 180 47.15 -47.25 52.75
N THR A 181 46.02 -47.61 53.32
CA THR A 181 46.01 -48.65 54.35
C THR A 181 45.84 -50.05 53.77
N HIS A 182 45.27 -50.14 52.58
CA HIS A 182 45.05 -51.43 51.91
C HIS A 182 45.27 -51.24 50.41
N PRO A 183 46.52 -50.99 50.00
CA PRO A 183 46.81 -50.79 48.57
C PRO A 183 46.58 -52.12 47.86
N ASN A 184 46.43 -53.15 48.67
CA ASN A 184 46.22 -54.52 48.22
C ASN A 184 44.75 -54.87 47.98
N GLU A 185 43.84 -54.07 48.52
CA GLU A 185 42.39 -54.30 48.39
C GLU A 185 41.68 -53.10 47.75
N PRO A 186 41.65 -53.05 46.41
CA PRO A 186 41.01 -51.95 45.67
C PRO A 186 39.53 -51.75 45.99
N GLY A 187 38.80 -52.85 46.13
CA GLY A 187 37.38 -52.77 46.43
C GLY A 187 37.07 -52.29 47.82
N ARG A 188 38.06 -52.27 48.71
CA ARG A 188 37.90 -51.82 50.09
C ARG A 188 37.00 -50.60 50.23
N PHE A 189 37.29 -49.54 49.48
CA PHE A 189 36.49 -48.32 49.55
C PHE A 189 35.00 -48.61 49.31
N ALA A 190 34.69 -49.17 48.15
CA ALA A 190 33.32 -49.51 47.81
C ALA A 190 32.72 -50.48 48.83
N LYS A 191 33.51 -51.48 49.23
CA LYS A 191 33.01 -52.44 50.19
C LYS A 191 32.57 -51.79 51.49
N LEU A 192 33.27 -50.73 51.89
CA LEU A 192 32.94 -49.99 53.09
C LEU A 192 31.61 -49.24 52.89
N LEU A 193 31.52 -48.47 51.81
CA LEU A 193 30.32 -47.69 51.51
C LEU A 193 29.06 -48.52 51.29
N LEU A 194 29.22 -49.76 50.83
CA LEU A 194 28.07 -50.62 50.62
C LEU A 194 27.46 -51.14 51.92
N ARG A 195 28.01 -50.74 53.07
CA ARG A 195 27.42 -51.15 54.33
C ARG A 195 26.31 -50.13 54.67
N LEU A 196 26.37 -48.96 54.05
CA LEU A 196 25.39 -47.92 54.31
C LEU A 196 23.95 -48.26 53.88
N PRO A 197 23.78 -48.95 52.75
CA PRO A 197 22.41 -49.28 52.36
C PRO A 197 21.81 -50.26 53.39
N ALA A 198 22.60 -51.25 53.78
CA ALA A 198 22.17 -52.24 54.74
C ALA A 198 21.78 -51.55 56.04
N LEU A 199 22.61 -50.59 56.40
CA LEU A 199 22.40 -49.84 57.62
C LEU A 199 21.12 -49.01 57.52
N ARG A 200 20.87 -48.40 56.36
CA ARG A 200 19.67 -47.61 56.18
C ARG A 200 18.42 -48.52 56.27
N SER A 201 18.48 -49.68 55.62
CA SER A 201 17.37 -50.62 55.64
C SER A 201 17.05 -51.00 57.07
N ILE A 202 18.07 -51.40 57.83
CA ILE A 202 17.82 -51.82 59.19
C ILE A 202 17.21 -50.67 59.99
N GLY A 203 17.75 -49.47 59.81
CA GLY A 203 17.24 -48.33 60.52
C GLY A 203 15.76 -48.08 60.21
N LEU A 204 15.39 -48.26 58.94
CA LEU A 204 14.01 -48.08 58.52
C LEU A 204 13.05 -49.01 59.27
N LYS A 205 13.56 -50.14 59.73
CA LYS A 205 12.75 -51.09 60.46
C LYS A 205 12.49 -50.65 61.90
N CYS A 206 13.09 -49.55 62.33
CA CYS A 206 12.92 -49.11 63.71
C CYS A 206 11.59 -48.49 64.14
N LEU A 207 11.19 -47.36 63.56
CA LEU A 207 9.91 -46.72 63.90
C LEU A 207 9.94 -45.74 65.05
N GLU A 208 10.98 -45.80 65.87
CA GLU A 208 11.15 -44.86 66.96
C GLU A 208 12.63 -44.71 67.18
N HIS A 209 13.04 -43.63 67.85
CA HIS A 209 14.47 -43.44 68.11
C HIS A 209 14.89 -44.45 69.17
N LEU A 210 15.81 -45.34 68.81
CA LEU A 210 16.30 -46.36 69.73
C LEU A 210 16.74 -45.81 71.10
N PHE A 211 16.41 -46.58 72.15
CA PHE A 211 16.75 -46.27 73.54
C PHE A 211 16.23 -44.95 74.12
N PHE A 212 15.38 -44.23 73.41
CA PHE A 212 14.90 -42.97 73.94
C PHE A 212 13.93 -43.09 75.11
N PHE A 213 13.37 -44.27 75.31
CA PHE A 213 12.39 -44.44 76.37
C PHE A 213 12.91 -45.03 77.67
N LYS A 214 14.15 -45.48 77.64
CA LYS A 214 14.77 -46.03 78.82
C LYS A 214 15.37 -44.83 79.54
N LEU A 215 15.20 -43.66 78.93
CA LEU A 215 15.70 -42.42 79.50
C LEU A 215 14.79 -41.98 80.63
N ILE A 216 15.37 -41.23 81.56
CA ILE A 216 14.65 -40.73 82.73
C ILE A 216 13.70 -39.58 82.41
N GLY A 217 12.53 -39.62 83.05
CA GLY A 217 11.54 -38.57 82.85
C GLY A 217 11.13 -38.33 81.42
N ASP A 218 10.30 -37.32 81.22
CA ASP A 218 9.82 -36.96 79.89
C ASP A 218 10.50 -35.70 79.38
N VAL A 219 10.73 -35.65 78.08
CA VAL A 219 11.37 -34.51 77.43
C VAL A 219 11.44 -34.79 75.94
N PRO A 220 10.80 -33.95 75.12
CA PRO A 220 10.82 -34.14 73.66
C PRO A 220 12.21 -34.31 73.04
N ILE A 221 12.28 -35.14 72.01
CA ILE A 221 13.53 -35.41 71.31
C ILE A 221 14.33 -34.14 70.99
N ASP A 222 13.70 -33.21 70.26
CA ASP A 222 14.37 -31.99 69.88
C ASP A 222 14.92 -31.23 71.07
N THR A 223 14.30 -31.40 72.23
CA THR A 223 14.75 -30.72 73.45
C THR A 223 15.92 -31.46 74.09
N PHE A 224 15.80 -32.77 74.20
CA PHE A 224 16.87 -33.57 74.77
C PHE A 224 18.14 -33.26 74.00
N LEU A 225 18.02 -33.21 72.67
CA LEU A 225 19.17 -32.90 71.82
C LEU A 225 19.64 -31.47 72.01
N MET A 226 18.71 -30.52 71.90
CA MET A 226 19.03 -29.10 72.05
C MET A 226 19.88 -28.81 73.28
N GLU A 227 19.54 -29.43 74.41
CA GLU A 227 20.31 -29.19 75.62
C GLU A 227 21.60 -30.00 75.69
N MET A 228 21.59 -31.20 75.13
CA MET A 228 22.79 -32.03 75.13
C MET A 228 23.87 -31.38 74.29
N LEU A 229 23.45 -30.69 73.22
CA LEU A 229 24.37 -30.00 72.33
C LEU A 229 24.87 -28.70 72.94
N GLU A 230 24.32 -28.34 74.09
CA GLU A 230 24.75 -27.12 74.72
C GLU A 230 25.56 -27.44 75.98
N GLY A 231 25.17 -28.49 76.70
CA GLY A 231 25.86 -28.88 77.91
C GLY A 231 27.37 -29.13 77.79
N ILE B 10 40.90 -47.25 32.36
CA ILE B 10 39.90 -48.34 32.14
C ILE B 10 40.60 -49.57 31.55
N SER B 11 39.81 -50.58 31.21
CA SER B 11 40.36 -51.81 30.66
C SER B 11 39.57 -52.41 29.52
N PRO B 12 40.28 -52.89 28.49
CA PRO B 12 39.64 -53.51 27.33
C PRO B 12 39.01 -54.79 27.84
N GLU B 13 37.72 -54.68 28.17
CA GLU B 13 36.93 -55.78 28.70
C GLU B 13 35.86 -55.08 29.50
N GLN B 14 36.29 -54.07 30.25
CA GLN B 14 35.38 -53.28 31.06
C GLN B 14 34.60 -52.40 30.10
N GLU B 15 35.29 -51.87 29.10
CA GLU B 15 34.62 -51.03 28.12
C GLU B 15 33.61 -51.87 27.38
N GLU B 16 33.94 -53.15 27.21
CA GLU B 16 33.05 -54.07 26.53
C GLU B 16 31.81 -54.23 27.40
N LEU B 17 32.02 -54.51 28.69
CA LEU B 17 30.93 -54.68 29.63
C LEU B 17 30.04 -53.45 29.65
N ILE B 18 30.65 -52.28 29.67
CA ILE B 18 29.92 -51.03 29.70
C ILE B 18 29.18 -50.78 28.37
N HIS B 19 29.80 -51.16 27.26
CA HIS B 19 29.16 -51.01 25.96
C HIS B 19 27.89 -51.82 25.99
N ARG B 20 28.03 -53.04 26.46
CA ARG B 20 26.93 -53.97 26.58
C ARG B 20 25.81 -53.40 27.46
N LEU B 21 26.16 -52.92 28.64
CA LEU B 21 25.16 -52.37 29.54
C LEU B 21 24.42 -51.19 28.93
N VAL B 22 25.17 -50.24 28.38
CA VAL B 22 24.53 -49.08 27.76
C VAL B 22 23.57 -49.54 26.67
N TYR B 23 23.94 -50.59 25.95
CA TYR B 23 23.11 -51.15 24.87
C TYR B 23 21.80 -51.70 25.44
N PHE B 24 21.91 -52.55 26.44
CA PHE B 24 20.74 -53.14 27.08
C PHE B 24 19.87 -52.05 27.66
N GLN B 25 20.50 -51.03 28.22
CA GLN B 25 19.76 -49.94 28.80
C GLN B 25 18.92 -49.25 27.74
N ASN B 26 19.50 -49.03 26.57
CA ASN B 26 18.79 -48.39 25.46
C ASN B 26 17.71 -49.31 24.88
N GLU B 27 18.00 -50.61 24.80
CA GLU B 27 17.09 -51.61 24.27
C GLU B 27 15.81 -51.70 25.05
N TYR B 28 15.88 -51.50 26.36
CA TYR B 28 14.69 -51.60 27.17
C TYR B 28 14.23 -50.34 27.87
N GLU B 29 14.67 -49.19 27.38
CA GLU B 29 14.29 -47.92 27.98
C GLU B 29 12.76 -47.75 28.03
N HIS B 30 12.10 -47.76 26.87
CA HIS B 30 10.65 -47.59 26.83
C HIS B 30 9.91 -48.80 26.27
N PRO B 31 8.61 -48.93 26.58
CA PRO B 31 7.79 -50.07 26.11
C PRO B 31 7.32 -49.96 24.67
N SER B 32 6.68 -51.04 24.20
CA SER B 32 6.16 -51.17 22.83
C SER B 32 5.04 -50.21 22.47
N GLU B 33 5.02 -49.76 21.23
CA GLU B 33 3.98 -48.87 20.75
C GLU B 33 2.65 -49.54 20.99
N GLU B 34 2.60 -50.83 20.71
CA GLU B 34 1.38 -51.62 20.89
C GLU B 34 0.94 -51.71 22.34
N ASP B 35 1.86 -52.09 23.22
CA ASP B 35 1.55 -52.21 24.63
C ASP B 35 1.06 -50.91 25.23
N VAL B 36 1.64 -49.80 24.79
CA VAL B 36 1.25 -48.50 25.30
C VAL B 36 -0.14 -48.10 24.84
N LYS B 37 -0.35 -48.12 23.51
CA LYS B 37 -1.64 -47.76 22.96
C LYS B 37 -2.71 -48.67 23.56
N ARG B 38 -2.34 -49.92 23.79
CA ARG B 38 -3.27 -50.90 24.36
C ARG B 38 -3.76 -50.49 25.74
N ILE B 39 -3.17 -49.44 26.31
CA ILE B 39 -3.59 -48.98 27.64
C ILE B 39 -4.72 -47.98 27.60
N ILE B 40 -4.48 -46.82 27.02
CA ILE B 40 -5.52 -45.80 26.95
C ILE B 40 -6.63 -46.20 25.98
N ASN B 41 -7.65 -46.86 26.52
CA ASN B 41 -8.79 -47.32 25.73
C ASN B 41 -10.11 -47.03 26.45
N ASP B 45 -12.60 -43.61 30.06
CA ASP B 45 -13.44 -44.80 29.95
C ASP B 45 -14.13 -45.11 31.28
N GLY B 46 -15.33 -45.68 31.19
CA GLY B 46 -16.08 -46.06 32.38
C GLY B 46 -16.19 -45.09 33.54
N GLU B 47 -15.10 -44.94 34.29
CA GLU B 47 -15.06 -44.07 35.47
C GLU B 47 -14.54 -42.65 35.19
N ASP B 48 -14.55 -41.81 36.22
CA ASP B 48 -14.11 -40.41 36.10
C ASP B 48 -12.62 -40.18 35.86
N GLN B 49 -12.29 -38.93 35.50
CA GLN B 49 -10.93 -38.49 35.18
C GLN B 49 -9.86 -38.77 36.25
N CYS B 50 -10.29 -39.20 37.43
CA CYS B 50 -9.34 -39.50 38.50
C CYS B 50 -8.86 -40.93 38.40
N ASP B 51 -9.80 -41.88 38.47
CA ASP B 51 -9.48 -43.29 38.39
C ASP B 51 -8.80 -43.62 37.06
N VAL B 52 -8.72 -42.61 36.19
CA VAL B 52 -8.10 -42.81 34.90
C VAL B 52 -6.60 -42.58 34.99
N ARG B 53 -6.19 -41.42 35.49
CA ARG B 53 -4.77 -41.14 35.62
C ARG B 53 -4.11 -42.20 36.50
N PHE B 54 -4.90 -42.80 37.39
CA PHE B 54 -4.40 -43.85 38.28
C PHE B 54 -4.18 -45.14 37.50
N ARG B 55 -5.09 -45.44 36.58
CA ARG B 55 -5.01 -46.65 35.79
C ARG B 55 -3.83 -46.54 34.82
N HIS B 56 -3.57 -45.35 34.32
CA HIS B 56 -2.47 -45.16 33.39
C HIS B 56 -1.15 -45.36 34.13
N ILE B 57 -1.02 -44.67 35.25
CA ILE B 57 0.18 -44.78 36.04
C ILE B 57 0.45 -46.23 36.43
N THR B 58 -0.55 -46.92 36.97
CA THR B 58 -0.32 -48.30 37.37
C THR B 58 -0.05 -49.25 36.21
N GLU B 59 -0.81 -49.12 35.13
CA GLU B 59 -0.65 -50.00 33.98
C GLU B 59 0.70 -49.81 33.30
N ILE B 60 1.07 -48.54 33.06
CA ILE B 60 2.36 -48.27 32.43
C ILE B 60 3.48 -48.80 33.32
N THR B 61 3.33 -48.69 34.63
CA THR B 61 4.35 -49.17 35.56
C THR B 61 4.57 -50.67 35.39
N ILE B 62 3.51 -51.40 35.04
CA ILE B 62 3.62 -52.83 34.84
C ILE B 62 4.60 -53.09 33.70
N LEU B 63 4.48 -52.32 32.64
CA LEU B 63 5.39 -52.48 31.52
C LEU B 63 6.80 -52.14 31.99
N THR B 64 6.90 -51.08 32.78
CA THR B 64 8.16 -50.62 33.31
C THR B 64 8.89 -51.73 34.07
N VAL B 65 8.15 -52.44 34.94
CA VAL B 65 8.75 -53.51 35.70
C VAL B 65 9.20 -54.60 34.75
N GLN B 66 8.36 -54.93 33.78
CA GLN B 66 8.70 -55.95 32.79
C GLN B 66 10.02 -55.60 32.08
N LEU B 67 10.17 -54.35 31.68
CA LEU B 67 11.39 -53.91 31.03
C LEU B 67 12.60 -54.11 31.94
N ILE B 68 12.40 -53.85 33.23
CA ILE B 68 13.47 -54.01 34.20
C ILE B 68 13.92 -55.46 34.23
N VAL B 69 12.97 -56.39 34.29
CA VAL B 69 13.33 -57.79 34.30
C VAL B 69 14.08 -58.17 33.03
N GLU B 70 13.64 -57.65 31.87
CA GLU B 70 14.32 -57.94 30.62
C GLU B 70 15.77 -57.52 30.68
N PHE B 71 16.01 -56.33 31.21
CA PHE B 71 17.36 -55.79 31.35
C PHE B 71 18.19 -56.67 32.30
N ALA B 72 17.64 -57.00 33.46
CA ALA B 72 18.36 -57.80 34.44
C ALA B 72 18.70 -59.16 33.88
N LYS B 73 17.69 -59.85 33.36
CA LYS B 73 17.89 -61.17 32.79
C LYS B 73 19.10 -61.27 31.85
N ARG B 74 19.42 -60.17 31.17
CA ARG B 74 20.53 -60.18 30.23
C ARG B 74 21.86 -59.68 30.76
N LEU B 75 21.94 -59.39 32.04
CA LEU B 75 23.19 -58.89 32.63
C LEU B 75 24.18 -60.01 32.85
N PRO B 76 25.43 -59.82 32.40
CA PRO B 76 26.45 -60.85 32.59
C PRO B 76 26.49 -61.19 34.07
N GLY B 77 26.41 -62.49 34.37
CA GLY B 77 26.43 -62.93 35.75
C GLY B 77 25.10 -63.45 36.24
N PHE B 78 24.02 -62.82 35.77
CA PHE B 78 22.69 -63.22 36.19
C PHE B 78 22.46 -64.71 36.02
N ASP B 79 22.79 -65.24 34.85
CA ASP B 79 22.59 -66.65 34.55
C ASP B 79 23.40 -67.61 35.41
N LYS B 80 24.35 -67.09 36.17
CA LYS B 80 25.17 -67.91 37.04
C LYS B 80 24.54 -68.10 38.41
N LEU B 81 23.36 -67.52 38.62
CA LEU B 81 22.69 -67.64 39.91
C LEU B 81 21.59 -68.71 39.93
N LEU B 82 21.25 -69.16 41.13
CA LEU B 82 20.19 -70.14 41.32
C LEU B 82 18.88 -69.44 40.99
N ARG B 83 17.94 -70.17 40.40
CA ARG B 83 16.66 -69.60 40.04
C ARG B 83 16.05 -68.82 41.21
N GLU B 84 16.09 -69.43 42.38
CA GLU B 84 15.54 -68.82 43.58
C GLU B 84 16.14 -67.47 43.92
N ASP B 85 17.46 -67.36 43.76
CA ASP B 85 18.13 -66.09 44.03
C ASP B 85 17.79 -65.07 42.96
N GLN B 86 17.59 -65.52 41.74
CA GLN B 86 17.22 -64.64 40.64
C GLN B 86 15.89 -63.99 40.97
N ILE B 87 14.91 -64.80 41.36
CA ILE B 87 13.60 -64.29 41.71
C ILE B 87 13.75 -63.27 42.84
N ALA B 88 14.46 -63.66 43.89
CA ALA B 88 14.67 -62.76 45.03
C ALA B 88 15.25 -61.41 44.62
N LEU B 89 16.32 -61.41 43.82
CA LEU B 89 16.94 -60.15 43.40
C LEU B 89 16.00 -59.30 42.55
N LEU B 90 15.30 -59.92 41.62
CA LEU B 90 14.37 -59.19 40.76
C LEU B 90 13.23 -58.57 41.57
N LYS B 91 12.68 -59.33 42.51
CA LYS B 91 11.58 -58.82 43.32
C LYS B 91 12.06 -57.59 44.05
N ALA B 92 13.24 -57.69 44.66
CA ALA B 92 13.78 -56.59 45.47
C ALA B 92 14.23 -55.34 44.73
N CYS B 93 14.71 -55.48 43.50
CA CYS B 93 15.19 -54.34 42.75
C CYS B 93 14.14 -53.58 41.94
N SER B 94 12.99 -54.20 41.70
CA SER B 94 11.91 -53.58 40.94
C SER B 94 11.64 -52.15 41.36
N SER B 95 11.14 -51.97 42.57
CA SER B 95 10.79 -50.66 43.08
C SER B 95 11.97 -49.70 43.11
N GLU B 96 13.19 -50.23 43.22
CA GLU B 96 14.37 -49.38 43.26
C GLU B 96 14.82 -48.96 41.89
N VAL B 97 15.09 -49.93 41.03
CA VAL B 97 15.51 -49.62 39.67
C VAL B 97 14.53 -48.68 38.95
N MET B 98 13.25 -48.75 39.28
CA MET B 98 12.32 -47.86 38.59
C MET B 98 12.53 -46.41 38.92
N MET B 99 13.17 -46.11 40.03
CA MET B 99 13.41 -44.72 40.35
C MET B 99 14.40 -44.17 39.34
N PHE B 100 15.33 -45.02 38.90
CA PHE B 100 16.31 -44.57 37.91
C PHE B 100 15.57 -44.29 36.61
N ARG B 101 14.76 -45.25 36.17
CA ARG B 101 14.00 -45.09 34.95
C ARG B 101 13.22 -43.79 35.00
N MET B 102 12.65 -43.49 36.16
CA MET B 102 11.90 -42.26 36.35
C MET B 102 12.82 -41.04 36.24
N ALA B 103 13.92 -41.04 36.96
CA ALA B 103 14.81 -39.89 36.93
C ALA B 103 15.29 -39.57 35.53
N ARG B 104 15.52 -40.61 34.73
CA ARG B 104 16.01 -40.39 33.37
C ARG B 104 14.99 -39.71 32.48
N ARG B 105 13.73 -39.69 32.91
CA ARG B 105 12.70 -39.03 32.11
C ARG B 105 12.23 -37.75 32.81
N TYR B 106 13.07 -37.23 33.69
CA TYR B 106 12.74 -36.00 34.41
C TYR B 106 13.09 -34.78 33.58
N ASP B 107 12.17 -33.82 33.54
CA ASP B 107 12.38 -32.58 32.82
C ASP B 107 12.54 -31.46 33.84
N VAL B 108 13.71 -30.84 33.86
CA VAL B 108 14.01 -29.76 34.81
C VAL B 108 13.12 -28.56 34.58
N GLN B 109 12.90 -28.27 33.31
CA GLN B 109 12.06 -27.16 32.86
C GLN B 109 10.71 -27.10 33.57
N THR B 110 9.98 -28.21 33.51
CA THR B 110 8.65 -28.28 34.10
C THR B 110 8.56 -29.04 35.42
N ASP B 111 9.70 -29.44 35.98
CA ASP B 111 9.71 -30.19 37.24
C ASP B 111 8.71 -31.34 37.11
N SER B 112 8.80 -32.07 36.00
CA SER B 112 7.90 -33.19 35.76
C SER B 112 8.58 -34.41 35.15
N ILE B 113 7.79 -35.44 34.92
CA ILE B 113 8.28 -36.65 34.34
C ILE B 113 7.59 -36.88 32.99
N LEU B 114 8.38 -37.09 31.95
CA LEU B 114 7.82 -37.32 30.62
C LEU B 114 7.45 -38.78 30.42
N PHE B 115 6.16 -39.09 30.56
CA PHE B 115 5.72 -40.46 30.35
C PHE B 115 5.90 -40.89 28.89
N VAL B 116 5.63 -42.15 28.61
CA VAL B 116 5.78 -42.70 27.27
C VAL B 116 5.04 -41.90 26.21
N ASN B 117 3.80 -41.55 26.52
CA ASN B 117 2.97 -40.77 25.60
C ASN B 117 3.31 -39.28 25.59
N ASN B 118 4.55 -38.96 25.96
CA ASN B 118 5.02 -37.58 25.97
C ASN B 118 4.25 -36.66 26.92
N GLN B 119 3.18 -37.17 27.49
CA GLN B 119 2.38 -36.40 28.45
C GLN B 119 3.21 -36.20 29.73
N PRO B 120 3.62 -34.97 30.02
CA PRO B 120 4.39 -34.76 31.23
C PRO B 120 3.52 -34.82 32.48
N TYR B 121 3.94 -35.59 33.47
CA TYR B 121 3.21 -35.73 34.73
C TYR B 121 3.92 -34.94 35.81
N SER B 122 3.15 -34.19 36.60
CA SER B 122 3.68 -33.35 37.66
C SER B 122 3.04 -33.69 39.01
N ARG B 123 3.34 -32.85 40.00
CA ARG B 123 2.79 -33.04 41.34
C ARG B 123 1.29 -33.16 41.23
N ASP B 124 0.69 -32.23 40.49
CA ASP B 124 -0.75 -32.21 40.28
C ASP B 124 -1.24 -33.50 39.68
N SER B 125 -0.55 -33.98 38.65
CA SER B 125 -0.93 -35.21 37.98
C SER B 125 -0.98 -36.40 38.96
N TYR B 126 0.09 -36.59 39.72
CA TYR B 126 0.13 -37.69 40.68
C TYR B 126 -0.91 -37.47 41.76
N ASN B 127 -1.08 -36.23 42.16
CA ASN B 127 -2.04 -35.91 43.20
C ASN B 127 -3.43 -36.32 42.73
N LEU B 128 -3.76 -35.94 41.49
CA LEU B 128 -5.06 -36.29 40.94
C LEU B 128 -5.24 -37.79 40.90
N ALA B 129 -4.14 -38.53 40.73
CA ALA B 129 -4.20 -39.98 40.66
C ALA B 129 -4.27 -40.65 42.03
N GLY B 130 -4.16 -39.84 43.09
CA GLY B 130 -4.21 -40.39 44.43
C GLY B 130 -2.85 -40.83 44.94
N MET B 131 -1.81 -40.18 44.44
CA MET B 131 -0.44 -40.50 44.84
C MET B 131 0.37 -39.25 45.09
N GLY B 132 -0.25 -38.27 45.73
CA GLY B 132 0.44 -37.03 46.01
C GLY B 132 1.29 -37.14 47.26
N GLU B 133 1.10 -38.23 47.99
CA GLU B 133 1.83 -38.45 49.24
C GLU B 133 3.33 -38.58 49.04
N THR B 134 3.76 -39.27 48.00
CA THR B 134 5.19 -39.45 47.80
C THR B 134 5.82 -38.71 46.62
N ILE B 135 5.00 -38.16 45.74
CA ILE B 135 5.51 -37.44 44.56
C ILE B 135 6.60 -36.40 44.84
N GLU B 136 6.50 -35.70 45.96
CA GLU B 136 7.51 -34.69 46.32
C GLU B 136 8.89 -35.31 46.45
N ASP B 137 8.98 -36.37 47.25
CA ASP B 137 10.23 -37.07 47.46
C ASP B 137 10.74 -37.66 46.16
N LEU B 138 9.81 -38.13 45.34
CA LEU B 138 10.15 -38.69 44.05
C LEU B 138 10.79 -37.64 43.16
N LEU B 139 10.13 -36.48 43.02
CA LEU B 139 10.66 -35.39 42.22
C LEU B 139 12.01 -34.92 42.80
N HIS B 140 12.11 -34.90 44.12
CA HIS B 140 13.34 -34.50 44.78
C HIS B 140 14.50 -35.41 44.32
N PHE B 141 14.24 -36.71 44.25
CA PHE B 141 15.24 -37.66 43.83
C PHE B 141 15.66 -37.33 42.42
N CYS B 142 14.68 -37.04 41.58
CA CYS B 142 14.97 -36.72 40.18
C CYS B 142 15.92 -35.53 40.08
N ARG B 143 15.69 -34.51 40.91
CA ARG B 143 16.55 -33.34 40.91
C ARG B 143 17.94 -33.72 41.39
N THR B 144 18.01 -34.46 42.50
CA THR B 144 19.30 -34.88 43.04
C THR B 144 20.11 -35.57 41.94
N MET B 145 19.51 -36.56 41.29
CA MET B 145 20.18 -37.29 40.22
C MET B 145 20.65 -36.35 39.13
N TYR B 146 19.75 -35.46 38.72
CA TYR B 146 20.05 -34.49 37.68
C TYR B 146 21.27 -33.63 37.99
N SER B 147 21.30 -33.07 39.19
CA SER B 147 22.41 -32.23 39.59
C SER B 147 23.75 -32.95 39.54
N MET B 148 23.74 -34.27 39.65
CA MET B 148 24.97 -35.03 39.60
C MET B 148 25.42 -35.34 38.19
N ARG B 149 24.64 -34.89 37.21
CA ARG B 149 24.97 -35.14 35.80
C ARG B 149 25.35 -36.59 35.57
N VAL B 150 24.49 -37.52 35.99
CA VAL B 150 24.76 -38.94 35.80
C VAL B 150 24.54 -39.29 34.33
N ASP B 151 25.52 -39.94 33.70
CA ASP B 151 25.37 -40.31 32.31
C ASP B 151 24.86 -41.74 32.12
N ASN B 152 24.69 -42.13 30.87
CA ASN B 152 24.18 -43.45 30.53
C ASN B 152 24.94 -44.63 31.11
N ALA B 153 26.27 -44.58 31.03
CA ALA B 153 27.10 -45.65 31.55
C ALA B 153 26.97 -45.73 33.07
N GLU B 154 27.05 -44.59 33.72
CA GLU B 154 26.94 -44.56 35.15
C GLU B 154 25.58 -45.12 35.57
N TYR B 155 24.52 -44.72 34.88
CA TYR B 155 23.19 -45.23 35.19
C TYR B 155 23.13 -46.73 35.00
N ALA B 156 23.69 -47.21 33.89
CA ALA B 156 23.68 -48.63 33.56
C ALA B 156 24.43 -49.42 34.63
N LEU B 157 25.66 -49.00 34.94
CA LEU B 157 26.46 -49.67 35.96
C LEU B 157 25.70 -49.67 37.29
N LEU B 158 25.23 -48.50 37.69
CA LEU B 158 24.49 -48.32 38.91
C LEU B 158 23.30 -49.28 38.97
N THR B 159 22.56 -49.39 37.88
CA THR B 159 21.41 -50.28 37.82
C THR B 159 21.86 -51.73 38.10
N ALA B 160 22.93 -52.15 37.41
CA ALA B 160 23.47 -53.48 37.61
C ALA B 160 23.85 -53.65 39.08
N ILE B 161 24.55 -52.66 39.61
CA ILE B 161 24.99 -52.68 41.00
C ILE B 161 23.79 -52.83 41.95
N VAL B 162 22.71 -52.13 41.66
CA VAL B 162 21.50 -52.22 42.47
C VAL B 162 20.94 -53.63 42.36
N ILE B 163 20.88 -54.16 41.15
CA ILE B 163 20.32 -55.50 40.95
C ILE B 163 21.09 -56.59 41.71
N PHE B 164 22.41 -56.49 41.74
CA PHE B 164 23.24 -57.47 42.43
C PHE B 164 23.60 -57.02 43.85
N SER B 165 22.59 -56.65 44.63
CA SER B 165 22.80 -56.20 45.99
C SER B 165 22.47 -57.29 46.99
N GLU B 166 23.14 -57.27 48.14
CA GLU B 166 22.89 -58.23 49.20
C GLU B 166 21.45 -58.02 49.62
N ARG B 167 20.63 -59.05 49.51
CA ARG B 167 19.24 -58.93 49.90
C ARG B 167 18.95 -60.07 50.88
N PRO B 168 17.92 -59.89 51.72
CA PRO B 168 17.59 -60.94 52.68
C PRO B 168 17.08 -62.16 51.94
N ALA B 169 17.19 -63.32 52.59
CA ALA B 169 16.72 -64.58 52.01
C ALA B 169 17.45 -64.89 50.72
N LEU B 170 18.76 -64.70 50.74
CA LEU B 170 19.55 -64.97 49.56
C LEU B 170 20.34 -66.25 49.82
N ILE B 171 20.25 -67.21 48.91
CA ILE B 171 20.95 -68.48 49.06
C ILE B 171 22.46 -68.32 48.92
N GLU B 172 22.91 -67.97 47.73
CA GLU B 172 24.34 -67.82 47.50
C GLU B 172 24.77 -66.35 47.52
N GLY B 173 24.44 -65.66 48.61
CA GLY B 173 24.81 -64.26 48.74
C GLY B 173 26.21 -63.93 48.27
N TRP B 174 27.19 -64.71 48.73
CA TRP B 174 28.57 -64.50 48.36
C TRP B 174 28.73 -64.47 46.84
N LYS B 175 27.94 -65.28 46.13
CA LYS B 175 28.02 -65.30 44.68
C LYS B 175 27.50 -63.99 44.09
N VAL B 176 26.48 -63.42 44.71
CA VAL B 176 25.91 -62.16 44.27
C VAL B 176 26.95 -61.07 44.50
N GLU B 177 27.51 -61.05 45.70
CA GLU B 177 28.51 -60.07 46.06
C GLU B 177 29.70 -60.07 45.10
N LYS B 178 30.18 -61.25 44.71
CA LYS B 178 31.30 -61.30 43.80
C LYS B 178 30.92 -60.70 42.45
N ILE B 179 29.69 -60.94 42.02
CA ILE B 179 29.25 -60.39 40.75
C ILE B 179 29.19 -58.87 40.86
N GLN B 180 28.62 -58.38 41.96
CA GLN B 180 28.53 -56.95 42.18
C GLN B 180 29.91 -56.30 42.09
N GLU B 181 30.91 -56.97 42.68
CA GLU B 181 32.29 -56.47 42.67
C GLU B 181 32.76 -56.10 41.28
N ILE B 182 32.48 -56.97 40.31
CA ILE B 182 32.90 -56.73 38.94
C ILE B 182 32.32 -55.41 38.41
N TYR B 183 31.03 -55.18 38.67
CA TYR B 183 30.38 -53.96 38.23
C TYR B 183 30.91 -52.74 39.02
N LEU B 184 31.21 -52.92 40.29
CA LEU B 184 31.74 -51.81 41.06
C LEU B 184 33.11 -51.42 40.51
N GLU B 185 33.91 -52.41 40.10
CA GLU B 185 35.22 -52.16 39.53
C GLU B 185 35.08 -51.40 38.21
N ALA B 186 34.10 -51.82 37.41
CA ALA B 186 33.84 -51.17 36.13
C ALA B 186 33.47 -49.70 36.37
N LEU B 187 32.55 -49.47 37.31
CA LEU B 187 32.13 -48.12 37.62
C LEU B 187 33.31 -47.24 38.02
N ARG B 188 34.09 -47.68 38.99
CA ARG B 188 35.23 -46.90 39.47
C ARG B 188 36.15 -46.54 38.31
N ALA B 189 36.53 -47.55 37.54
CA ALA B 189 37.39 -47.34 36.40
C ALA B 189 36.79 -46.29 35.45
N TYR B 190 35.53 -46.46 35.11
CA TYR B 190 34.86 -45.53 34.22
C TYR B 190 34.91 -44.13 34.80
N VAL B 191 34.64 -44.01 36.11
CA VAL B 191 34.63 -42.72 36.78
C VAL B 191 36.01 -42.06 36.86
N ASP B 192 37.05 -42.84 37.11
CA ASP B 192 38.39 -42.27 37.18
C ASP B 192 38.74 -41.62 35.84
N ASN B 193 38.44 -42.35 34.77
CA ASN B 193 38.72 -41.88 33.42
C ASN B 193 37.99 -40.59 33.07
N ARG B 194 36.68 -40.61 33.14
CA ARG B 194 35.88 -39.44 32.81
C ARG B 194 35.23 -38.87 34.06
N ARG B 195 35.84 -37.87 34.68
CA ARG B 195 35.27 -37.25 35.89
C ARG B 195 36.28 -36.44 36.70
N LYS B 196 37.54 -36.43 36.28
CA LYS B 196 38.61 -35.76 37.01
C LYS B 196 38.66 -34.30 37.39
N PRO B 197 38.29 -33.95 38.65
CA PRO B 197 37.98 -33.24 39.89
C PRO B 197 37.41 -34.20 40.92
N LYS B 198 38.28 -34.91 41.63
CA LYS B 198 37.88 -35.85 42.66
C LYS B 198 37.03 -37.01 42.15
N PRO B 199 37.62 -37.92 41.36
CA PRO B 199 36.90 -39.07 40.83
C PRO B 199 36.32 -39.91 41.97
N GLY B 200 37.18 -40.25 42.92
CA GLY B 200 36.75 -41.04 44.05
C GLY B 200 35.57 -40.48 44.82
N THR B 201 35.39 -39.16 44.80
CA THR B 201 34.27 -38.54 45.49
C THR B 201 33.01 -38.82 44.68
N ILE B 202 33.07 -38.59 43.37
CA ILE B 202 31.90 -38.86 42.53
C ILE B 202 31.50 -40.31 42.69
N PHE B 203 32.49 -41.19 42.80
CA PHE B 203 32.24 -42.61 42.99
C PHE B 203 31.42 -42.85 44.25
N ALA B 204 31.81 -42.20 45.34
CA ALA B 204 31.10 -42.37 46.60
C ALA B 204 29.72 -41.76 46.52
N LYS B 205 29.60 -40.62 45.84
CA LYS B 205 28.30 -39.95 45.68
C LYS B 205 27.31 -40.86 44.96
N LEU B 206 27.78 -41.51 43.90
CA LEU B 206 26.96 -42.42 43.14
C LEU B 206 26.51 -43.61 43.99
N LEU B 207 27.42 -44.16 44.80
CA LEU B 207 27.06 -45.28 45.65
C LEU B 207 26.06 -44.86 46.74
N SER B 208 26.14 -43.60 47.17
CA SER B 208 25.24 -43.11 48.19
C SER B 208 23.80 -43.17 47.69
N VAL B 209 23.64 -43.17 46.37
CA VAL B 209 22.33 -43.25 45.78
C VAL B 209 21.68 -44.58 46.20
N LEU B 210 22.49 -45.64 46.24
CA LEU B 210 21.96 -46.93 46.63
C LEU B 210 21.29 -46.84 47.99
N THR B 211 21.93 -46.14 48.92
CA THR B 211 21.34 -46.09 50.23
C THR B 211 20.05 -45.28 50.21
N GLU B 212 20.01 -44.22 49.42
CA GLU B 212 18.79 -43.42 49.33
C GLU B 212 17.65 -44.26 48.71
N LEU B 213 18.01 -45.14 47.78
CA LEU B 213 17.05 -46.02 47.14
C LEU B 213 16.37 -46.94 48.13
N ARG B 214 17.01 -47.22 49.26
CA ARG B 214 16.36 -48.11 50.26
C ARG B 214 15.17 -47.33 50.81
N THR B 215 15.35 -46.03 50.97
CA THR B 215 14.30 -45.18 51.49
C THR B 215 13.16 -45.04 50.48
N LEU B 216 13.46 -44.64 49.25
CA LEU B 216 12.42 -44.51 48.24
C LEU B 216 11.65 -45.84 48.10
N GLY B 217 12.40 -46.93 48.05
CA GLY B 217 11.77 -48.22 47.90
C GLY B 217 10.85 -48.52 49.06
N ASN B 218 11.24 -48.12 50.26
CA ASN B 218 10.41 -48.36 51.42
C ASN B 218 9.14 -47.50 51.35
N GLN B 219 9.29 -46.29 50.82
CA GLN B 219 8.17 -45.37 50.68
C GLN B 219 7.17 -45.94 49.66
N ASN B 220 7.68 -46.54 48.59
CA ASN B 220 6.82 -47.12 47.59
C ASN B 220 5.91 -48.16 48.26
N SER B 221 6.48 -48.99 49.13
CA SER B 221 5.72 -50.00 49.84
C SER B 221 4.70 -49.35 50.76
N GLU B 222 5.09 -48.29 51.44
CA GLU B 222 4.18 -47.63 52.33
C GLU B 222 2.99 -47.10 51.55
N MET B 223 3.25 -46.50 50.39
CA MET B 223 2.16 -45.97 49.59
C MET B 223 1.22 -47.06 49.08
N CYS B 224 1.78 -48.21 48.70
CA CYS B 224 0.96 -49.29 48.22
C CYS B 224 -0.02 -49.73 49.30
N PHE B 225 0.47 -49.87 50.52
CA PHE B 225 -0.39 -50.26 51.62
C PHE B 225 -1.46 -49.19 51.83
N SER B 226 -1.09 -47.94 51.67
CA SER B 226 -2.04 -46.85 51.84
C SER B 226 -3.14 -46.82 50.78
N LEU B 227 -2.91 -47.47 49.65
CA LEU B 227 -3.92 -47.50 48.59
C LEU B 227 -5.14 -48.28 49.08
N LYS B 228 -4.91 -49.16 50.05
CA LYS B 228 -5.99 -49.95 50.64
C LYS B 228 -6.89 -49.05 51.51
N LEU B 229 -6.31 -48.03 52.13
CA LEU B 229 -7.10 -47.12 52.95
C LEU B 229 -8.11 -46.48 52.02
N LYS B 230 -7.60 -45.95 50.90
CA LYS B 230 -8.46 -45.36 49.89
C LYS B 230 -9.04 -46.63 49.32
N ASN B 231 -9.83 -46.57 48.27
CA ASN B 231 -10.34 -47.84 47.79
C ASN B 231 -9.75 -48.13 46.42
N LYS B 232 -8.44 -47.95 46.34
CA LYS B 232 -7.69 -48.18 45.12
C LYS B 232 -7.06 -49.56 45.15
N LYS B 233 -7.23 -50.32 44.07
CA LYS B 233 -6.63 -51.64 44.01
C LYS B 233 -5.39 -51.59 43.14
N LEU B 234 -4.30 -52.13 43.66
CA LEU B 234 -3.04 -52.15 42.94
C LEU B 234 -3.12 -53.32 41.96
N PRO B 235 -2.72 -53.12 40.70
CA PRO B 235 -2.77 -54.21 39.73
C PRO B 235 -2.11 -55.44 40.35
N PRO B 236 -2.71 -56.63 40.18
CA PRO B 236 -2.16 -57.87 40.74
C PRO B 236 -0.68 -58.08 40.52
N PHE B 237 -0.23 -57.85 39.29
CA PHE B 237 1.17 -58.02 38.96
C PHE B 237 2.10 -57.29 39.93
N LEU B 238 1.82 -56.00 40.12
CA LEU B 238 2.58 -55.15 41.01
C LEU B 238 2.42 -55.58 42.47
N ALA B 239 1.19 -55.79 42.89
CA ALA B 239 0.94 -56.21 44.27
C ALA B 239 1.69 -57.50 44.57
N GLU B 240 1.81 -58.35 43.56
CA GLU B 240 2.50 -59.62 43.72
C GLU B 240 4.02 -59.48 43.78
N ILE B 241 4.60 -58.93 42.72
CA ILE B 241 6.06 -58.78 42.64
C ILE B 241 6.63 -58.00 43.82
N TRP B 242 5.85 -57.06 44.35
CA TRP B 242 6.31 -56.27 45.50
C TRP B 242 5.78 -56.82 46.83
N ASP B 243 5.07 -57.94 46.78
CA ASP B 243 4.51 -58.56 47.98
C ASP B 243 3.78 -57.53 48.84
N VAL B 244 3.00 -56.67 48.19
CA VAL B 244 2.27 -55.61 48.87
C VAL B 244 1.03 -56.11 49.62
N ASP B 245 1.06 -57.37 50.04
CA ASP B 245 -0.04 -57.96 50.79
C ASP B 245 0.57 -58.69 51.97
N LEU B 246 1.86 -58.97 51.83
CA LEU B 246 2.64 -59.67 52.85
C LEU B 246 2.17 -61.10 53.02
N GLN C 6 15.15 -3.23 -38.94
CA GLN C 6 15.34 -4.65 -38.54
C GLN C 6 14.50 -4.96 -37.30
N ALA C 7 13.31 -4.37 -37.25
CA ALA C 7 12.37 -4.55 -36.15
C ALA C 7 11.19 -3.61 -36.37
N ASP C 8 10.14 -3.77 -35.58
CA ASP C 8 8.96 -2.94 -35.72
C ASP C 8 9.01 -1.67 -34.86
N MET C 9 8.57 -1.81 -33.62
CA MET C 9 8.53 -0.71 -32.66
C MET C 9 7.36 0.23 -32.97
N PRO C 10 6.13 -0.27 -32.81
CA PRO C 10 4.87 0.45 -33.04
C PRO C 10 4.53 1.44 -31.93
N LEU C 11 4.41 2.71 -32.26
CA LEU C 11 4.09 3.75 -31.27
C LEU C 11 2.82 3.41 -30.50
N GLU C 12 2.05 2.47 -31.04
CA GLU C 12 0.79 2.03 -30.43
C GLU C 12 1.12 1.12 -29.26
N ARG C 13 2.02 0.18 -29.51
CA ARG C 13 2.45 -0.79 -28.50
C ARG C 13 2.96 -0.02 -27.29
N ILE C 14 3.70 1.06 -27.54
CA ILE C 14 4.25 1.90 -26.47
C ILE C 14 3.19 2.68 -25.72
N ILE C 15 2.25 3.29 -26.44
CA ILE C 15 1.20 4.06 -25.78
C ILE C 15 0.32 3.13 -24.95
N GLU C 16 0.24 1.88 -25.41
CA GLU C 16 -0.58 0.86 -24.75
C GLU C 16 0.02 0.47 -23.41
N ALA C 17 1.30 0.08 -23.44
CA ALA C 17 2.01 -0.34 -22.24
C ALA C 17 1.90 0.70 -21.13
N GLU C 18 1.96 1.98 -21.50
CA GLU C 18 1.89 3.03 -20.51
C GLU C 18 0.44 3.21 -20.06
N LYS C 19 -0.47 2.72 -20.90
CA LYS C 19 -1.90 2.81 -20.60
C LYS C 19 -2.36 1.68 -19.70
N ARG C 20 -1.97 0.46 -20.04
CA ARG C 20 -2.35 -0.71 -19.26
C ARG C 20 -2.00 -0.51 -17.78
N VAL C 21 -1.09 0.41 -17.51
CA VAL C 21 -0.66 0.70 -16.15
C VAL C 21 -1.17 2.07 -15.71
N GLU C 22 -1.78 2.79 -16.66
CA GLU C 22 -2.31 4.12 -16.40
C GLU C 22 -3.08 4.12 -15.09
N CYS C 23 -2.44 4.59 -14.02
CA CYS C 23 -3.08 4.64 -12.71
C CYS C 23 -3.83 5.95 -12.54
N ASN C 24 -4.99 5.89 -11.89
CA ASN C 24 -5.81 7.06 -11.66
C ASN C 24 -7.06 6.67 -10.89
N ASP C 25 -7.00 6.77 -9.56
CA ASP C 25 -8.13 6.41 -8.73
C ASP C 25 -8.55 7.51 -7.75
N PRO C 26 -8.00 7.52 -6.51
CA PRO C 26 -8.48 8.61 -5.67
C PRO C 26 -7.56 9.83 -5.62
N LEU C 27 -7.04 10.09 -4.42
CA LEU C 27 -6.13 11.20 -4.14
C LEU C 27 -6.04 11.21 -2.63
N VAL C 28 -5.80 10.02 -2.08
CA VAL C 28 -5.71 9.81 -0.64
C VAL C 28 -4.38 10.21 -0.01
N ALA C 29 -4.38 11.27 0.79
CA ALA C 29 -3.17 11.71 1.47
C ALA C 29 -2.73 10.60 2.42
N LEU C 30 -1.42 10.39 2.55
CA LEU C 30 -0.93 9.33 3.42
C LEU C 30 -1.05 9.68 4.89
N VAL C 31 -1.36 8.68 5.69
CA VAL C 31 -1.51 8.83 7.14
C VAL C 31 -0.21 8.40 7.83
N VAL C 32 0.44 9.33 8.53
CA VAL C 32 1.68 9.04 9.23
C VAL C 32 1.48 8.45 10.62
N ASN C 33 0.87 7.27 10.69
CA ASN C 33 0.62 6.61 11.97
C ASN C 33 0.79 5.09 11.94
N GLU C 34 1.03 4.52 13.12
CA GLU C 34 1.23 3.09 13.24
C GLU C 34 -0.09 2.33 13.38
N ASN C 35 -1.13 2.84 12.73
CA ASN C 35 -2.45 2.21 12.79
C ASN C 35 -2.48 0.91 12.01
N ASN C 36 -1.32 0.29 11.84
CA ASN C 36 -1.18 -0.96 11.08
C ASN C 36 -2.10 -1.00 9.86
N THR C 37 -2.50 0.19 9.40
CA THR C 37 -3.37 0.34 8.23
C THR C 37 -2.55 1.07 7.19
N THR C 38 -1.90 2.15 7.62
CA THR C 38 -1.05 2.94 6.76
C THR C 38 0.04 2.00 6.24
N VAL C 39 0.41 1.04 7.08
CA VAL C 39 1.43 0.06 6.75
C VAL C 39 0.96 -0.76 5.54
N ASN C 40 -0.36 -0.87 5.40
CA ASN C 40 -0.94 -1.62 4.28
C ASN C 40 -1.21 -0.69 3.10
N ASN C 41 -1.51 0.58 3.39
CA ASN C 41 -1.75 1.55 2.32
C ASN C 41 -0.43 1.77 1.60
N ILE C 42 0.65 1.80 2.37
CA ILE C 42 1.99 1.98 1.83
C ILE C 42 2.38 0.68 1.14
N CYS C 43 2.21 -0.43 1.86
CA CYS C 43 2.54 -1.75 1.31
C CYS C 43 1.78 -2.01 0.01
N GLN C 44 0.52 -1.58 -0.03
CA GLN C 44 -0.30 -1.79 -1.22
C GLN C 44 0.22 -0.94 -2.37
N ALA C 45 0.45 0.34 -2.09
CA ALA C 45 0.97 1.27 -3.09
C ALA C 45 2.24 0.70 -3.69
N THR C 46 3.09 0.16 -2.81
CA THR C 46 4.35 -0.44 -3.23
C THR C 46 4.11 -1.60 -4.20
N HIS C 47 3.46 -2.65 -3.70
CA HIS C 47 3.19 -3.83 -4.51
C HIS C 47 2.64 -3.47 -5.88
N LYS C 48 1.66 -2.57 -5.93
CA LYS C 48 1.07 -2.19 -7.21
C LYS C 48 2.10 -1.46 -8.07
N GLN C 49 2.86 -0.56 -7.47
CA GLN C 49 3.87 0.19 -8.20
C GLN C 49 4.90 -0.74 -8.84
N LEU C 50 5.42 -1.68 -8.06
CA LEU C 50 6.43 -2.62 -8.58
C LEU C 50 5.87 -3.62 -9.56
N PHE C 51 4.62 -4.01 -9.40
CA PHE C 51 4.02 -4.96 -10.32
C PHE C 51 3.85 -4.23 -11.66
N GLN C 52 3.36 -2.99 -11.58
CA GLN C 52 3.15 -2.18 -12.78
C GLN C 52 4.47 -1.93 -13.50
N LEU C 53 5.56 -1.89 -12.75
CA LEU C 53 6.89 -1.69 -13.34
C LEU C 53 7.21 -2.83 -14.31
N VAL C 54 7.15 -4.06 -13.81
CA VAL C 54 7.42 -5.23 -14.64
C VAL C 54 6.31 -5.41 -15.66
N GLN C 55 5.06 -5.16 -15.25
CA GLN C 55 3.93 -5.30 -16.14
C GLN C 55 4.13 -4.40 -17.35
N TRP C 56 4.61 -3.19 -17.08
CA TRP C 56 4.89 -2.20 -18.12
C TRP C 56 6.00 -2.66 -19.06
N ALA C 57 7.11 -3.09 -18.47
CA ALA C 57 8.26 -3.55 -19.25
C ALA C 57 7.93 -4.66 -20.24
N LYS C 58 7.09 -5.60 -19.81
CA LYS C 58 6.71 -6.73 -20.66
C LYS C 58 5.85 -6.28 -21.84
N LEU C 59 5.13 -5.18 -21.67
CA LEU C 59 4.29 -4.65 -22.72
C LEU C 59 5.06 -3.79 -23.72
N VAL C 60 6.33 -3.54 -23.44
CA VAL C 60 7.16 -2.74 -24.35
C VAL C 60 7.70 -3.63 -25.46
N PRO C 61 7.53 -3.20 -26.72
CA PRO C 61 7.98 -3.91 -27.91
C PRO C 61 9.33 -4.62 -27.84
N HIS C 62 9.28 -5.94 -27.98
CA HIS C 62 10.49 -6.80 -27.98
C HIS C 62 11.23 -6.97 -26.67
N PHE C 63 10.71 -6.45 -25.56
CA PHE C 63 11.42 -6.59 -24.29
C PHE C 63 11.51 -8.07 -23.89
N THR C 64 10.38 -8.77 -23.97
CA THR C 64 10.33 -10.18 -23.62
C THR C 64 11.12 -11.04 -24.59
N SER C 65 11.52 -10.46 -25.72
CA SER C 65 12.30 -11.19 -26.72
C SER C 65 13.78 -11.17 -26.34
N LEU C 66 14.10 -10.45 -25.28
CA LEU C 66 15.48 -10.37 -24.81
C LEU C 66 15.77 -11.53 -23.86
N PRO C 67 17.05 -11.92 -23.76
CA PRO C 67 17.45 -13.02 -22.89
C PRO C 67 16.96 -12.72 -21.46
N LEU C 68 16.37 -13.71 -20.81
CA LEU C 68 15.87 -13.51 -19.45
C LEU C 68 16.82 -12.73 -18.55
N THR C 69 18.08 -13.13 -18.53
CA THR C 69 19.08 -12.46 -17.71
C THR C 69 19.15 -10.97 -18.03
N ASP C 70 19.05 -10.64 -19.32
CA ASP C 70 19.12 -9.27 -19.77
C ASP C 70 17.93 -8.42 -19.37
N GLN C 71 16.73 -9.00 -19.38
CA GLN C 71 15.59 -8.21 -18.99
C GLN C 71 15.59 -7.99 -17.50
N VAL C 72 16.32 -8.81 -16.78
CA VAL C 72 16.40 -8.66 -15.33
C VAL C 72 17.37 -7.54 -15.05
N GLN C 73 18.50 -7.55 -15.75
CA GLN C 73 19.51 -6.53 -15.57
C GLN C 73 18.99 -5.17 -15.95
N LEU C 74 18.25 -5.11 -17.05
CA LEU C 74 17.69 -3.84 -17.51
C LEU C 74 16.71 -3.22 -16.52
N LEU C 75 15.89 -4.03 -15.87
CA LEU C 75 14.94 -3.51 -14.91
C LEU C 75 15.63 -3.13 -13.60
N ARG C 76 16.61 -3.92 -13.21
CA ARG C 76 17.35 -3.66 -11.99
C ARG C 76 18.08 -2.32 -12.11
N ALA C 77 18.66 -2.08 -13.28
CA ALA C 77 19.40 -0.86 -13.53
C ALA C 77 18.49 0.35 -13.65
N GLY C 78 17.42 0.22 -14.43
CA GLY C 78 16.50 1.32 -14.64
C GLY C 78 15.47 1.55 -13.55
N TRP C 79 15.29 0.56 -12.69
CA TRP C 79 14.34 0.61 -11.59
C TRP C 79 14.01 2.02 -11.07
N ASN C 80 14.94 2.64 -10.36
CA ASN C 80 14.67 3.98 -9.81
C ASN C 80 14.29 5.05 -10.82
N GLU C 81 15.05 5.19 -11.90
CA GLU C 81 14.70 6.21 -12.89
C GLU C 81 13.28 5.95 -13.42
N LEU C 82 12.99 4.69 -13.74
CA LEU C 82 11.67 4.32 -14.25
C LEU C 82 10.55 4.70 -13.26
N LEU C 83 10.74 4.37 -12.00
CA LEU C 83 9.72 4.69 -11.00
C LEU C 83 9.62 6.19 -10.78
N ILE C 84 10.74 6.87 -10.63
CA ILE C 84 10.68 8.30 -10.41
C ILE C 84 9.96 8.99 -11.57
N ALA C 85 10.21 8.53 -12.79
CA ALA C 85 9.57 9.12 -13.95
C ALA C 85 8.06 8.88 -13.85
N ALA C 86 7.70 7.65 -13.52
CA ALA C 86 6.30 7.26 -13.40
C ALA C 86 5.54 8.11 -12.38
N PHE C 87 5.96 8.09 -11.12
CA PHE C 87 5.24 8.88 -10.13
C PHE C 87 5.43 10.38 -10.29
N SER C 88 6.38 10.80 -11.09
CA SER C 88 6.58 12.23 -11.28
C SER C 88 5.53 12.74 -12.25
N HIS C 89 5.28 11.97 -13.30
CA HIS C 89 4.32 12.34 -14.30
C HIS C 89 2.89 12.33 -13.78
N ARG C 90 2.52 11.31 -13.01
CA ARG C 90 1.16 11.30 -12.49
C ARG C 90 1.08 12.12 -11.20
N SER C 91 2.05 13.00 -10.99
CA SER C 91 2.03 13.86 -9.83
C SER C 91 1.73 15.28 -10.29
N MET C 92 1.45 15.40 -11.59
CA MET C 92 1.15 16.69 -12.19
C MET C 92 -0.16 17.25 -11.66
N GLN C 93 -1.11 16.37 -11.33
CA GLN C 93 -2.39 16.81 -10.80
C GLN C 93 -2.24 17.30 -9.37
N ALA C 94 -1.55 16.52 -8.54
CA ALA C 94 -1.33 16.89 -7.15
C ALA C 94 -0.85 18.34 -7.08
N GLN C 95 -1.44 19.10 -6.17
CA GLN C 95 -1.07 20.49 -5.97
C GLN C 95 0.39 20.60 -5.59
N ASP C 96 0.71 20.05 -4.42
CA ASP C 96 2.08 20.08 -3.92
C ASP C 96 2.41 18.75 -3.24
N ALA C 97 2.55 17.70 -4.04
CA ALA C 97 2.86 16.39 -3.50
C ALA C 97 3.11 15.34 -4.58
N ILE C 98 3.54 14.16 -4.15
CA ILE C 98 3.83 13.04 -5.05
C ILE C 98 2.72 12.00 -5.00
N VAL C 99 2.28 11.55 -6.17
CA VAL C 99 1.21 10.58 -6.28
C VAL C 99 1.70 9.16 -6.58
N LEU C 100 1.42 8.22 -5.68
CA LEU C 100 1.84 6.83 -5.88
C LEU C 100 0.78 6.03 -6.64
N ALA C 101 0.98 4.72 -6.74
CA ALA C 101 0.05 3.84 -7.46
C ALA C 101 -1.30 3.66 -6.76
N THR C 102 -1.27 3.38 -5.46
CA THR C 102 -2.48 3.20 -4.68
C THR C 102 -3.38 4.44 -4.83
N GLY C 103 -2.82 5.49 -5.41
CA GLY C 103 -3.56 6.72 -5.56
C GLY C 103 -3.13 7.50 -4.32
N LEU C 104 -2.43 6.78 -3.46
CA LEU C 104 -1.92 7.33 -2.21
C LEU C 104 -0.93 8.45 -2.55
N THR C 105 -0.96 9.54 -1.79
CA THR C 105 -0.05 10.63 -2.06
C THR C 105 0.85 10.97 -0.86
N VAL C 106 2.04 11.46 -1.15
CA VAL C 106 3.01 11.82 -0.12
C VAL C 106 3.37 13.30 -0.21
N ASN C 107 3.81 13.84 0.93
CA ASN C 107 4.18 15.24 1.02
C ASN C 107 5.47 15.44 1.81
N LYS C 108 6.08 16.60 1.63
CA LYS C 108 7.32 16.97 2.29
C LYS C 108 7.50 16.38 3.68
N SER C 109 6.43 16.40 4.48
CA SER C 109 6.49 15.89 5.85
C SER C 109 6.20 14.39 5.92
N THR C 110 5.29 13.92 5.08
CA THR C 110 4.92 12.51 5.06
C THR C 110 5.73 11.76 4.00
N ALA C 111 6.99 12.16 3.83
CA ALA C 111 7.84 11.55 2.83
C ALA C 111 8.79 10.44 3.28
N HIS C 112 9.32 10.51 4.48
CA HIS C 112 10.24 9.45 4.92
C HIS C 112 9.74 8.06 4.54
N ALA C 113 8.72 7.55 5.23
CA ALA C 113 8.19 6.24 4.87
C ALA C 113 7.89 6.35 3.39
N VAL C 114 8.02 5.23 2.67
CA VAL C 114 7.80 5.22 1.23
C VAL C 114 9.08 5.70 0.55
N GLY C 115 10.21 5.48 1.21
CA GLY C 115 11.47 5.92 0.65
C GLY C 115 11.40 7.39 0.32
N VAL C 116 11.98 7.80 -0.79
CA VAL C 116 11.96 9.20 -1.19
C VAL C 116 12.42 9.99 0.03
N GLY C 117 12.03 11.26 0.12
CA GLY C 117 12.45 12.03 1.27
C GLY C 117 13.35 13.16 0.84
N ASN C 118 14.61 12.85 0.56
CA ASN C 118 15.52 13.89 0.15
C ASN C 118 15.63 14.06 -1.36
N ILE C 119 14.72 13.44 -2.10
CA ILE C 119 14.72 13.62 -3.54
C ILE C 119 13.42 14.37 -3.80
N TYR C 120 12.63 14.52 -2.74
CA TYR C 120 11.35 15.19 -2.81
C TYR C 120 11.37 16.59 -3.42
N ASP C 121 12.09 17.52 -2.79
CA ASP C 121 12.15 18.87 -3.30
C ASP C 121 12.58 18.91 -4.74
N ARG C 122 13.65 18.18 -5.03
CA ARG C 122 14.20 18.11 -6.38
C ARG C 122 13.24 17.45 -7.39
N VAL C 123 12.60 16.36 -6.98
CA VAL C 123 11.66 15.67 -7.86
C VAL C 123 10.57 16.64 -8.30
N LEU C 124 10.01 17.34 -7.33
CA LEU C 124 8.94 18.30 -7.59
C LEU C 124 9.37 19.46 -8.48
N SER C 125 10.49 20.08 -8.15
CA SER C 125 10.99 21.22 -8.91
C SER C 125 11.62 20.95 -10.28
N GLU C 126 12.35 19.84 -10.44
CA GLU C 126 13.00 19.57 -11.72
C GLU C 126 12.24 18.63 -12.65
N LEU C 127 11.28 17.89 -12.10
CA LEU C 127 10.50 16.96 -12.89
C LEU C 127 9.03 17.32 -12.97
N VAL C 128 8.34 17.21 -11.83
CA VAL C 128 6.91 17.53 -11.79
C VAL C 128 6.58 18.89 -12.42
N ASN C 129 7.12 19.95 -11.85
CA ASN C 129 6.86 21.28 -12.38
C ASN C 129 7.23 21.41 -13.84
N LYS C 130 8.39 20.86 -14.19
CA LYS C 130 8.85 20.92 -15.56
C LYS C 130 7.87 20.20 -16.49
N MET C 131 7.47 18.99 -16.12
CA MET C 131 6.52 18.22 -16.93
C MET C 131 5.18 18.94 -17.01
N LYS C 132 4.82 19.57 -15.90
CA LYS C 132 3.56 20.29 -15.81
C LYS C 132 3.54 21.48 -16.78
N GLU C 133 4.53 22.37 -16.67
CA GLU C 133 4.59 23.54 -17.54
C GLU C 133 4.91 23.21 -18.98
N MET C 134 5.19 21.95 -19.26
CA MET C 134 5.54 21.51 -20.61
C MET C 134 4.41 20.69 -21.20
N LYS C 135 3.45 20.34 -20.36
CA LYS C 135 2.30 19.56 -20.81
C LYS C 135 2.80 18.24 -21.41
N MET C 136 3.70 17.55 -20.72
CA MET C 136 4.20 16.28 -21.21
C MET C 136 3.06 15.26 -21.17
N ASP C 137 2.80 14.59 -22.28
CA ASP C 137 1.72 13.60 -22.32
C ASP C 137 2.21 12.15 -22.19
N LYS C 138 1.29 11.28 -21.78
CA LYS C 138 1.61 9.87 -21.56
C LYS C 138 2.37 9.20 -22.70
N THR C 139 2.22 9.68 -23.92
CA THR C 139 2.94 9.06 -25.04
C THR C 139 4.44 9.41 -24.97
N GLU C 140 4.71 10.66 -24.63
CA GLU C 140 6.06 11.14 -24.49
C GLU C 140 6.71 10.42 -23.32
N LEU C 141 5.99 10.38 -22.20
CA LEU C 141 6.47 9.71 -21.01
C LEU C 141 6.80 8.27 -21.37
N GLY C 142 5.87 7.62 -22.05
CA GLY C 142 6.07 6.24 -22.44
C GLY C 142 7.34 6.06 -23.24
N CYS C 143 7.61 6.98 -24.15
CA CYS C 143 8.83 6.86 -24.94
C CYS C 143 10.07 7.09 -24.08
N LEU C 144 10.05 8.11 -23.23
CA LEU C 144 11.20 8.39 -22.39
C LEU C 144 11.52 7.22 -21.45
N ARG C 145 10.50 6.66 -20.82
CA ARG C 145 10.72 5.53 -19.92
C ARG C 145 11.28 4.35 -20.72
N ALA C 146 10.79 4.15 -21.94
CA ALA C 146 11.29 3.04 -22.74
C ALA C 146 12.77 3.31 -23.09
N ILE C 147 13.10 4.59 -23.29
CA ILE C 147 14.46 4.97 -23.61
C ILE C 147 15.32 4.61 -22.40
N ILE C 148 14.82 4.98 -21.22
CA ILE C 148 15.53 4.70 -19.98
C ILE C 148 15.79 3.19 -19.85
N LEU C 149 14.75 2.41 -20.16
CA LEU C 149 14.79 0.95 -20.10
C LEU C 149 15.83 0.32 -21.03
N TYR C 150 15.84 0.76 -22.28
CA TYR C 150 16.78 0.24 -23.25
C TYR C 150 18.13 0.94 -23.22
N ASN C 151 18.82 0.81 -22.10
CA ASN C 151 20.14 1.42 -21.92
C ASN C 151 21.17 0.35 -22.29
N PRO C 152 21.70 0.42 -23.52
CA PRO C 152 22.68 -0.55 -23.99
C PRO C 152 23.97 -0.54 -23.19
N ASP C 153 24.15 0.47 -22.34
CA ASP C 153 25.35 0.58 -21.54
C ASP C 153 25.23 -0.03 -20.15
N VAL C 154 24.05 -0.51 -19.79
CA VAL C 154 23.88 -1.15 -18.50
C VAL C 154 24.84 -2.32 -18.47
N ARG C 155 25.52 -2.52 -17.35
CA ARG C 155 26.49 -3.60 -17.30
C ARG C 155 25.93 -4.99 -17.12
N GLY C 156 26.63 -5.95 -17.71
CA GLY C 156 26.24 -7.35 -17.64
C GLY C 156 25.27 -7.73 -18.74
N ILE C 157 24.91 -6.75 -19.57
CA ILE C 157 23.96 -6.99 -20.64
C ILE C 157 24.61 -7.74 -21.81
N LYS C 158 23.91 -8.75 -22.31
CA LYS C 158 24.39 -9.57 -23.42
C LYS C 158 23.99 -8.98 -24.76
N SER C 159 22.69 -8.83 -24.97
CA SER C 159 22.14 -8.31 -26.20
C SER C 159 22.37 -6.81 -26.37
N VAL C 160 23.61 -6.38 -26.20
CA VAL C 160 23.98 -4.98 -26.30
C VAL C 160 23.45 -4.31 -27.56
N GLN C 161 24.00 -4.71 -28.70
CA GLN C 161 23.62 -4.16 -29.98
C GLN C 161 22.13 -4.25 -30.22
N GLU C 162 21.52 -5.33 -29.75
CA GLU C 162 20.09 -5.51 -29.90
C GLU C 162 19.35 -4.38 -29.17
N VAL C 163 19.82 -4.07 -27.96
CA VAL C 163 19.23 -3.02 -27.15
C VAL C 163 19.50 -1.63 -27.74
N GLU C 164 20.73 -1.41 -28.21
CA GLU C 164 21.06 -0.13 -28.80
C GLU C 164 20.09 0.20 -29.94
N MET C 165 19.83 -0.78 -30.79
CA MET C 165 18.93 -0.61 -31.92
C MET C 165 17.49 -0.34 -31.48
N LEU C 166 17.01 -1.06 -30.48
CA LEU C 166 15.66 -0.86 -29.99
C LEU C 166 15.52 0.55 -29.46
N ARG C 167 16.58 1.05 -28.81
CA ARG C 167 16.53 2.40 -28.26
C ARG C 167 16.47 3.43 -29.39
N GLU C 168 17.31 3.25 -30.41
CA GLU C 168 17.35 4.19 -31.53
C GLU C 168 16.00 4.27 -32.21
N LYS C 169 15.29 3.15 -32.28
CA LYS C 169 13.98 3.13 -32.89
C LYS C 169 13.02 3.99 -32.07
N ILE C 170 13.15 3.95 -30.75
CA ILE C 170 12.29 4.74 -29.88
C ILE C 170 12.59 6.23 -30.05
N TYR C 171 13.85 6.56 -30.33
CA TYR C 171 14.22 7.96 -30.53
C TYR C 171 13.43 8.40 -31.76
N GLY C 172 13.54 7.62 -32.83
CA GLY C 172 12.83 7.93 -34.06
C GLY C 172 11.34 8.10 -33.86
N VAL C 173 10.74 7.18 -33.13
CA VAL C 173 9.31 7.26 -32.87
C VAL C 173 8.96 8.53 -32.13
N LEU C 174 9.66 8.81 -31.04
CA LEU C 174 9.39 10.02 -30.28
C LEU C 174 9.73 11.26 -31.11
N GLU C 175 10.77 11.18 -31.92
CA GLU C 175 11.16 12.31 -32.77
C GLU C 175 10.01 12.59 -33.71
N GLU C 176 9.51 11.53 -34.35
CA GLU C 176 8.40 11.63 -35.29
C GLU C 176 7.13 12.10 -34.61
N TYR C 177 6.83 11.49 -33.47
CA TYR C 177 5.62 11.85 -32.74
C TYR C 177 5.56 13.33 -32.40
N THR C 178 6.67 13.90 -31.95
CA THR C 178 6.69 15.31 -31.57
C THR C 178 6.59 16.28 -32.75
N ARG C 179 7.20 15.93 -33.88
CA ARG C 179 7.13 16.81 -35.03
C ARG C 179 5.69 16.95 -35.51
N THR C 180 4.95 15.85 -35.50
CA THR C 180 3.56 15.87 -35.95
C THR C 180 2.56 16.35 -34.90
N THR C 181 2.90 16.23 -33.62
CA THR C 181 2.00 16.67 -32.56
C THR C 181 2.23 18.14 -32.17
N HIS C 182 3.42 18.65 -32.42
CA HIS C 182 3.75 20.03 -32.11
C HIS C 182 4.64 20.59 -33.21
N PRO C 183 4.09 20.75 -34.42
CA PRO C 183 4.90 21.28 -35.52
C PRO C 183 5.26 22.72 -35.20
N ASN C 184 4.60 23.24 -34.17
CA ASN C 184 4.75 24.60 -33.69
C ASN C 184 5.89 24.76 -32.68
N GLU C 185 6.33 23.65 -32.09
CA GLU C 185 7.39 23.67 -31.07
C GLU C 185 8.57 22.79 -31.47
N PRO C 186 9.52 23.34 -32.25
CA PRO C 186 10.71 22.62 -32.73
C PRO C 186 11.57 22.03 -31.61
N GLY C 187 11.75 22.80 -30.55
CA GLY C 187 12.56 22.34 -29.44
C GLY C 187 11.94 21.22 -28.62
N ARG C 188 10.65 20.99 -28.81
CA ARG C 188 9.92 19.95 -28.10
C ARG C 188 10.73 18.66 -27.91
N PHE C 189 11.24 18.12 -29.00
CA PHE C 189 12.03 16.88 -28.94
C PHE C 189 13.17 16.98 -27.94
N ALA C 190 14.05 17.95 -28.14
CA ALA C 190 15.17 18.16 -27.24
C ALA C 190 14.70 18.45 -25.82
N LYS C 191 13.68 19.28 -25.69
CA LYS C 191 13.17 19.61 -24.36
C LYS C 191 12.73 18.37 -23.59
N LEU C 192 12.18 17.40 -24.31
CA LEU C 192 11.75 16.15 -23.70
C LEU C 192 12.97 15.36 -23.21
N LEU C 193 13.92 15.13 -24.11
CA LEU C 193 15.15 14.38 -23.81
C LEU C 193 15.98 15.00 -22.69
N LEU C 194 15.94 16.33 -22.56
CA LEU C 194 16.73 16.96 -21.53
C LEU C 194 16.17 16.74 -20.13
N ARG C 195 15.12 15.95 -20.03
CA ARG C 195 14.57 15.63 -18.70
C ARG C 195 15.34 14.40 -18.16
N LEU C 196 15.97 13.66 -19.08
CA LEU C 196 16.71 12.47 -18.72
C LEU C 196 17.93 12.72 -17.82
N PRO C 197 18.68 13.79 -18.06
CA PRO C 197 19.83 14.03 -17.19
C PRO C 197 19.37 14.33 -15.75
N ALA C 198 18.35 15.16 -15.64
CA ALA C 198 17.79 15.53 -14.34
C ALA C 198 17.30 14.26 -13.65
N LEU C 199 16.66 13.38 -14.43
CA LEU C 199 16.14 12.15 -13.90
C LEU C 199 17.28 11.23 -13.43
N ARG C 200 18.37 11.19 -14.19
CA ARG C 200 19.51 10.36 -13.81
C ARG C 200 20.12 10.90 -12.51
N SER C 201 20.27 12.22 -12.44
CA SER C 201 20.83 12.84 -11.25
C SER C 201 20.04 12.50 -10.02
N ILE C 202 18.73 12.65 -10.11
CA ILE C 202 17.89 12.35 -8.97
C ILE C 202 18.03 10.88 -8.58
N GLY C 203 18.03 10.01 -9.59
CA GLY C 203 18.15 8.59 -9.30
C GLY C 203 19.44 8.26 -8.58
N LEU C 204 20.52 8.92 -8.97
CA LEU C 204 21.82 8.72 -8.36
C LEU C 204 21.79 9.02 -6.87
N LYS C 205 20.86 9.88 -6.46
CA LYS C 205 20.75 10.26 -5.06
C LYS C 205 20.05 9.19 -4.23
N CYS C 206 19.57 8.14 -4.87
CA CYS C 206 18.85 7.11 -4.12
C CYS C 206 19.62 6.13 -3.24
N LEU C 207 20.55 5.35 -3.80
CA LEU C 207 21.35 4.41 -3.01
C LEU C 207 20.75 3.01 -2.78
N GLU C 208 19.45 2.89 -3.00
CA GLU C 208 18.79 1.60 -2.89
C GLU C 208 17.61 1.62 -3.85
N HIS C 209 17.10 0.46 -4.25
CA HIS C 209 15.97 0.41 -5.15
C HIS C 209 14.73 0.89 -4.39
N LEU C 210 14.14 1.99 -4.84
CA LEU C 210 12.97 2.55 -4.18
C LEU C 210 11.86 1.53 -3.91
N PHE C 211 11.22 1.69 -2.74
CA PHE C 211 10.10 0.85 -2.31
C PHE C 211 10.34 -0.66 -2.18
N PHE C 212 11.58 -1.12 -2.32
CA PHE C 212 11.82 -2.56 -2.25
C PHE C 212 11.69 -3.14 -0.85
N PHE C 213 11.70 -2.28 0.16
CA PHE C 213 11.62 -2.79 1.53
C PHE C 213 10.26 -2.76 2.17
N LYS C 214 9.31 -2.14 1.49
CA LYS C 214 7.95 -2.10 1.99
C LYS C 214 7.29 -3.36 1.46
N LEU C 215 8.07 -4.14 0.72
CA LEU C 215 7.61 -5.40 0.17
C LEU C 215 7.55 -6.45 1.26
N ILE C 216 6.67 -7.43 1.08
CA ILE C 216 6.50 -8.51 2.03
C ILE C 216 7.62 -9.55 1.99
N GLY C 217 8.02 -10.00 3.19
CA GLY C 217 9.07 -11.00 3.30
C GLY C 217 10.38 -10.63 2.65
N ASP C 218 11.30 -11.58 2.65
CA ASP C 218 12.62 -11.37 2.05
C ASP C 218 12.74 -12.13 0.75
N VAL C 219 13.48 -11.55 -0.19
CA VAL C 219 13.71 -12.15 -1.49
C VAL C 219 14.61 -11.21 -2.29
N PRO C 220 15.79 -11.68 -2.70
CA PRO C 220 16.72 -10.86 -3.47
C PRO C 220 16.12 -10.20 -4.71
N ILE C 221 16.60 -8.99 -5.01
CA ILE C 221 16.13 -8.21 -6.16
C ILE C 221 16.06 -9.03 -7.44
N ASP C 222 17.18 -9.62 -7.83
CA ASP C 222 17.22 -10.41 -9.06
C ASP C 222 16.19 -11.53 -9.06
N THR C 223 15.81 -12.02 -7.89
CA THR C 223 14.82 -13.09 -7.79
C THR C 223 13.41 -12.53 -7.91
N PHE C 224 13.14 -11.45 -7.18
CA PHE C 224 11.83 -10.81 -7.23
C PHE C 224 11.52 -10.52 -8.70
N LEU C 225 12.51 -9.98 -9.41
CA LEU C 225 12.34 -9.66 -10.82
C LEU C 225 12.18 -10.92 -11.65
N MET C 226 13.10 -11.86 -11.49
CA MET C 226 13.07 -13.11 -12.24
C MET C 226 11.70 -13.77 -12.24
N GLU C 227 11.04 -13.80 -11.08
CA GLU C 227 9.73 -14.42 -11.02
C GLU C 227 8.61 -13.52 -11.51
N MET C 228 8.75 -12.22 -11.32
CA MET C 228 7.73 -11.27 -11.77
C MET C 228 7.68 -11.29 -13.30
N LEU C 229 8.84 -11.51 -13.91
CA LEU C 229 8.93 -11.58 -15.35
C LEU C 229 8.49 -12.93 -15.91
N GLU C 230 8.33 -13.94 -15.05
CA GLU C 230 7.92 -15.26 -15.54
C GLU C 230 6.43 -15.25 -15.63
N GLY C 231 5.82 -14.21 -15.08
CA GLY C 231 4.41 -14.10 -15.33
C GLY C 231 3.16 -14.40 -14.56
N THR C 232 2.15 -13.87 -15.25
CA THR C 232 0.79 -13.77 -14.82
C THR C 232 0.21 -14.42 -13.74
N THR C 233 0.74 -13.46 -13.01
CA THR C 233 0.93 -12.98 -11.67
C THR C 233 2.22 -13.48 -11.06
N ILE D 10 21.06 24.60 -42.58
CA ILE D 10 21.63 25.41 -41.46
C ILE D 10 21.21 26.86 -41.61
N SER D 11 21.93 27.77 -40.96
CA SER D 11 21.61 29.18 -40.98
C SER D 11 22.78 30.13 -40.87
N PRO D 12 22.84 31.14 -41.75
CA PRO D 12 23.94 32.11 -41.69
C PRO D 12 23.76 32.91 -40.41
N GLU D 13 24.45 32.44 -39.37
CA GLU D 13 24.42 33.04 -38.04
C GLU D 13 24.77 31.88 -37.14
N GLN D 14 24.17 30.73 -37.43
CA GLN D 14 24.43 29.53 -36.68
C GLN D 14 25.80 29.05 -37.07
N GLU D 15 26.11 29.15 -38.36
CA GLU D 15 27.42 28.72 -38.83
C GLU D 15 28.46 29.63 -38.20
N GLU D 16 28.07 30.88 -37.97
CA GLU D 16 28.96 31.84 -37.34
C GLU D 16 29.20 31.38 -35.91
N LEU D 17 28.13 31.10 -35.19
CA LEU D 17 28.21 30.62 -33.80
C LEU D 17 29.08 29.36 -33.71
N ILE D 18 28.89 28.44 -34.65
CA ILE D 18 29.66 27.21 -34.66
C ILE D 18 31.12 27.46 -35.03
N HIS D 19 31.37 28.41 -35.92
CA HIS D 19 32.74 28.74 -36.31
C HIS D 19 33.44 29.21 -35.07
N ARG D 20 32.75 30.09 -34.34
CA ARG D 20 33.25 30.66 -33.12
C ARG D 20 33.55 29.58 -32.08
N LEU D 21 32.60 28.68 -31.83
CA LEU D 21 32.81 27.62 -30.86
C LEU D 21 34.00 26.73 -31.24
N VAL D 22 34.04 26.28 -32.50
CA VAL D 22 35.14 25.43 -32.92
C VAL D 22 36.47 26.15 -32.67
N TYR D 23 36.50 27.45 -32.92
CA TYR D 23 37.70 28.27 -32.71
C TYR D 23 38.12 28.26 -31.24
N PHE D 24 37.19 28.63 -30.36
CA PHE D 24 37.45 28.66 -28.93
C PHE D 24 37.89 27.27 -28.47
N GLN D 25 37.24 26.24 -28.99
CA GLN D 25 37.61 24.89 -28.62
C GLN D 25 39.07 24.62 -28.95
N ASN D 26 39.51 25.06 -30.12
CA ASN D 26 40.89 24.86 -30.54
C ASN D 26 41.85 25.74 -29.74
N GLU D 27 41.43 26.97 -29.46
CA GLU D 27 42.24 27.92 -28.70
C GLU D 27 42.59 27.40 -27.31
N TYR D 28 41.67 26.66 -26.70
CA TYR D 28 41.93 26.20 -25.35
C TYR D 28 42.05 24.70 -25.18
N GLU D 29 42.31 23.99 -26.27
CA GLU D 29 42.43 22.55 -26.20
C GLU D 29 43.50 22.10 -25.20
N HIS D 30 44.75 22.52 -25.40
CA HIS D 30 45.83 22.14 -24.48
C HIS D 30 46.46 23.34 -23.78
N PRO D 31 47.15 23.09 -22.64
CA PRO D 31 47.81 24.14 -21.84
C PRO D 31 49.14 24.63 -22.39
N SER D 32 49.68 25.67 -21.77
CA SER D 32 50.94 26.31 -22.15
C SER D 32 52.16 25.43 -22.00
N GLU D 33 53.13 25.61 -22.89
CA GLU D 33 54.38 24.86 -22.85
C GLU D 33 55.00 25.10 -21.49
N GLU D 34 54.95 26.36 -21.05
CA GLU D 34 55.51 26.75 -19.78
C GLU D 34 54.81 26.10 -18.60
N ASP D 35 53.49 26.19 -18.57
CA ASP D 35 52.72 25.61 -17.47
C ASP D 35 52.93 24.10 -17.35
N VAL D 36 53.06 23.43 -18.48
CA VAL D 36 53.26 21.99 -18.47
C VAL D 36 54.64 21.62 -17.94
N LYS D 37 55.68 22.18 -18.56
CA LYS D 37 57.05 21.90 -18.13
C LYS D 37 57.20 22.25 -16.65
N ARG D 38 56.52 23.30 -16.23
CA ARG D 38 56.58 23.75 -14.85
C ARG D 38 56.07 22.68 -13.88
N ILE D 39 55.48 21.61 -14.41
CA ILE D 39 54.96 20.55 -13.56
C ILE D 39 56.00 19.49 -13.22
N ILE D 40 56.47 18.76 -14.23
CA ILE D 40 57.46 17.72 -14.00
C ILE D 40 58.82 18.31 -13.62
N ASN D 41 59.02 18.47 -12.31
CA ASN D 41 60.26 19.03 -11.79
C ASN D 41 60.74 18.23 -10.59
N ASP D 45 60.76 13.19 -8.25
CA ASP D 45 61.18 14.13 -7.22
C ASP D 45 60.69 13.69 -5.84
N GLY D 46 61.47 14.02 -4.81
CA GLY D 46 61.12 13.68 -3.43
C GLY D 46 60.60 12.29 -3.11
N GLU D 47 59.35 12.01 -3.49
CA GLU D 47 58.70 10.72 -3.22
C GLU D 47 58.83 9.70 -4.36
N ASP D 48 58.30 8.50 -4.12
CA ASP D 48 58.37 7.41 -5.10
C ASP D 48 57.54 7.57 -6.37
N GLN D 49 57.83 6.70 -7.34
CA GLN D 49 57.18 6.69 -8.65
C GLN D 49 55.65 6.62 -8.65
N CYS D 50 55.04 6.42 -7.49
CA CYS D 50 53.60 6.34 -7.41
C CYS D 50 53.03 7.74 -7.17
N ASP D 51 53.44 8.36 -6.08
CA ASP D 51 52.97 9.70 -5.74
C ASP D 51 53.33 10.69 -6.83
N VAL D 52 54.08 10.22 -7.82
CA VAL D 52 54.47 11.08 -8.91
C VAL D 52 53.41 11.10 -10.00
N ARG D 53 53.01 9.93 -10.47
CA ARG D 53 52.00 9.87 -11.52
C ARG D 53 50.72 10.54 -11.00
N PHE D 54 50.54 10.52 -9.68
CA PHE D 54 49.37 11.13 -9.05
C PHE D 54 49.47 12.64 -9.10
N ARG D 55 50.67 13.15 -8.86
CA ARG D 55 50.90 14.58 -8.87
C ARG D 55 50.75 15.14 -10.29
N HIS D 56 51.18 14.36 -11.28
CA HIS D 56 51.06 14.81 -12.66
C HIS D 56 49.60 14.89 -13.05
N ILE D 57 48.89 13.80 -12.81
CA ILE D 57 47.48 13.75 -13.13
C ILE D 57 46.72 14.89 -12.47
N THR D 58 46.91 15.08 -11.17
CA THR D 58 46.19 16.15 -10.50
C THR D 58 46.61 17.55 -10.93
N GLU D 59 47.91 17.76 -11.11
CA GLU D 59 48.38 19.08 -11.50
C GLU D 59 47.92 19.44 -12.90
N ILE D 60 48.11 18.52 -13.85
CA ILE D 60 47.69 18.81 -15.20
C ILE D 60 46.18 19.07 -15.23
N THR D 61 45.42 18.33 -14.42
CA THR D 61 43.98 18.52 -14.39
C THR D 61 43.63 19.95 -13.99
N ILE D 62 44.45 20.55 -13.14
CA ILE D 62 44.19 21.94 -12.72
C ILE D 62 44.22 22.85 -13.94
N LEU D 63 45.21 22.64 -14.81
CA LEU D 63 45.31 23.44 -16.01
C LEU D 63 44.06 23.17 -16.85
N THR D 64 43.66 21.90 -16.91
CA THR D 64 42.50 21.47 -17.70
C THR D 64 41.25 22.23 -17.26
N VAL D 65 41.02 22.32 -15.96
CA VAL D 65 39.86 23.02 -15.49
C VAL D 65 39.96 24.48 -15.89
N GLN D 66 41.16 25.05 -15.76
CA GLN D 66 41.39 26.46 -16.11
C GLN D 66 41.01 26.72 -17.56
N LEU D 67 41.45 25.81 -18.43
CA LEU D 67 41.12 25.92 -19.85
C LEU D 67 39.61 25.90 -20.05
N ILE D 68 38.92 25.04 -19.29
CA ILE D 68 37.46 24.96 -19.40
C ILE D 68 36.84 26.31 -19.08
N VAL D 69 37.27 26.94 -17.99
CA VAL D 69 36.70 28.22 -17.62
C VAL D 69 36.97 29.26 -18.70
N GLU D 70 38.16 29.20 -19.30
CA GLU D 70 38.48 30.17 -20.34
C GLU D 70 37.51 30.02 -21.51
N PHE D 71 37.23 28.76 -21.86
CA PHE D 71 36.30 28.46 -22.95
C PHE D 71 34.89 28.93 -22.61
N ALA D 72 34.43 28.60 -21.41
CA ALA D 72 33.10 28.99 -21.00
C ALA D 72 32.97 30.51 -20.98
N LYS D 73 33.90 31.18 -20.31
CA LYS D 73 33.86 32.64 -20.20
C LYS D 73 33.61 33.35 -21.52
N ARG D 74 34.07 32.75 -22.61
CA ARG D 74 33.93 33.36 -23.93
C ARG D 74 32.75 32.89 -24.77
N LEU D 75 31.87 32.09 -24.18
CA LEU D 75 30.70 31.61 -24.92
C LEU D 75 29.60 32.65 -24.99
N PRO D 76 29.09 32.90 -26.20
CA PRO D 76 28.01 33.89 -26.35
C PRO D 76 26.91 33.55 -25.37
N GLY D 77 26.48 34.54 -24.59
CA GLY D 77 25.43 34.31 -23.62
C GLY D 77 25.95 34.31 -22.20
N PHE D 78 27.16 33.80 -22.00
CA PHE D 78 27.72 33.72 -20.66
C PHE D 78 27.66 35.08 -19.94
N ASP D 79 28.14 36.11 -20.61
CA ASP D 79 28.19 37.46 -20.04
C ASP D 79 26.82 38.06 -19.68
N LYS D 80 25.75 37.41 -20.12
CA LYS D 80 24.40 37.90 -19.82
C LYS D 80 23.86 37.32 -18.53
N LEU D 81 24.67 36.53 -17.84
CA LEU D 81 24.24 35.92 -16.58
C LEU D 81 24.78 36.67 -15.35
N LEU D 82 24.11 36.46 -14.22
CA LEU D 82 24.52 37.06 -12.96
C LEU D 82 25.81 36.36 -12.56
N ARG D 83 26.71 37.11 -11.92
CA ARG D 83 27.98 36.54 -11.49
C ARG D 83 27.77 35.24 -10.73
N GLU D 84 26.80 35.25 -9.82
CA GLU D 84 26.52 34.09 -8.99
C GLU D 84 26.15 32.87 -9.81
N ASP D 85 25.35 33.07 -10.86
CA ASP D 85 24.96 31.95 -11.70
C ASP D 85 26.16 31.46 -12.53
N GLN D 86 27.03 32.38 -12.90
CA GLN D 86 28.23 32.03 -13.67
C GLN D 86 29.11 31.08 -12.85
N ILE D 87 29.32 31.45 -11.59
CA ILE D 87 30.11 30.62 -10.71
C ILE D 87 29.42 29.23 -10.61
N ALA D 88 28.13 29.22 -10.32
CA ALA D 88 27.42 27.95 -10.18
C ALA D 88 27.56 27.05 -11.41
N LEU D 89 27.37 27.62 -12.60
CA LEU D 89 27.48 26.81 -13.81
C LEU D 89 28.89 26.27 -14.01
N LEU D 90 29.89 27.13 -13.82
CA LEU D 90 31.28 26.70 -13.99
C LEU D 90 31.65 25.61 -12.99
N LYS D 91 31.25 25.76 -11.74
CA LYS D 91 31.57 24.76 -10.74
C LYS D 91 30.99 23.41 -11.18
N ALA D 92 29.72 23.43 -11.56
CA ALA D 92 29.03 22.21 -11.96
C ALA D 92 29.48 21.52 -13.25
N CYS D 93 29.98 22.27 -14.22
CA CYS D 93 30.37 21.68 -15.48
C CYS D 93 31.80 21.17 -15.55
N SER D 94 32.65 21.64 -14.63
CA SER D 94 34.06 21.26 -14.60
C SER D 94 34.26 19.77 -14.81
N SER D 95 33.82 18.99 -13.81
CA SER D 95 33.99 17.56 -13.85
C SER D 95 33.34 16.90 -15.05
N GLU D 96 32.31 17.53 -15.62
CA GLU D 96 31.62 16.97 -16.78
C GLU D 96 32.36 17.31 -18.05
N VAL D 97 32.52 18.59 -18.34
CA VAL D 97 33.23 19.02 -19.55
C VAL D 97 34.60 18.35 -19.70
N MET D 98 35.28 18.03 -18.59
CA MET D 98 36.59 17.42 -18.72
C MET D 98 36.53 16.03 -19.32
N MET D 99 35.37 15.37 -19.25
CA MET D 99 35.27 14.03 -19.82
C MET D 99 35.38 14.19 -21.33
N PHE D 100 34.86 15.29 -21.86
CA PHE D 100 34.94 15.52 -23.29
C PHE D 100 36.41 15.72 -23.65
N ARG D 101 37.06 16.61 -22.91
CA ARG D 101 38.46 16.89 -23.19
C ARG D 101 39.25 15.59 -23.18
N MET D 102 38.91 14.71 -22.24
CA MET D 102 39.57 13.43 -22.14
C MET D 102 39.29 12.58 -23.36
N ALA D 103 38.02 12.44 -23.73
CA ALA D 103 37.63 11.62 -24.86
C ALA D 103 38.30 12.02 -26.15
N ARG D 104 38.48 13.32 -26.33
CA ARG D 104 39.10 13.82 -27.54
C ARG D 104 40.58 13.44 -27.64
N ARG D 105 41.18 13.01 -26.53
CA ARG D 105 42.57 12.61 -26.53
C ARG D 105 42.69 11.11 -26.37
N TYR D 106 41.62 10.39 -26.66
CA TYR D 106 41.61 8.94 -26.55
C TYR D 106 42.20 8.30 -27.80
N ASP D 107 43.06 7.31 -27.60
CA ASP D 107 43.67 6.59 -28.70
C ASP D 107 43.09 5.19 -28.70
N VAL D 108 42.41 4.83 -29.78
CA VAL D 108 41.78 3.53 -29.90
C VAL D 108 42.82 2.42 -29.94
N GLN D 109 43.91 2.71 -30.64
CA GLN D 109 45.03 1.78 -30.80
C GLN D 109 45.52 1.16 -29.49
N THR D 110 45.82 2.02 -28.53
CA THR D 110 46.33 1.61 -27.24
C THR D 110 45.34 1.67 -26.10
N ASP D 111 44.07 1.96 -26.39
CA ASP D 111 43.06 2.06 -25.35
C ASP D 111 43.60 2.96 -24.24
N SER D 112 44.12 4.11 -24.62
CA SER D 112 44.69 5.04 -23.65
C SER D 112 44.38 6.50 -23.93
N ILE D 113 44.89 7.36 -23.07
CA ILE D 113 44.67 8.78 -23.23
C ILE D 113 46.04 9.45 -23.43
N LEU D 114 46.16 10.25 -24.48
CA LEU D 114 47.40 10.96 -24.77
C LEU D 114 47.48 12.26 -24.00
N PHE D 115 48.22 12.26 -22.90
CA PHE D 115 48.37 13.47 -22.11
C PHE D 115 49.17 14.52 -22.89
N VAL D 116 49.26 15.72 -22.33
CA VAL D 116 49.97 16.83 -22.96
C VAL D 116 51.37 16.46 -23.40
N ASN D 117 52.11 15.79 -22.52
CA ASN D 117 53.48 15.38 -22.82
C ASN D 117 53.56 14.14 -23.71
N ASN D 118 52.51 13.90 -24.50
CA ASN D 118 52.46 12.77 -25.41
C ASN D 118 52.54 11.41 -24.74
N GLN D 119 52.80 11.42 -23.44
CA GLN D 119 52.87 10.18 -22.67
C GLN D 119 51.47 9.57 -22.59
N PRO D 120 51.25 8.42 -23.23
CA PRO D 120 49.92 7.82 -23.17
C PRO D 120 49.66 7.18 -21.81
N TYR D 121 48.52 7.49 -21.21
CA TYR D 121 48.15 6.92 -19.92
C TYR D 121 47.08 5.85 -20.11
N SER D 122 47.26 4.72 -19.46
CA SER D 122 46.34 3.60 -19.56
C SER D 122 45.78 3.18 -18.20
N ARG D 123 45.08 2.06 -18.18
CA ARG D 123 44.51 1.52 -16.96
C ARG D 123 45.63 1.43 -15.93
N ASP D 124 46.74 0.83 -16.35
CA ASP D 124 47.89 0.66 -15.47
C ASP D 124 48.39 1.98 -14.92
N SER D 125 48.49 2.97 -15.79
CA SER D 125 48.95 4.29 -15.38
C SER D 125 48.08 4.86 -14.27
N TYR D 126 46.76 4.90 -14.49
CA TYR D 126 45.86 5.43 -13.48
C TYR D 126 45.90 4.58 -12.22
N ASN D 127 45.98 3.27 -12.42
CA ASN D 127 46.04 2.36 -11.29
C ASN D 127 47.25 2.68 -10.43
N LEU D 128 48.41 2.84 -11.06
CA LEU D 128 49.61 3.17 -10.33
C LEU D 128 49.42 4.49 -9.59
N ALA D 129 48.63 5.39 -10.14
CA ALA D 129 48.41 6.69 -9.50
C ALA D 129 47.38 6.65 -8.38
N GLY D 130 46.77 5.48 -8.19
CA GLY D 130 45.76 5.34 -7.15
C GLY D 130 44.36 5.75 -7.61
N MET D 131 44.11 5.57 -8.90
CA MET D 131 42.82 5.92 -9.47
C MET D 131 42.37 4.84 -10.43
N GLY D 132 42.55 3.59 -10.04
CA GLY D 132 42.16 2.50 -10.89
C GLY D 132 40.69 2.17 -10.71
N GLU D 133 40.08 2.77 -9.69
CA GLU D 133 38.68 2.52 -9.39
C GLU D 133 37.72 2.98 -10.48
N THR D 134 37.98 4.15 -11.07
CA THR D 134 37.08 4.65 -12.11
C THR D 134 37.61 4.63 -13.55
N ILE D 135 38.90 4.42 -13.73
CA ILE D 135 39.50 4.40 -15.07
C ILE D 135 38.76 3.56 -16.11
N GLU D 136 38.22 2.41 -15.70
CA GLU D 136 37.49 1.54 -16.62
C GLU D 136 36.30 2.26 -17.23
N ASP D 137 35.48 2.86 -16.38
CA ASP D 137 34.30 3.58 -16.80
C ASP D 137 34.69 4.78 -17.66
N LEU D 138 35.80 5.40 -17.30
CA LEU D 138 36.30 6.54 -18.03
C LEU D 138 36.67 6.10 -19.45
N LEU D 139 37.49 5.06 -19.56
CA LEU D 139 37.90 4.55 -20.86
C LEU D 139 36.68 4.11 -21.67
N HIS D 140 35.69 3.54 -20.97
CA HIS D 140 34.47 3.09 -21.62
C HIS D 140 33.79 4.28 -22.30
N PHE D 141 33.71 5.39 -21.58
CA PHE D 141 33.10 6.60 -22.10
C PHE D 141 33.84 7.03 -23.35
N CYS D 142 35.17 7.00 -23.29
CA CYS D 142 35.97 7.39 -24.45
C CYS D 142 35.62 6.55 -25.67
N ARG D 143 35.45 5.24 -25.47
CA ARG D 143 35.10 4.36 -26.58
C ARG D 143 33.72 4.71 -27.11
N THR D 144 32.74 4.87 -26.20
CA THR D 144 31.39 5.22 -26.60
C THR D 144 31.44 6.46 -27.50
N MET D 145 32.09 7.51 -27.02
CA MET D 145 32.21 8.74 -27.78
C MET D 145 32.82 8.49 -29.14
N TYR D 146 33.89 7.71 -29.15
CA TYR D 146 34.59 7.42 -30.38
C TYR D 146 33.70 6.74 -31.40
N SER D 147 32.98 5.71 -30.97
CA SER D 147 32.12 4.98 -31.87
C SER D 147 31.07 5.88 -32.53
N MET D 148 30.74 6.99 -31.89
CA MET D 148 29.73 7.88 -32.45
C MET D 148 30.34 8.87 -33.44
N ARG D 149 31.64 8.78 -33.65
CA ARG D 149 32.31 9.68 -34.59
C ARG D 149 31.89 11.12 -34.36
N VAL D 150 32.00 11.60 -33.13
CA VAL D 150 31.63 12.97 -32.82
C VAL D 150 32.73 13.90 -33.37
N ASP D 151 32.33 14.93 -34.11
CA ASP D 151 33.31 15.85 -34.65
C ASP D 151 33.48 17.10 -33.79
N ASN D 152 34.38 17.98 -34.22
CA ASN D 152 34.68 19.20 -33.48
C ASN D 152 33.50 20.10 -33.16
N ALA D 153 32.64 20.31 -34.14
CA ALA D 153 31.48 21.17 -33.95
C ALA D 153 30.53 20.55 -32.94
N GLU D 154 30.26 19.26 -33.12
CA GLU D 154 29.36 18.57 -32.23
C GLU D 154 29.91 18.64 -30.82
N TYR D 155 31.22 18.42 -30.67
CA TYR D 155 31.83 18.49 -29.35
C TYR D 155 31.68 19.89 -28.77
N ALA D 156 31.98 20.91 -29.59
CA ALA D 156 31.89 22.29 -29.15
C ALA D 156 30.48 22.65 -28.71
N LEU D 157 29.50 22.34 -29.56
CA LEU D 157 28.09 22.62 -29.24
C LEU D 157 27.71 21.87 -27.95
N LEU D 158 28.02 20.59 -27.92
CA LEU D 158 27.73 19.76 -26.76
C LEU D 158 28.30 20.37 -25.48
N THR D 159 29.56 20.84 -25.55
CA THR D 159 30.23 21.45 -24.41
C THR D 159 29.41 22.66 -23.94
N ALA D 160 29.05 23.52 -24.89
CA ALA D 160 28.25 24.69 -24.55
C ALA D 160 26.95 24.24 -23.90
N ILE D 161 26.28 23.27 -24.53
CA ILE D 161 25.04 22.73 -24.01
C ILE D 161 25.21 22.23 -22.57
N VAL D 162 26.33 21.57 -22.28
CA VAL D 162 26.58 21.07 -20.94
C VAL D 162 26.75 22.25 -20.00
N ILE D 163 27.52 23.25 -20.42
CA ILE D 163 27.76 24.41 -19.58
C ILE D 163 26.47 25.14 -19.21
N PHE D 164 25.56 25.29 -20.16
CA PHE D 164 24.29 25.98 -19.89
C PHE D 164 23.18 25.02 -19.51
N SER D 165 23.45 24.18 -18.50
CA SER D 165 22.46 23.22 -18.06
C SER D 165 21.76 23.66 -16.79
N GLU D 166 20.52 23.23 -16.62
CA GLU D 166 19.77 23.57 -15.43
C GLU D 166 20.54 22.94 -14.28
N ARG D 167 20.97 23.75 -13.33
CA ARG D 167 21.71 23.24 -12.18
C ARG D 167 21.01 23.73 -10.93
N PRO D 168 21.18 23.01 -9.80
CA PRO D 168 20.53 23.44 -8.57
C PRO D 168 21.13 24.76 -8.10
N ALA D 169 20.37 25.51 -7.29
CA ALA D 169 20.83 26.79 -6.77
C ALA D 169 21.14 27.77 -7.89
N LEU D 170 20.25 27.82 -8.87
CA LEU D 170 20.44 28.71 -10.00
C LEU D 170 19.44 29.87 -9.84
N ILE D 171 19.94 31.09 -9.89
CA ILE D 171 19.08 32.25 -9.74
C ILE D 171 18.14 32.45 -10.90
N GLU D 172 18.68 32.76 -12.07
CA GLU D 172 17.86 32.98 -13.25
C GLU D 172 17.86 31.75 -14.18
N GLY D 173 17.51 30.60 -13.63
CA GLY D 173 17.46 29.37 -14.40
C GLY D 173 16.86 29.53 -15.79
N TRP D 174 15.70 30.17 -15.86
CA TRP D 174 15.02 30.40 -17.13
C TRP D 174 15.96 31.09 -18.12
N LYS D 175 16.82 31.95 -17.63
CA LYS D 175 17.74 32.66 -18.53
C LYS D 175 18.77 31.67 -19.09
N VAL D 176 19.21 30.74 -18.24
CA VAL D 176 20.18 29.73 -18.66
C VAL D 176 19.52 28.83 -19.72
N GLU D 177 18.30 28.38 -19.42
CA GLU D 177 17.57 27.52 -20.33
C GLU D 177 17.40 28.16 -21.70
N LYS D 178 17.09 29.45 -21.75
CA LYS D 178 16.91 30.11 -23.04
C LYS D 178 18.21 30.12 -23.80
N ILE D 179 19.31 30.32 -23.10
CA ILE D 179 20.61 30.33 -23.76
C ILE D 179 20.90 28.93 -24.31
N GLN D 180 20.63 27.92 -23.49
CA GLN D 180 20.87 26.55 -23.94
C GLN D 180 20.09 26.25 -25.23
N GLU D 181 18.85 26.72 -25.29
CA GLU D 181 18.00 26.53 -26.47
C GLU D 181 18.71 26.94 -27.76
N ILE D 182 19.34 28.10 -27.74
CA ILE D 182 20.04 28.56 -28.92
C ILE D 182 21.08 27.55 -29.40
N TYR D 183 21.85 27.00 -28.45
CA TYR D 183 22.88 26.02 -28.79
C TYR D 183 22.24 24.70 -29.24
N LEU D 184 21.13 24.33 -28.61
CA LEU D 184 20.43 23.10 -29.00
C LEU D 184 19.93 23.24 -30.45
N GLU D 185 19.43 24.42 -30.81
CA GLU D 185 18.97 24.67 -32.18
C GLU D 185 20.15 24.58 -33.15
N ALA D 186 21.28 25.16 -32.76
CA ALA D 186 22.48 25.12 -33.59
C ALA D 186 22.87 23.68 -33.84
N LEU D 187 22.92 22.88 -32.77
CA LEU D 187 23.29 21.48 -32.87
C LEU D 187 22.39 20.73 -33.85
N ARG D 188 21.08 20.79 -33.62
CA ARG D 188 20.12 20.11 -34.47
C ARG D 188 20.36 20.49 -35.93
N ALA D 189 20.40 21.79 -36.20
CA ALA D 189 20.62 22.27 -37.55
C ALA D 189 21.89 21.66 -38.14
N TYR D 190 22.98 21.75 -37.39
CA TYR D 190 24.25 21.21 -37.83
C TYR D 190 24.12 19.72 -38.13
N VAL D 191 23.42 19.00 -37.25
CA VAL D 191 23.24 17.56 -37.42
C VAL D 191 22.37 17.17 -38.61
N ASP D 192 21.31 17.94 -38.86
CA ASP D 192 20.45 17.63 -39.99
C ASP D 192 21.26 17.72 -41.27
N ASN D 193 22.04 18.79 -41.38
CA ASN D 193 22.87 19.03 -42.55
C ASN D 193 23.89 17.93 -42.82
N ARG D 194 24.75 17.68 -41.85
CA ARG D 194 25.78 16.67 -42.00
C ARG D 194 25.52 15.50 -41.07
N ARG D 195 24.87 14.45 -41.56
CA ARG D 195 24.56 13.27 -40.74
C ARG D 195 23.49 12.36 -41.33
N LYS D 196 22.88 12.76 -42.44
CA LYS D 196 21.76 12.04 -43.04
C LYS D 196 21.78 10.57 -43.52
N PRO D 197 21.26 9.67 -42.66
CA PRO D 197 20.80 8.41 -42.05
C PRO D 197 20.29 8.70 -40.63
N LYS D 198 19.05 9.16 -40.53
CA LYS D 198 18.44 9.45 -39.25
C LYS D 198 19.14 10.56 -38.45
N PRO D 199 19.05 11.80 -38.93
CA PRO D 199 19.70 12.93 -38.23
C PRO D 199 19.15 13.04 -36.81
N GLY D 200 17.82 13.07 -36.70
CA GLY D 200 17.18 13.18 -35.41
C GLY D 200 17.61 12.14 -34.38
N THR D 201 18.02 10.97 -34.86
CA THR D 201 18.47 9.91 -33.95
C THR D 201 19.85 10.28 -33.42
N ILE D 202 20.76 10.70 -34.30
CA ILE D 202 22.08 11.10 -33.87
C ILE D 202 21.93 12.24 -32.86
N PHE D 203 20.98 13.13 -33.13
CA PHE D 203 20.73 14.25 -32.23
C PHE D 203 20.39 13.75 -30.82
N ALA D 204 19.51 12.76 -30.74
CA ALA D 204 19.12 12.22 -29.46
C ALA D 204 20.29 11.48 -28.81
N LYS D 205 21.06 10.74 -29.60
CA LYS D 205 22.23 10.02 -29.06
C LYS D 205 23.21 10.99 -28.40
N LEU D 206 23.47 12.11 -29.06
CA LEU D 206 24.38 13.11 -28.54
C LEU D 206 23.86 13.69 -27.24
N LEU D 207 22.55 13.94 -27.16
CA LEU D 207 21.98 14.50 -25.93
C LEU D 207 22.02 13.46 -24.80
N SER D 208 21.94 12.18 -25.15
CA SER D 208 21.99 11.14 -24.14
C SER D 208 23.34 11.17 -23.42
N VAL D 209 24.33 11.74 -24.09
CA VAL D 209 25.65 11.86 -23.49
C VAL D 209 25.55 12.72 -22.23
N LEU D 210 24.74 13.78 -22.29
CA LEU D 210 24.57 14.63 -21.13
C LEU D 210 24.11 13.82 -19.93
N THR D 211 23.18 12.90 -20.15
CA THR D 211 22.69 12.16 -19.00
C THR D 211 23.77 11.24 -18.47
N GLU D 212 24.57 10.67 -19.35
CA GLU D 212 25.66 9.80 -18.92
C GLU D 212 26.71 10.61 -18.13
N LEU D 213 26.89 11.88 -18.52
CA LEU D 213 27.83 12.76 -17.84
C LEU D 213 27.44 13.00 -16.38
N ARG D 214 26.16 12.89 -16.05
CA ARG D 214 25.74 13.07 -14.66
C ARG D 214 26.34 11.91 -13.87
N THR D 215 26.37 10.73 -14.48
CA THR D 215 26.95 9.58 -13.80
C THR D 215 28.47 9.70 -13.65
N LEU D 216 29.18 10.00 -14.75
CA LEU D 216 30.64 10.15 -14.67
C LEU D 216 31.01 11.24 -13.66
N GLY D 217 30.28 12.35 -13.71
CA GLY D 217 30.54 13.43 -12.80
C GLY D 217 30.37 13.00 -11.35
N ASN D 218 29.34 12.20 -11.11
CA ASN D 218 29.09 11.75 -9.75
C ASN D 218 30.19 10.79 -9.31
N GLN D 219 30.70 10.01 -10.25
CA GLN D 219 31.77 9.07 -9.96
C GLN D 219 33.04 9.85 -9.60
N ASN D 220 33.29 10.95 -10.31
CA ASN D 220 34.45 11.77 -10.03
C ASN D 220 34.43 12.21 -8.58
N SER D 221 33.25 12.65 -8.11
CA SER D 221 33.10 13.08 -6.73
C SER D 221 33.31 11.92 -5.77
N GLU D 222 32.79 10.75 -6.12
CA GLU D 222 32.97 9.61 -5.25
C GLU D 222 34.46 9.29 -5.11
N MET D 223 35.19 9.32 -6.21
CA MET D 223 36.61 9.04 -6.15
C MET D 223 37.39 10.05 -5.31
N CYS D 224 37.02 11.32 -5.42
CA CYS D 224 37.72 12.35 -4.67
C CYS D 224 37.56 12.10 -3.18
N PHE D 225 36.35 11.74 -2.75
CA PHE D 225 36.12 11.45 -1.36
C PHE D 225 36.95 10.25 -0.96
N SER D 226 37.06 9.27 -1.84
CA SER D 226 37.84 8.07 -1.54
C SER D 226 39.33 8.34 -1.40
N LEU D 227 39.81 9.45 -1.96
CA LEU D 227 41.24 9.77 -1.85
C LEU D 227 41.60 10.01 -0.39
N LYS D 228 40.60 10.39 0.39
CA LYS D 228 40.78 10.64 1.82
C LYS D 228 41.01 9.30 2.55
N LEU D 229 40.38 8.22 2.07
CA LEU D 229 40.58 6.91 2.70
C LEU D 229 42.04 6.60 2.56
N LYS D 230 42.56 6.73 1.35
CA LYS D 230 43.98 6.50 1.11
C LYS D 230 44.50 7.80 1.72
N ASN D 231 45.79 8.07 1.66
CA ASN D 231 46.21 9.31 2.25
C ASN D 231 46.66 10.27 1.18
N LYS D 232 45.83 10.39 0.16
CA LYS D 232 46.10 11.26 -0.97
C LYS D 232 45.34 12.57 -0.79
N LYS D 233 46.03 13.69 -0.97
CA LYS D 233 45.38 14.99 -0.84
C LYS D 233 45.13 15.53 -2.23
N LEU D 234 43.89 15.95 -2.45
CA LEU D 234 43.49 16.51 -3.73
C LEU D 234 43.98 17.97 -3.71
N PRO D 235 44.58 18.44 -4.81
CA PRO D 235 45.05 19.82 -4.85
C PRO D 235 43.90 20.74 -4.43
N PRO D 236 44.19 21.74 -3.59
CA PRO D 236 43.16 22.67 -3.11
C PRO D 236 42.22 23.22 -4.19
N PHE D 237 42.79 23.65 -5.30
CA PHE D 237 42.01 24.20 -6.39
C PHE D 237 40.87 23.28 -6.77
N LEU D 238 41.22 22.02 -7.02
CA LEU D 238 40.26 20.98 -7.40
C LEU D 238 39.27 20.67 -6.27
N ALA D 239 39.78 20.47 -5.07
CA ALA D 239 38.93 20.16 -3.94
C ALA D 239 37.92 21.28 -3.75
N GLU D 240 38.35 22.51 -4.01
CA GLU D 240 37.50 23.67 -3.87
C GLU D 240 36.43 23.76 -4.95
N ILE D 241 36.86 23.89 -6.21
CA ILE D 241 35.93 24.03 -7.30
C ILE D 241 34.88 22.91 -7.34
N TRP D 242 35.27 21.73 -6.92
CA TRP D 242 34.32 20.61 -6.91
C TRP D 242 33.68 20.41 -5.56
N ASP D 243 33.97 21.30 -4.61
CA ASP D 243 33.42 21.20 -3.26
C ASP D 243 33.56 19.78 -2.72
N VAL D 244 34.74 19.20 -2.90
CA VAL D 244 35.01 17.84 -2.46
C VAL D 244 35.27 17.71 -0.96
N ASP D 245 34.72 18.63 -0.19
CA ASP D 245 34.89 18.58 1.26
C ASP D 245 33.50 18.76 1.86
N ASP E 8 3.98 29.39 -75.50
CA ASP E 8 3.53 30.76 -75.89
C ASP E 8 2.04 30.76 -76.22
N MET E 9 1.37 31.87 -75.88
CA MET E 9 -0.08 32.04 -76.08
C MET E 9 -0.52 33.20 -76.97
N PRO E 10 -0.70 32.96 -78.28
CA PRO E 10 -1.13 34.08 -79.13
C PRO E 10 -2.57 34.47 -78.82
N LEU E 11 -2.79 35.68 -78.32
CA LEU E 11 -4.14 36.13 -78.01
C LEU E 11 -5.00 36.15 -79.28
N GLU E 12 -4.33 36.12 -80.42
CA GLU E 12 -4.99 36.14 -81.73
C GLU E 12 -5.54 34.76 -82.01
N ARG E 13 -4.70 33.76 -81.78
CA ARG E 13 -5.05 32.37 -81.99
C ARG E 13 -6.32 32.06 -81.18
N ILE E 14 -6.37 32.59 -79.96
CA ILE E 14 -7.50 32.39 -79.07
C ILE E 14 -8.77 33.11 -79.55
N ILE E 15 -8.63 34.37 -79.94
CA ILE E 15 -9.79 35.12 -80.41
C ILE E 15 -10.33 34.50 -81.67
N GLU E 16 -9.43 33.88 -82.44
CA GLU E 16 -9.78 33.23 -83.69
C GLU E 16 -10.64 31.99 -83.46
N ALA E 17 -10.12 31.09 -82.63
CA ALA E 17 -10.82 29.84 -82.31
C ALA E 17 -12.25 30.10 -81.84
N GLU E 18 -12.46 31.17 -81.09
CA GLU E 18 -13.78 31.48 -80.58
C GLU E 18 -14.60 32.10 -81.71
N LYS E 19 -13.90 32.64 -82.70
CA LYS E 19 -14.56 33.28 -83.84
C LYS E 19 -14.99 32.25 -84.88
N ARG E 20 -14.08 31.34 -85.23
CA ARG E 20 -14.36 30.32 -86.22
C ARG E 20 -15.65 29.57 -85.88
N VAL E 21 -16.04 29.63 -84.62
CA VAL E 21 -17.24 28.97 -84.14
C VAL E 21 -18.32 29.99 -83.81
N GLU E 22 -17.95 31.26 -83.87
CA GLU E 22 -18.87 32.35 -83.58
C GLU E 22 -20.21 32.10 -84.27
N CYS E 23 -21.18 31.60 -83.50
CA CYS E 23 -22.49 31.33 -84.05
C CYS E 23 -23.37 32.55 -83.94
N ASN E 24 -24.20 32.77 -84.96
CA ASN E 24 -25.10 33.92 -84.99
C ASN E 24 -25.93 33.87 -86.27
N ASP E 25 -27.11 33.27 -86.19
CA ASP E 25 -27.96 33.18 -87.36
C ASP E 25 -29.39 33.69 -87.13
N PRO E 26 -30.33 32.83 -86.70
CA PRO E 26 -31.65 33.44 -86.52
C PRO E 26 -31.97 33.82 -85.08
N LEU E 27 -33.00 33.17 -84.55
CA LEU E 27 -33.49 33.37 -83.19
C LEU E 27 -34.80 32.60 -83.16
N VAL E 28 -34.72 31.36 -83.63
CA VAL E 28 -35.86 30.46 -83.72
C VAL E 28 -36.24 29.76 -82.41
N ALA E 29 -37.38 30.13 -81.84
CA ALA E 29 -37.85 29.51 -80.61
C ALA E 29 -38.11 28.03 -80.91
N LEU E 30 -37.81 27.16 -79.96
CA LEU E 30 -38.01 25.73 -80.18
C LEU E 30 -39.47 25.33 -80.11
N VAL E 31 -39.83 24.37 -80.97
CA VAL E 31 -41.19 23.85 -81.05
C VAL E 31 -41.30 22.56 -80.24
N VAL E 32 -42.13 22.56 -79.21
CA VAL E 32 -42.31 21.39 -78.36
C VAL E 32 -43.33 20.38 -78.91
N ASN E 33 -43.05 19.81 -80.08
CA ASN E 33 -43.96 18.85 -80.69
C ASN E 33 -43.25 17.70 -81.39
N GLU E 34 -43.97 16.59 -81.55
CA GLU E 34 -43.42 15.40 -82.20
C GLU E 34 -43.56 15.46 -83.72
N ASN E 35 -43.48 16.67 -84.26
CA ASN E 35 -43.59 16.84 -85.71
C ASN E 35 -42.36 16.32 -86.44
N ASN E 36 -41.66 15.37 -85.83
CA ASN E 36 -40.44 14.78 -86.38
C ASN E 36 -39.58 15.81 -87.12
N THR E 37 -39.79 17.07 -86.78
CA THR E 37 -39.04 18.18 -87.37
C THR E 37 -38.24 18.80 -86.25
N THR E 38 -38.90 19.04 -85.11
CA THR E 38 -38.26 19.61 -83.94
C THR E 38 -37.16 18.63 -83.55
N VAL E 39 -37.39 17.34 -83.80
CA VAL E 39 -36.43 16.31 -83.50
C VAL E 39 -35.16 16.54 -84.32
N ASN E 40 -35.31 17.20 -85.45
CA ASN E 40 -34.18 17.50 -86.32
C ASN E 40 -33.60 18.86 -85.99
N ASN E 41 -34.45 19.79 -85.54
CA ASN E 41 -33.98 21.12 -85.17
C ASN E 41 -33.11 20.96 -83.93
N ILE E 42 -33.54 20.07 -83.04
CA ILE E 42 -32.80 19.78 -81.82
C ILE E 42 -31.55 19.00 -82.21
N CYS E 43 -31.75 17.95 -82.99
CA CYS E 43 -30.65 17.11 -83.43
C CYS E 43 -29.60 17.92 -84.17
N GLN E 44 -30.05 18.88 -84.96
CA GLN E 44 -29.14 19.73 -85.72
C GLN E 44 -28.36 20.64 -84.77
N ALA E 45 -29.08 21.29 -83.87
CA ALA E 45 -28.47 22.18 -82.89
C ALA E 45 -27.39 21.43 -82.14
N THR E 46 -27.71 20.20 -81.77
CA THR E 46 -26.78 19.34 -81.05
C THR E 46 -25.52 19.10 -81.85
N HIS E 47 -25.67 18.44 -83.00
CA HIS E 47 -24.53 18.13 -83.86
C HIS E 47 -23.62 19.34 -84.08
N LYS E 48 -24.21 20.49 -84.37
CA LYS E 48 -23.41 21.68 -84.60
C LYS E 48 -22.68 22.08 -83.33
N GLN E 49 -23.40 22.08 -82.21
CA GLN E 49 -22.82 22.45 -80.92
C GLN E 49 -21.62 21.59 -80.56
N LEU E 50 -21.77 20.28 -80.70
CA LEU E 50 -20.69 19.36 -80.36
C LEU E 50 -19.54 19.39 -81.35
N PHE E 51 -19.85 19.67 -82.61
CA PHE E 51 -18.78 19.75 -83.61
C PHE E 51 -17.97 21.00 -83.32
N GLN E 52 -18.67 22.09 -83.03
CA GLN E 52 -18.02 23.35 -82.72
C GLN E 52 -17.16 23.23 -81.46
N LEU E 53 -17.55 22.33 -80.55
CA LEU E 53 -16.81 22.11 -79.33
C LEU E 53 -15.42 21.59 -79.67
N VAL E 54 -15.35 20.51 -80.44
CA VAL E 54 -14.06 19.95 -80.83
C VAL E 54 -13.36 20.85 -81.81
N GLN E 55 -14.12 21.46 -82.71
CA GLN E 55 -13.56 22.37 -83.71
C GLN E 55 -12.83 23.50 -82.98
N TRP E 56 -13.46 23.99 -81.92
CA TRP E 56 -12.92 25.06 -81.11
C TRP E 56 -11.62 24.63 -80.41
N ALA E 57 -11.68 23.48 -79.75
CA ALA E 57 -10.53 22.96 -79.02
C ALA E 57 -9.27 22.83 -79.89
N LYS E 58 -9.46 22.35 -81.12
CA LYS E 58 -8.34 22.15 -82.04
C LYS E 58 -7.72 23.48 -82.46
N LEU E 59 -8.50 24.54 -82.45
CA LEU E 59 -8.02 25.87 -82.82
C LEU E 59 -7.31 26.57 -81.66
N VAL E 60 -7.34 25.97 -80.48
CA VAL E 60 -6.69 26.57 -79.32
C VAL E 60 -5.21 26.22 -79.34
N PRO E 61 -4.34 27.22 -79.20
CA PRO E 61 -2.89 27.06 -79.19
C PRO E 61 -2.33 25.84 -78.47
N HIS E 62 -1.66 24.98 -79.23
CA HIS E 62 -0.99 23.78 -78.71
C HIS E 62 -1.88 22.64 -78.23
N PHE E 63 -3.19 22.75 -78.43
CA PHE E 63 -4.06 21.67 -77.96
C PHE E 63 -3.76 20.38 -78.71
N THR E 64 -3.67 20.49 -80.03
CA THR E 64 -3.40 19.32 -80.87
C THR E 64 -1.99 18.78 -80.66
N SER E 65 -1.17 19.55 -79.97
CA SER E 65 0.21 19.14 -79.68
C SER E 65 0.24 18.25 -78.45
N LEU E 66 -0.93 18.04 -77.85
CA LEU E 66 -1.02 17.18 -76.68
C LEU E 66 -1.27 15.75 -77.11
N PRO E 67 -0.88 14.79 -76.26
CA PRO E 67 -1.10 13.37 -76.59
C PRO E 67 -2.58 13.14 -76.88
N LEU E 68 -2.88 12.40 -77.94
CA LEU E 68 -4.27 12.12 -78.30
C LEU E 68 -5.15 11.76 -77.09
N THR E 69 -4.68 10.83 -76.28
CA THR E 69 -5.44 10.41 -75.10
C THR E 69 -5.77 11.59 -74.19
N ASP E 70 -4.80 12.51 -74.06
CA ASP E 70 -4.95 13.68 -73.22
C ASP E 70 -5.96 14.71 -73.74
N GLN E 71 -6.02 14.89 -75.06
CA GLN E 71 -6.96 15.85 -75.57
C GLN E 71 -8.37 15.27 -75.51
N VAL E 72 -8.47 13.96 -75.37
CA VAL E 72 -9.76 13.32 -75.28
C VAL E 72 -10.24 13.52 -73.85
N GLN E 73 -9.35 13.26 -72.91
CA GLN E 73 -9.68 13.40 -71.50
C GLN E 73 -10.05 14.83 -71.15
N LEU E 74 -9.30 15.77 -71.68
CA LEU E 74 -9.56 17.18 -71.42
C LEU E 74 -10.93 17.64 -71.91
N LEU E 75 -11.37 17.12 -73.06
CA LEU E 75 -12.66 17.50 -73.61
C LEU E 75 -13.80 16.81 -72.87
N ARG E 76 -13.57 15.55 -72.52
CA ARG E 76 -14.58 14.79 -71.80
C ARG E 76 -14.84 15.44 -70.45
N ALA E 77 -13.77 15.89 -69.80
CA ALA E 77 -13.88 16.52 -68.49
C ALA E 77 -14.50 17.91 -68.57
N GLY E 78 -14.04 18.73 -69.51
CA GLY E 78 -14.53 20.08 -69.65
C GLY E 78 -15.83 20.25 -70.41
N TRP E 79 -16.22 19.19 -71.12
CA TRP E 79 -17.45 19.16 -71.92
C TRP E 79 -18.56 20.08 -71.43
N ASN E 80 -19.21 19.71 -70.33
CA ASN E 80 -20.31 20.54 -69.83
C ASN E 80 -19.99 22.00 -69.51
N GLU E 81 -18.91 22.25 -68.77
CA GLU E 81 -18.57 23.61 -68.45
C GLU E 81 -18.36 24.40 -69.74
N LEU E 82 -17.62 23.80 -70.68
CA LEU E 82 -17.32 24.44 -71.95
C LEU E 82 -18.61 24.79 -72.70
N LEU E 83 -19.53 23.83 -72.78
CA LEU E 83 -20.79 24.09 -73.47
C LEU E 83 -21.64 25.12 -72.73
N ILE E 84 -21.78 24.97 -71.42
CA ILE E 84 -22.60 25.90 -70.67
C ILE E 84 -22.06 27.32 -70.85
N ALA E 85 -20.74 27.46 -70.85
CA ALA E 85 -20.13 28.78 -71.02
C ALA E 85 -20.51 29.30 -72.41
N ALA E 86 -20.35 28.43 -73.41
CA ALA E 86 -20.67 28.80 -74.79
C ALA E 86 -22.09 29.30 -74.99
N PHE E 87 -23.09 28.48 -74.68
CA PHE E 87 -24.46 28.91 -74.88
C PHE E 87 -24.91 29.95 -73.88
N SER E 88 -24.15 30.16 -72.82
CA SER E 88 -24.53 31.18 -71.86
C SER E 88 -24.16 32.55 -72.41
N HIS E 89 -22.97 32.63 -73.00
CA HIS E 89 -22.49 33.88 -73.56
C HIS E 89 -23.30 34.33 -74.76
N ARG E 90 -23.64 33.42 -75.66
CA ARG E 90 -24.44 33.83 -76.81
C ARG E 90 -25.93 33.85 -76.47
N SER E 91 -26.24 33.90 -75.17
CA SER E 91 -27.63 33.96 -74.76
C SER E 91 -27.87 35.34 -74.20
N MET E 92 -26.86 36.19 -74.32
CA MET E 92 -26.95 37.56 -73.83
C MET E 92 -27.98 38.35 -74.61
N GLN E 93 -28.12 38.05 -75.90
CA GLN E 93 -29.10 38.75 -76.74
C GLN E 93 -30.52 38.33 -76.37
N ALA E 94 -30.74 37.01 -76.26
CA ALA E 94 -32.05 36.49 -75.93
C ALA E 94 -32.60 37.25 -74.72
N GLN E 95 -33.87 37.64 -74.81
CA GLN E 95 -34.53 38.36 -73.73
C GLN E 95 -34.56 37.51 -72.48
N ASP E 96 -35.25 36.38 -72.55
CA ASP E 96 -35.37 35.48 -71.42
C ASP E 96 -35.30 34.04 -71.92
N ALA E 97 -34.13 33.62 -72.36
CA ALA E 97 -33.99 32.26 -72.86
C ALA E 97 -32.54 31.90 -73.20
N ILE E 98 -32.31 30.63 -73.52
CA ILE E 98 -30.99 30.13 -73.87
C ILE E 98 -30.89 29.92 -75.39
N VAL E 99 -29.78 30.38 -75.96
CA VAL E 99 -29.53 30.27 -77.39
C VAL E 99 -28.55 29.16 -77.76
N LEU E 100 -29.00 28.20 -78.54
CA LEU E 100 -28.16 27.10 -78.97
C LEU E 100 -27.42 27.42 -80.28
N ALA E 101 -26.73 26.44 -80.85
CA ALA E 101 -25.97 26.64 -82.08
C ALA E 101 -26.84 26.84 -83.33
N THR E 102 -27.84 25.99 -83.50
CA THR E 102 -28.75 26.10 -84.63
C THR E 102 -29.36 27.49 -84.66
N GLY E 103 -29.14 28.25 -83.59
CA GLY E 103 -29.73 29.57 -83.51
C GLY E 103 -31.03 29.31 -82.78
N LEU E 104 -31.32 28.02 -82.62
CA LEU E 104 -32.51 27.54 -81.93
C LEU E 104 -32.43 27.99 -80.48
N THR E 105 -33.55 28.44 -79.91
CA THR E 105 -33.56 28.90 -78.52
C THR E 105 -34.51 28.11 -77.64
N VAL E 106 -34.17 28.00 -76.36
CA VAL E 106 -34.98 27.27 -75.40
C VAL E 106 -35.44 28.18 -74.27
N ASN E 107 -36.55 27.79 -73.63
CA ASN E 107 -37.11 28.57 -72.55
C ASN E 107 -37.55 27.68 -71.39
N LYS E 108 -37.76 28.30 -70.24
CA LYS E 108 -38.17 27.61 -69.02
C LYS E 108 -39.11 26.42 -69.25
N SER E 109 -40.07 26.59 -70.14
CA SER E 109 -41.02 25.52 -70.43
C SER E 109 -40.54 24.55 -71.51
N THR E 110 -39.83 25.08 -72.51
CA THR E 110 -39.32 24.26 -73.59
C THR E 110 -37.88 23.84 -73.31
N ALA E 111 -37.58 23.58 -72.04
CA ALA E 111 -36.23 23.21 -71.65
C ALA E 111 -35.91 21.72 -71.51
N HIS E 112 -36.87 20.91 -71.07
CA HIS E 112 -36.59 19.48 -70.91
C HIS E 112 -35.80 18.94 -72.09
N ALA E 113 -36.44 18.76 -73.25
CA ALA E 113 -35.71 18.27 -74.41
C ALA E 113 -34.53 19.21 -74.55
N VAL E 114 -33.41 18.69 -75.03
CA VAL E 114 -32.20 19.49 -75.17
C VAL E 114 -31.49 19.53 -73.81
N GLY E 115 -31.69 18.48 -73.02
CA GLY E 115 -31.07 18.43 -71.71
C GLY E 115 -31.42 19.68 -70.94
N VAL E 116 -30.48 20.21 -70.19
CA VAL E 116 -30.74 21.43 -69.41
C VAL E 116 -32.01 21.17 -68.64
N GLY E 117 -32.72 22.22 -68.26
CA GLY E 117 -33.94 22.01 -67.51
C GLY E 117 -33.81 22.56 -66.11
N ASN E 118 -33.11 21.85 -65.24
CA ASN E 118 -32.96 22.33 -63.88
C ASN E 118 -31.70 23.16 -63.65
N ILE E 119 -31.01 23.50 -64.73
CA ILE E 119 -29.84 24.34 -64.59
C ILE E 119 -30.25 25.65 -65.24
N TYR E 120 -31.44 25.63 -65.83
CA TYR E 120 -31.98 26.80 -66.52
C TYR E 120 -32.03 28.08 -65.70
N ASP E 121 -32.79 28.08 -64.62
CA ASP E 121 -32.90 29.27 -63.79
C ASP E 121 -31.52 29.76 -63.37
N ARG E 122 -30.70 28.84 -62.89
CA ARG E 122 -29.37 29.18 -62.42
C ARG E 122 -28.46 29.67 -63.54
N VAL E 123 -28.53 29.03 -64.70
CA VAL E 123 -27.70 29.43 -65.82
C VAL E 123 -27.96 30.90 -66.16
N LEU E 124 -29.25 31.23 -66.28
CA LEU E 124 -29.69 32.58 -66.61
C LEU E 124 -29.30 33.62 -65.57
N SER E 125 -29.56 33.32 -64.31
CA SER E 125 -29.25 34.26 -63.24
C SER E 125 -27.78 34.41 -62.81
N GLU E 126 -27.01 33.33 -62.84
CA GLU E 126 -25.61 33.44 -62.41
C GLU E 126 -24.59 33.59 -63.54
N LEU E 127 -25.00 33.27 -64.76
CA LEU E 127 -24.10 33.38 -65.90
C LEU E 127 -24.57 34.43 -66.92
N VAL E 128 -25.67 34.15 -67.60
CA VAL E 128 -26.21 35.06 -68.60
C VAL E 128 -26.32 36.50 -68.09
N ASN E 129 -27.13 36.73 -67.05
CA ASN E 129 -27.29 38.07 -66.51
C ASN E 129 -25.98 38.67 -66.08
N LYS E 130 -25.15 37.87 -65.43
CA LYS E 130 -23.87 38.36 -64.97
C LYS E 130 -23.00 38.79 -66.16
N MET E 131 -22.92 37.95 -67.18
CA MET E 131 -22.11 38.26 -68.36
C MET E 131 -22.68 39.48 -69.07
N LYS E 132 -23.99 39.58 -69.06
CA LYS E 132 -24.70 40.67 -69.69
C LYS E 132 -24.36 42.01 -69.01
N GLU E 133 -24.57 42.09 -67.70
CA GLU E 133 -24.30 43.33 -66.97
C GLU E 133 -22.81 43.64 -66.84
N MET E 134 -21.98 42.73 -67.30
CA MET E 134 -20.53 42.88 -67.21
C MET E 134 -19.94 43.16 -68.58
N LYS E 135 -20.77 43.01 -69.61
CA LYS E 135 -20.34 43.23 -70.98
C LYS E 135 -19.14 42.34 -71.30
N MET E 136 -19.24 41.06 -70.96
CA MET E 136 -18.16 40.12 -71.24
C MET E 136 -18.05 39.94 -72.75
N ASP E 137 -16.86 40.13 -73.30
CA ASP E 137 -16.67 39.98 -74.74
C ASP E 137 -16.08 38.64 -75.14
N LYS E 138 -16.29 38.27 -76.41
CA LYS E 138 -15.81 37.01 -76.93
C LYS E 138 -14.34 36.70 -76.63
N THR E 139 -13.50 37.72 -76.47
CA THR E 139 -12.09 37.46 -76.19
C THR E 139 -11.93 36.92 -74.78
N GLU E 140 -12.70 37.51 -73.86
CA GLU E 140 -12.69 37.12 -72.46
C GLU E 140 -13.24 35.71 -72.35
N LEU E 141 -14.37 35.50 -73.01
CA LEU E 141 -15.00 34.20 -73.02
C LEU E 141 -13.99 33.19 -73.54
N GLY E 142 -13.36 33.53 -74.66
CA GLY E 142 -12.40 32.63 -75.24
C GLY E 142 -11.32 32.22 -74.27
N CYS E 143 -10.84 33.19 -73.51
CA CYS E 143 -9.79 32.87 -72.54
C CYS E 143 -10.30 31.99 -71.42
N LEU E 144 -11.48 32.31 -70.90
CA LEU E 144 -12.05 31.53 -69.80
C LEU E 144 -12.29 30.09 -70.23
N ARG E 145 -12.87 29.90 -71.41
CA ARG E 145 -13.13 28.55 -71.88
C ARG E 145 -11.80 27.80 -72.06
N ALA E 146 -10.77 28.50 -72.53
CA ALA E 146 -9.48 27.87 -72.71
C ALA E 146 -8.94 27.49 -71.34
N ILE E 147 -9.21 28.34 -70.35
CA ILE E 147 -8.76 28.06 -68.99
C ILE E 147 -9.45 26.79 -68.51
N ILE E 148 -10.74 26.71 -68.75
CA ILE E 148 -11.53 25.57 -68.37
C ILE E 148 -10.98 24.31 -69.01
N LEU E 149 -10.61 24.43 -70.28
CA LEU E 149 -10.06 23.31 -71.05
C LEU E 149 -8.72 22.81 -70.50
N TYR E 150 -7.80 23.73 -70.22
CA TYR E 150 -6.49 23.35 -69.71
C TYR E 150 -6.49 23.17 -68.19
N ASN E 151 -7.23 22.16 -67.74
CA ASN E 151 -7.32 21.86 -66.32
C ASN E 151 -6.29 20.76 -66.07
N PRO E 152 -5.12 21.13 -65.55
CA PRO E 152 -4.04 20.18 -65.27
C PRO E 152 -4.44 19.14 -64.21
N ASP E 153 -5.56 19.37 -63.53
CA ASP E 153 -6.00 18.46 -62.50
C ASP E 153 -6.98 17.40 -62.96
N VAL E 154 -7.39 17.47 -64.23
CA VAL E 154 -8.30 16.48 -64.78
C VAL E 154 -7.58 15.14 -64.66
N ARG E 155 -8.30 14.11 -64.22
CA ARG E 155 -7.67 12.83 -64.02
C ARG E 155 -7.36 12.02 -65.28
N GLY E 156 -6.28 11.26 -65.21
CA GLY E 156 -5.86 10.44 -66.31
C GLY E 156 -4.98 11.19 -67.29
N ILE E 157 -4.74 12.47 -67.02
CA ILE E 157 -3.95 13.29 -67.90
C ILE E 157 -2.46 13.00 -67.76
N LYS E 158 -1.77 12.88 -68.88
CA LYS E 158 -0.33 12.61 -68.90
C LYS E 158 0.50 13.88 -68.85
N SER E 159 0.30 14.73 -69.84
CA SER E 159 1.02 15.99 -69.97
C SER E 159 0.58 17.03 -68.93
N VAL E 160 0.55 16.62 -67.67
CA VAL E 160 0.14 17.49 -66.57
C VAL E 160 0.83 18.85 -66.59
N GLN E 161 2.13 18.83 -66.30
CA GLN E 161 2.92 20.05 -66.28
C GLN E 161 2.79 20.86 -67.57
N GLU E 162 2.69 20.15 -68.69
CA GLU E 162 2.53 20.82 -69.98
C GLU E 162 1.25 21.63 -69.98
N VAL E 163 0.18 21.03 -69.45
CA VAL E 163 -1.12 21.68 -69.37
C VAL E 163 -1.13 22.83 -68.37
N GLU E 164 -0.51 22.61 -67.21
CA GLU E 164 -0.44 23.65 -66.19
C GLU E 164 0.17 24.92 -66.78
N MET E 165 1.27 24.75 -67.53
CA MET E 165 1.96 25.88 -68.14
C MET E 165 1.11 26.59 -69.19
N LEU E 166 0.41 25.81 -70.01
CA LEU E 166 -0.44 26.40 -71.03
C LEU E 166 -1.55 27.23 -70.37
N ARG E 167 -2.05 26.75 -69.25
CA ARG E 167 -3.10 27.46 -68.55
C ARG E 167 -2.56 28.78 -67.99
N GLU E 168 -1.39 28.71 -67.35
CA GLU E 168 -0.79 29.91 -66.78
C GLU E 168 -0.58 30.98 -67.83
N LYS E 169 -0.21 30.55 -69.04
CA LYS E 169 0.00 31.50 -70.11
C LYS E 169 -1.32 32.21 -70.46
N ILE E 170 -2.41 31.47 -70.40
CA ILE E 170 -3.73 32.04 -70.70
C ILE E 170 -4.12 33.02 -69.61
N TYR E 171 -3.69 32.77 -68.38
CA TYR E 171 -4.01 33.69 -67.29
C TYR E 171 -3.33 35.01 -67.66
N GLY E 172 -2.04 34.92 -67.96
CA GLY E 172 -1.27 36.10 -68.33
C GLY E 172 -1.88 36.86 -69.48
N VAL E 173 -2.29 36.15 -70.52
CA VAL E 173 -2.91 36.80 -71.68
C VAL E 173 -4.17 37.55 -71.28
N LEU E 174 -5.07 36.86 -70.56
CA LEU E 174 -6.31 37.49 -70.14
C LEU E 174 -6.03 38.61 -69.14
N GLU E 175 -5.04 38.41 -68.29
CA GLU E 175 -4.66 39.43 -67.32
C GLU E 175 -4.24 40.68 -68.08
N GLU E 176 -3.36 40.49 -69.06
CA GLU E 176 -2.86 41.57 -69.88
C GLU E 176 -3.97 42.21 -70.71
N TYR E 177 -4.79 41.37 -71.33
CA TYR E 177 -5.88 41.87 -72.15
C TYR E 177 -6.81 42.80 -71.39
N THR E 178 -7.16 42.42 -70.16
CA THR E 178 -8.08 43.24 -69.39
C THR E 178 -7.49 44.56 -68.90
N ARG E 179 -6.21 44.54 -68.53
CA ARG E 179 -5.59 45.78 -68.06
C ARG E 179 -5.60 46.83 -69.16
N THR E 180 -5.32 46.41 -70.40
CA THR E 180 -5.29 47.34 -71.52
C THR E 180 -6.66 47.68 -72.11
N THR E 181 -7.63 46.80 -71.95
CA THR E 181 -8.96 47.05 -72.48
C THR E 181 -9.86 47.80 -71.49
N HIS E 182 -9.56 47.67 -70.20
CA HIS E 182 -10.32 48.34 -69.16
C HIS E 182 -9.37 48.83 -68.08
N PRO E 183 -8.53 49.81 -68.39
CA PRO E 183 -7.58 50.33 -67.38
C PRO E 183 -8.38 51.03 -66.29
N ASN E 184 -9.65 51.23 -66.59
CA ASN E 184 -10.61 51.89 -65.72
C ASN E 184 -11.29 50.94 -64.71
N GLU E 185 -11.23 49.64 -64.99
CA GLU E 185 -11.86 48.62 -64.14
C GLU E 185 -10.83 47.58 -63.64
N PRO E 186 -10.14 47.88 -62.53
CA PRO E 186 -9.13 47.00 -61.95
C PRO E 186 -9.64 45.60 -61.59
N GLY E 187 -10.84 45.54 -61.02
CA GLY E 187 -11.41 44.26 -60.64
C GLY E 187 -11.81 43.37 -61.81
N ARG E 188 -11.88 43.95 -63.01
CA ARG E 188 -12.25 43.24 -64.22
C ARG E 188 -11.68 41.83 -64.30
N PHE E 189 -10.36 41.70 -64.11
CA PHE E 189 -9.71 40.40 -64.16
C PHE E 189 -10.32 39.39 -63.19
N ALA E 190 -10.35 39.74 -61.90
CA ALA E 190 -10.93 38.88 -60.88
C ALA E 190 -12.41 38.65 -61.16
N LYS E 191 -13.13 39.70 -61.54
CA LYS E 191 -14.54 39.56 -61.83
C LYS E 191 -14.81 38.51 -62.92
N LEU E 192 -13.90 38.43 -63.88
CA LEU E 192 -14.01 37.45 -64.97
C LEU E 192 -13.81 36.03 -64.43
N LEU E 193 -12.69 35.85 -63.73
CA LEU E 193 -12.33 34.55 -63.15
C LEU E 193 -13.36 34.02 -62.15
N LEU E 194 -14.04 34.91 -61.44
CA LEU E 194 -15.01 34.46 -60.47
C LEU E 194 -16.29 33.90 -61.10
N ARG E 195 -16.33 33.83 -62.42
CA ARG E 195 -17.49 33.25 -63.08
C ARG E 195 -17.24 31.75 -63.17
N LEU E 196 -15.98 31.35 -63.03
CA LEU E 196 -15.64 29.94 -63.10
C LEU E 196 -16.21 29.08 -61.98
N PRO E 197 -16.28 29.60 -60.74
CA PRO E 197 -16.84 28.75 -59.68
C PRO E 197 -18.33 28.50 -59.92
N ALA E 198 -19.02 29.55 -60.32
CA ALA E 198 -20.44 29.44 -60.61
C ALA E 198 -20.64 28.43 -61.74
N LEU E 199 -19.78 28.52 -62.75
CA LEU E 199 -19.84 27.63 -63.90
C LEU E 199 -19.59 26.19 -63.46
N ARG E 200 -18.61 25.97 -62.57
CA ARG E 200 -18.30 24.63 -62.09
C ARG E 200 -19.52 24.08 -61.32
N SER E 201 -20.09 24.91 -60.45
CA SER E 201 -21.25 24.49 -59.68
C SER E 201 -22.40 24.01 -60.57
N ILE E 202 -22.73 24.83 -61.58
CA ILE E 202 -23.80 24.46 -62.47
C ILE E 202 -23.47 23.17 -63.21
N GLY E 203 -22.23 23.03 -63.65
CA GLY E 203 -21.84 21.83 -64.37
C GLY E 203 -22.01 20.61 -63.50
N LEU E 204 -21.69 20.75 -62.21
CA LEU E 204 -21.80 19.65 -61.26
C LEU E 204 -23.25 19.16 -61.16
N LYS E 205 -24.19 20.04 -61.48
CA LYS E 205 -25.60 19.66 -61.42
C LYS E 205 -26.04 18.83 -62.61
N CYS E 206 -25.15 18.63 -63.58
CA CYS E 206 -25.54 17.88 -64.78
C CYS E 206 -25.71 16.37 -64.71
N LEU E 207 -24.65 15.63 -64.38
CA LEU E 207 -24.74 14.16 -64.26
C LEU E 207 -24.48 13.37 -65.53
N GLU E 208 -24.58 14.03 -66.68
CA GLU E 208 -24.31 13.38 -67.95
C GLU E 208 -23.79 14.46 -68.87
N HIS E 209 -23.10 14.06 -69.94
CA HIS E 209 -22.58 15.05 -70.88
C HIS E 209 -23.73 15.64 -71.66
N LEU E 210 -23.94 16.95 -71.52
CA LEU E 210 -25.04 17.62 -72.21
C LEU E 210 -25.13 17.32 -73.70
N PHE E 211 -26.37 17.20 -74.19
CA PHE E 211 -26.68 16.94 -75.59
C PHE E 211 -26.10 15.66 -76.22
N PHE E 212 -25.48 14.79 -75.44
CA PHE E 212 -24.88 13.60 -76.03
C PHE E 212 -25.88 12.57 -76.53
N PHE E 213 -27.13 12.68 -76.08
CA PHE E 213 -28.12 11.69 -76.49
C PHE E 213 -29.03 12.07 -77.62
N LYS E 214 -28.95 13.33 -78.04
CA LYS E 214 -29.75 13.79 -79.16
C LYS E 214 -28.90 13.48 -80.40
N LEU E 215 -27.73 12.90 -80.16
CA LEU E 215 -26.84 12.51 -81.24
C LEU E 215 -27.36 11.25 -81.90
N ILE E 216 -27.00 11.08 -83.17
CA ILE E 216 -27.45 9.93 -83.95
C ILE E 216 -26.71 8.65 -83.60
N GLY E 217 -27.45 7.54 -83.57
CA GLY E 217 -26.88 6.25 -83.27
C GLY E 217 -26.14 6.17 -81.95
N ASP E 218 -25.51 5.03 -81.71
CA ASP E 218 -24.75 4.80 -80.49
C ASP E 218 -23.25 4.83 -80.76
N VAL E 219 -22.49 5.33 -79.80
CA VAL E 219 -21.04 5.43 -79.91
C VAL E 219 -20.51 6.04 -78.61
N PRO E 220 -19.66 5.30 -77.88
CA PRO E 220 -19.10 5.80 -76.62
C PRO E 220 -18.45 7.17 -76.70
N ILE E 221 -18.57 7.95 -75.63
CA ILE E 221 -18.02 9.29 -75.55
C ILE E 221 -16.58 9.37 -76.00
N ASP E 222 -15.71 8.56 -75.40
CA ASP E 222 -14.30 8.58 -75.77
C ASP E 222 -14.06 8.33 -77.25
N THR E 223 -14.98 7.58 -77.88
CA THR E 223 -14.88 7.27 -79.30
C THR E 223 -15.36 8.45 -80.15
N PHE E 224 -16.52 8.99 -79.81
CA PHE E 224 -17.06 10.14 -80.53
C PHE E 224 -15.98 11.22 -80.56
N LEU E 225 -15.35 11.44 -79.42
CA LEU E 225 -14.30 12.44 -79.33
C LEU E 225 -13.08 12.03 -80.15
N MET E 226 -12.59 10.82 -79.90
CA MET E 226 -11.42 10.30 -80.61
C MET E 226 -11.49 10.52 -82.12
N GLU E 227 -12.64 10.26 -82.72
CA GLU E 227 -12.77 10.43 -84.16
C GLU E 227 -13.00 11.88 -84.56
N MET E 228 -13.68 12.65 -83.72
CA MET E 228 -13.93 14.04 -84.02
C MET E 228 -12.60 14.81 -84.02
N LEU E 229 -11.69 14.38 -83.16
CA LEU E 229 -10.39 15.01 -83.06
C LEU E 229 -9.49 14.60 -84.21
N GLU E 230 -10.00 13.76 -85.10
CA GLU E 230 -9.20 13.32 -86.26
C GLU E 230 -9.38 14.28 -87.43
N GLY E 231 -10.00 13.80 -88.51
CA GLY E 231 -10.21 14.66 -89.67
C GLY E 231 -11.42 15.56 -89.56
N THR E 232 -11.74 16.26 -90.65
CA THR E 232 -12.89 17.16 -90.67
C THR E 232 -14.21 16.38 -90.72
N ILE F 10 2.19 47.54 -52.08
CA ILE F 10 1.01 47.36 -51.19
C ILE F 10 0.47 48.72 -50.76
N SER F 11 -0.33 48.72 -49.69
CA SER F 11 -0.91 49.96 -49.21
C SER F 11 -1.15 49.98 -47.70
N PRO F 12 -0.73 51.08 -47.02
CA PRO F 12 -0.91 51.21 -45.56
C PRO F 12 -2.40 51.32 -45.30
N GLU F 13 -3.00 50.18 -45.02
CA GLU F 13 -4.43 50.05 -44.76
C GLU F 13 -4.72 48.60 -45.14
N GLN F 14 -4.14 48.18 -46.27
CA GLN F 14 -4.29 46.82 -46.73
C GLN F 14 -3.43 45.95 -45.83
N GLU F 15 -2.26 46.44 -45.47
CA GLU F 15 -1.38 45.67 -44.58
C GLU F 15 -2.09 45.53 -43.24
N GLU F 16 -2.86 46.56 -42.89
CA GLU F 16 -3.61 46.54 -41.65
C GLU F 16 -4.66 45.44 -41.74
N LEU F 17 -5.43 45.45 -42.82
CA LEU F 17 -6.46 44.45 -43.06
C LEU F 17 -5.87 43.05 -43.01
N ILE F 18 -4.71 42.88 -43.65
CA ILE F 18 -4.05 41.58 -43.68
C ILE F 18 -3.51 41.19 -42.31
N HIS F 19 -3.03 42.17 -41.55
CA HIS F 19 -2.51 41.90 -40.21
C HIS F 19 -3.67 41.35 -39.39
N ARG F 20 -4.81 42.01 -39.54
CA ARG F 20 -6.01 41.65 -38.83
C ARG F 20 -6.45 40.23 -39.21
N LEU F 21 -6.55 39.95 -40.51
CA LEU F 21 -6.96 38.62 -40.94
C LEU F 21 -6.03 37.52 -40.44
N VAL F 22 -4.71 37.71 -40.59
CA VAL F 22 -3.77 36.72 -40.11
C VAL F 22 -3.99 36.46 -38.63
N TYR F 23 -4.27 37.53 -37.88
CA TYR F 23 -4.51 37.44 -36.44
C TYR F 23 -5.75 36.60 -36.17
N PHE F 24 -6.85 36.94 -36.79
CA PHE F 24 -8.08 36.21 -36.59
C PHE F 24 -7.87 34.76 -36.98
N GLN F 25 -7.10 34.55 -38.04
CA GLN F 25 -6.85 33.18 -38.50
C GLN F 25 -6.14 32.39 -37.42
N ASN F 26 -5.17 33.02 -36.78
CA ASN F 26 -4.42 32.38 -35.71
C ASN F 26 -5.29 32.18 -34.46
N GLU F 27 -6.11 33.17 -34.15
CA GLU F 27 -6.99 33.13 -32.98
C GLU F 27 -7.96 31.97 -33.03
N TYR F 28 -8.40 31.60 -34.21
CA TYR F 28 -9.38 30.54 -34.32
C TYR F 28 -8.92 29.29 -35.04
N GLU F 29 -7.61 29.11 -35.15
CA GLU F 29 -7.09 27.94 -35.84
C GLU F 29 -7.59 26.63 -35.23
N HIS F 30 -7.32 26.42 -33.94
CA HIS F 30 -7.75 25.19 -33.28
C HIS F 30 -8.72 25.44 -32.13
N PRO F 31 -9.48 24.40 -31.71
CA PRO F 31 -10.45 24.50 -30.63
C PRO F 31 -9.86 24.43 -29.21
N SER F 32 -10.71 24.66 -28.23
CA SER F 32 -10.34 24.66 -26.81
C SER F 32 -9.87 23.33 -26.28
N GLU F 33 -8.94 23.37 -25.34
CA GLU F 33 -8.42 22.15 -24.70
C GLU F 33 -9.60 21.43 -24.09
N GLU F 34 -10.49 22.19 -23.46
CA GLU F 34 -11.66 21.63 -22.81
C GLU F 34 -12.61 20.98 -23.81
N ASP F 35 -12.97 21.70 -24.86
CA ASP F 35 -13.88 21.17 -25.86
C ASP F 35 -13.37 19.89 -26.50
N VAL F 36 -12.06 19.83 -26.74
CA VAL F 36 -11.46 18.66 -27.35
C VAL F 36 -11.48 17.46 -26.42
N LYS F 37 -10.94 17.63 -25.21
CA LYS F 37 -10.92 16.54 -24.25
C LYS F 37 -12.33 16.07 -23.99
N ARG F 38 -13.27 17.00 -23.99
CA ARG F 38 -14.67 16.70 -23.75
C ARG F 38 -15.24 15.74 -24.80
N ILE F 39 -14.48 15.46 -25.86
CA ILE F 39 -14.94 14.55 -26.90
C ILE F 39 -14.60 13.10 -26.62
N ILE F 40 -13.31 12.78 -26.59
CA ILE F 40 -12.91 11.39 -26.34
C ILE F 40 -13.18 10.98 -24.90
N ASN F 41 -14.37 10.42 -24.68
CA ASN F 41 -14.79 9.98 -23.37
C ASN F 41 -15.46 8.62 -23.44
N ASP F 45 -15.57 3.83 -26.25
CA ASP F 45 -16.78 3.85 -25.42
C ASP F 45 -17.95 3.16 -26.12
N GLY F 46 -18.84 2.55 -25.33
CA GLY F 46 -20.01 1.88 -25.86
C GLY F 46 -19.87 0.96 -27.06
N GLU F 47 -19.68 1.55 -28.25
CA GLU F 47 -19.57 0.80 -29.51
C GLU F 47 -18.12 0.49 -29.91
N ASP F 48 -17.97 -0.24 -31.01
CA ASP F 48 -16.66 -0.66 -31.53
C ASP F 48 -15.76 0.44 -32.07
N GLN F 49 -14.49 0.08 -32.28
CA GLN F 49 -13.46 0.98 -32.77
C GLN F 49 -13.76 1.71 -34.09
N CYS F 50 -14.85 1.34 -34.76
CA CYS F 50 -15.20 1.99 -36.02
C CYS F 50 -16.08 3.20 -35.75
N ASP F 51 -17.21 2.98 -35.09
CA ASP F 51 -18.14 4.06 -34.78
C ASP F 51 -17.48 5.09 -33.89
N VAL F 52 -16.24 4.81 -33.49
CA VAL F 52 -15.51 5.72 -32.64
C VAL F 52 -14.79 6.75 -33.48
N ARG F 53 -13.97 6.30 -34.43
CA ARG F 53 -13.24 7.23 -35.28
C ARG F 53 -14.23 8.13 -36.01
N PHE F 54 -15.45 7.63 -36.21
CA PHE F 54 -16.50 8.38 -36.88
C PHE F 54 -17.02 9.48 -35.98
N ARG F 55 -17.17 9.15 -34.69
CA ARG F 55 -17.67 10.11 -33.71
C ARG F 55 -16.66 11.21 -33.48
N HIS F 56 -15.38 10.86 -33.53
CA HIS F 56 -14.35 11.86 -33.33
C HIS F 56 -14.34 12.81 -34.50
N ILE F 57 -14.31 12.25 -35.71
CA ILE F 57 -14.30 13.07 -36.90
C ILE F 57 -15.48 14.01 -36.93
N THR F 58 -16.68 13.50 -36.72
CA THR F 58 -17.85 14.36 -36.76
C THR F 58 -17.93 15.38 -35.63
N GLU F 59 -17.59 14.97 -34.42
CA GLU F 59 -17.65 15.87 -33.27
C GLU F 59 -16.62 16.99 -33.41
N ILE F 60 -15.37 16.64 -33.73
CA ILE F 60 -14.35 17.66 -33.89
C ILE F 60 -14.76 18.62 -35.00
N THR F 61 -15.38 18.10 -36.06
CA THR F 61 -15.78 18.95 -37.18
C THR F 61 -16.77 20.00 -36.73
N ILE F 62 -17.59 19.66 -35.74
CA ILE F 62 -18.56 20.62 -35.22
C ILE F 62 -17.81 21.82 -34.63
N LEU F 63 -16.73 21.56 -33.89
CA LEU F 63 -15.94 22.65 -33.33
C LEU F 63 -15.34 23.44 -34.47
N THR F 64 -14.89 22.72 -35.50
CA THR F 64 -14.27 23.33 -36.68
C THR F 64 -15.22 24.34 -37.35
N VAL F 65 -16.48 23.95 -37.51
CA VAL F 65 -17.44 24.85 -38.13
C VAL F 65 -17.62 26.06 -37.20
N GLN F 66 -17.74 25.80 -35.91
CA GLN F 66 -17.90 26.89 -34.94
C GLN F 66 -16.76 27.91 -35.08
N LEU F 67 -15.53 27.41 -35.18
CA LEU F 67 -14.38 28.30 -35.32
C LEU F 67 -14.51 29.13 -36.58
N ILE F 68 -15.01 28.51 -37.66
CA ILE F 68 -15.18 29.21 -38.92
C ILE F 68 -16.13 30.39 -38.75
N VAL F 69 -17.26 30.16 -38.08
CA VAL F 69 -18.22 31.22 -37.85
C VAL F 69 -17.59 32.33 -37.01
N GLU F 70 -16.78 31.95 -36.02
CA GLU F 70 -16.13 32.97 -35.20
C GLU F 70 -15.25 33.87 -36.05
N PHE F 71 -14.50 33.26 -36.96
CA PHE F 71 -13.61 33.97 -37.86
C PHE F 71 -14.40 34.89 -38.79
N ALA F 72 -15.44 34.34 -39.40
CA ALA F 72 -16.26 35.11 -40.32
C ALA F 72 -16.90 36.30 -39.62
N LYS F 73 -17.57 36.04 -38.50
CA LYS F 73 -18.23 37.08 -37.73
C LYS F 73 -17.38 38.31 -37.51
N ARG F 74 -16.08 38.12 -37.41
CA ARG F 74 -15.16 39.22 -37.14
C ARG F 74 -14.49 39.86 -38.34
N LEU F 75 -14.87 39.44 -39.55
CA LEU F 75 -14.27 40.00 -40.75
C LEU F 75 -14.86 41.36 -41.08
N PRO F 76 -13.99 42.35 -41.34
CA PRO F 76 -14.46 43.69 -41.69
C PRO F 76 -15.45 43.56 -42.86
N GLY F 77 -16.62 44.16 -42.69
CA GLY F 77 -17.63 44.08 -43.74
C GLY F 77 -18.80 43.19 -43.38
N PHE F 78 -18.52 42.12 -42.64
CA PHE F 78 -19.57 41.18 -42.25
C PHE F 78 -20.74 41.89 -41.58
N ASP F 79 -20.43 42.73 -40.59
CA ASP F 79 -21.47 43.44 -39.85
C ASP F 79 -22.31 44.41 -40.69
N LYS F 80 -21.89 44.67 -41.92
CA LYS F 80 -22.62 45.57 -42.77
C LYS F 80 -23.69 44.84 -43.58
N LEU F 81 -23.83 43.54 -43.35
CA LEU F 81 -24.82 42.76 -44.09
C LEU F 81 -26.10 42.49 -43.31
N LEU F 82 -27.18 42.18 -44.02
CA LEU F 82 -28.45 41.86 -43.39
C LEU F 82 -28.27 40.51 -42.71
N ARG F 83 -28.92 40.33 -41.57
CA ARG F 83 -28.82 39.07 -40.83
C ARG F 83 -29.05 37.87 -41.74
N GLU F 84 -30.06 37.96 -42.59
CA GLU F 84 -30.41 36.88 -43.50
C GLU F 84 -29.27 36.52 -44.44
N ASP F 85 -28.58 37.54 -44.95
CA ASP F 85 -27.47 37.28 -45.86
C ASP F 85 -26.29 36.68 -45.09
N GLN F 86 -26.12 37.09 -43.84
CA GLN F 86 -25.05 36.57 -43.01
C GLN F 86 -25.23 35.06 -42.83
N ILE F 87 -26.44 34.66 -42.48
CA ILE F 87 -26.74 33.25 -42.32
C ILE F 87 -26.45 32.55 -43.64
N ALA F 88 -26.98 33.06 -44.75
CA ALA F 88 -26.75 32.43 -46.04
C ALA F 88 -25.27 32.22 -46.35
N LEU F 89 -24.47 33.26 -46.17
CA LEU F 89 -23.05 33.15 -46.46
C LEU F 89 -22.35 32.13 -45.58
N LEU F 90 -22.64 32.16 -44.28
CA LEU F 90 -22.03 31.23 -43.34
C LEU F 90 -22.43 29.80 -43.67
N LYS F 91 -23.69 29.55 -43.96
CA LYS F 91 -24.12 28.19 -44.27
C LYS F 91 -23.34 27.69 -45.48
N ALA F 92 -23.25 28.53 -46.50
CA ALA F 92 -22.58 28.15 -47.74
C ALA F 92 -21.07 27.97 -47.71
N CYS F 93 -20.39 28.73 -46.85
CA CYS F 93 -18.93 28.65 -46.78
C CYS F 93 -18.37 27.58 -45.84
N SER F 94 -19.19 27.09 -44.92
CA SER F 94 -18.77 26.06 -43.96
C SER F 94 -17.97 24.95 -44.61
N SER F 95 -18.64 24.15 -45.44
CA SER F 95 -18.01 23.02 -46.09
C SER F 95 -16.82 23.40 -46.95
N GLU F 96 -16.80 24.62 -47.45
CA GLU F 96 -15.68 25.06 -48.27
C GLU F 96 -14.49 25.51 -47.44
N VAL F 97 -14.71 26.49 -46.56
CA VAL F 97 -13.62 27.00 -45.73
C VAL F 97 -12.95 25.87 -44.94
N MET F 98 -13.69 24.82 -44.59
CA MET F 98 -13.07 23.76 -43.82
C MET F 98 -11.99 23.01 -44.61
N MET F 99 -12.04 23.04 -45.93
CA MET F 99 -11.02 22.37 -46.72
C MET F 99 -9.69 23.12 -46.50
N PHE F 100 -9.76 24.45 -46.29
CA PHE F 100 -8.55 25.20 -46.05
C PHE F 100 -8.00 24.79 -44.70
N ARG F 101 -8.88 24.78 -43.70
CA ARG F 101 -8.43 24.42 -42.37
C ARG F 101 -7.79 23.05 -42.41
N MET F 102 -8.35 22.17 -43.23
CA MET F 102 -7.79 20.84 -43.38
C MET F 102 -6.41 20.87 -44.04
N ALA F 103 -6.31 21.58 -45.15
CA ALA F 103 -5.06 21.64 -45.89
C ALA F 103 -3.94 22.20 -45.04
N ARG F 104 -4.28 23.14 -44.16
CA ARG F 104 -3.27 23.73 -43.31
C ARG F 104 -2.70 22.75 -42.27
N ARG F 105 -3.39 21.65 -42.06
CA ARG F 105 -2.91 20.66 -41.11
C ARG F 105 -2.42 19.41 -41.84
N TYR F 106 -2.13 19.55 -43.13
CA TYR F 106 -1.66 18.42 -43.92
C TYR F 106 -0.16 18.21 -43.73
N ASP F 107 0.24 16.95 -43.55
CA ASP F 107 1.64 16.60 -43.40
C ASP F 107 2.05 15.84 -44.66
N VAL F 108 3.01 16.40 -45.40
CA VAL F 108 3.49 15.80 -46.64
C VAL F 108 4.19 14.48 -46.38
N GLN F 109 4.94 14.44 -45.29
CA GLN F 109 5.68 13.27 -44.86
C GLN F 109 4.85 12.00 -44.83
N THR F 110 3.72 12.06 -44.12
CA THR F 110 2.84 10.90 -43.96
C THR F 110 1.57 10.94 -44.80
N ASP F 111 1.45 11.93 -45.68
CA ASP F 111 0.26 12.06 -46.53
C ASP F 111 -0.97 11.97 -45.62
N SER F 112 -0.95 12.73 -44.54
CA SER F 112 -2.06 12.69 -43.59
C SER F 112 -2.44 14.07 -43.04
N ILE F 113 -3.44 14.07 -42.18
CA ILE F 113 -3.91 15.29 -41.57
C ILE F 113 -3.71 15.20 -40.06
N LEU F 114 -3.05 16.21 -39.50
CA LEU F 114 -2.78 16.24 -38.06
C LEU F 114 -3.97 16.81 -37.32
N PHE F 115 -4.78 15.94 -36.71
CA PHE F 115 -5.94 16.41 -35.97
C PHE F 115 -5.49 17.14 -34.70
N VAL F 116 -6.45 17.73 -33.99
CA VAL F 116 -6.16 18.47 -32.76
C VAL F 116 -5.33 17.69 -31.77
N ASN F 117 -5.70 16.43 -31.55
CA ASN F 117 -4.98 15.57 -30.62
C ASN F 117 -3.68 15.00 -31.19
N ASN F 118 -3.12 15.70 -32.17
CA ASN F 118 -1.86 15.30 -32.80
C ASN F 118 -1.91 13.94 -33.50
N GLN F 119 -3.02 13.23 -33.33
CA GLN F 119 -3.20 11.94 -33.98
C GLN F 119 -3.35 12.17 -35.48
N PRO F 120 -2.37 11.72 -36.27
CA PRO F 120 -2.49 11.93 -37.71
C PRO F 120 -3.49 10.96 -38.32
N TYR F 121 -4.39 11.48 -39.14
CA TYR F 121 -5.40 10.67 -39.80
C TYR F 121 -5.04 10.52 -41.27
N SER F 122 -5.15 9.30 -41.77
CA SER F 122 -4.82 8.99 -43.16
C SER F 122 -5.99 8.34 -43.90
N ARG F 123 -5.72 7.86 -45.11
CA ARG F 123 -6.73 7.20 -45.91
C ARG F 123 -7.38 6.11 -45.07
N ASP F 124 -6.53 5.30 -44.44
CA ASP F 124 -6.99 4.20 -43.60
C ASP F 124 -7.90 4.68 -42.49
N SER F 125 -7.49 5.77 -41.84
CA SER F 125 -8.27 6.33 -40.74
C SER F 125 -9.67 6.73 -41.19
N TYR F 126 -9.76 7.48 -42.28
CA TYR F 126 -11.07 7.89 -42.79
C TYR F 126 -11.86 6.69 -43.28
N ASN F 127 -11.15 5.75 -43.90
CA ASN F 127 -11.80 4.55 -44.39
C ASN F 127 -12.43 3.81 -43.22
N LEU F 128 -11.68 3.63 -42.15
CA LEU F 128 -12.20 2.95 -40.98
C LEU F 128 -13.42 3.67 -40.43
N ALA F 129 -13.46 4.99 -40.59
CA ALA F 129 -14.59 5.78 -40.10
C ALA F 129 -15.79 5.78 -41.03
N GLY F 130 -15.65 5.13 -42.18
CA GLY F 130 -16.75 5.08 -43.12
C GLY F 130 -16.78 6.26 -44.06
N MET F 131 -15.61 6.85 -44.33
CA MET F 131 -15.52 7.99 -45.20
C MET F 131 -14.34 7.86 -46.14
N GLY F 132 -14.15 6.65 -46.66
CA GLY F 132 -13.04 6.43 -47.58
C GLY F 132 -13.39 6.84 -49.00
N GLU F 133 -14.67 7.13 -49.21
CA GLU F 133 -15.15 7.53 -50.53
C GLU F 133 -14.56 8.84 -51.02
N THR F 134 -14.42 9.83 -50.14
CA THR F 134 -13.88 11.11 -50.58
C THR F 134 -12.47 11.48 -50.12
N ILE F 135 -11.95 10.75 -49.14
CA ILE F 135 -10.62 11.03 -48.61
C ILE F 135 -9.50 11.23 -49.65
N GLU F 136 -9.55 10.46 -50.73
CA GLU F 136 -8.56 10.60 -51.79
C GLU F 136 -8.53 12.01 -52.36
N ASP F 137 -9.71 12.48 -52.77
CA ASP F 137 -9.83 13.81 -53.34
C ASP F 137 -9.44 14.86 -52.33
N LEU F 138 -9.77 14.59 -51.08
CA LEU F 138 -9.46 15.51 -49.99
C LEU F 138 -7.96 15.63 -49.85
N LEU F 139 -7.28 14.50 -49.77
CA LEU F 139 -5.81 14.50 -49.65
C LEU F 139 -5.18 15.13 -50.89
N HIS F 140 -5.79 14.91 -52.06
CA HIS F 140 -5.29 15.48 -53.29
C HIS F 140 -5.31 17.00 -53.19
N PHE F 141 -6.40 17.55 -52.67
CA PHE F 141 -6.54 19.00 -52.51
C PHE F 141 -5.42 19.50 -51.59
N CYS F 142 -5.18 18.77 -50.50
CA CYS F 142 -4.12 19.16 -49.58
C CYS F 142 -2.77 19.26 -50.28
N ARG F 143 -2.47 18.30 -51.14
CA ARG F 143 -1.22 18.32 -51.89
C ARG F 143 -1.20 19.50 -52.84
N THR F 144 -2.28 19.69 -53.59
CA THR F 144 -2.36 20.82 -54.51
C THR F 144 -2.03 22.12 -53.79
N MET F 145 -2.73 22.38 -52.68
CA MET F 145 -2.49 23.57 -51.90
C MET F 145 -1.04 23.67 -51.45
N TYR F 146 -0.50 22.56 -50.97
CA TYR F 146 0.87 22.52 -50.49
C TYR F 146 1.86 22.92 -51.58
N SER F 147 1.73 22.32 -52.75
CA SER F 147 2.63 22.62 -53.85
C SER F 147 2.64 24.10 -54.22
N MET F 148 1.56 24.80 -53.94
CA MET F 148 1.49 26.22 -54.26
C MET F 148 2.13 27.09 -53.19
N ARG F 149 2.64 26.46 -52.13
CA ARG F 149 3.27 27.22 -51.05
C ARG F 149 2.41 28.40 -50.62
N VAL F 150 1.13 28.15 -50.31
CA VAL F 150 0.24 29.21 -49.87
C VAL F 150 0.61 29.58 -48.42
N ASP F 151 0.80 30.87 -48.16
CA ASP F 151 1.14 31.31 -46.82
C ASP F 151 -0.08 31.76 -46.03
N ASN F 152 0.15 32.14 -44.78
CA ASN F 152 -0.92 32.58 -43.89
C ASN F 152 -1.81 33.70 -44.41
N ALA F 153 -1.19 34.74 -44.96
CA ALA F 153 -1.95 35.87 -45.48
C ALA F 153 -2.82 35.44 -46.65
N GLU F 154 -2.21 34.69 -47.56
CA GLU F 154 -2.94 34.22 -48.73
C GLU F 154 -4.12 33.36 -48.29
N TYR F 155 -3.89 32.48 -47.32
CA TYR F 155 -4.97 31.65 -46.81
C TYR F 155 -6.07 32.51 -46.17
N ALA F 156 -5.67 33.48 -45.36
CA ALA F 156 -6.64 34.35 -44.70
C ALA F 156 -7.45 35.13 -45.73
N LEU F 157 -6.78 35.77 -46.68
CA LEU F 157 -7.47 36.54 -47.71
C LEU F 157 -8.41 35.62 -48.48
N LEU F 158 -7.88 34.49 -48.91
CA LEU F 158 -8.66 33.52 -49.65
C LEU F 158 -9.92 33.11 -48.88
N THR F 159 -9.75 32.85 -47.58
CA THR F 159 -10.88 32.47 -46.73
C THR F 159 -11.95 33.58 -46.77
N ALA F 160 -11.51 34.83 -46.58
CA ALA F 160 -12.43 35.96 -46.62
C ALA F 160 -13.13 35.98 -47.98
N ILE F 161 -12.33 35.82 -49.03
CA ILE F 161 -12.85 35.84 -50.37
C ILE F 161 -13.92 34.76 -50.57
N VAL F 162 -13.67 33.58 -50.00
CA VAL F 162 -14.64 32.48 -50.11
C VAL F 162 -15.91 32.85 -49.35
N ILE F 163 -15.74 33.39 -48.15
CA ILE F 163 -16.90 33.76 -47.34
C ILE F 163 -17.80 34.79 -48.05
N PHE F 164 -17.19 35.79 -48.69
CA PHE F 164 -17.97 36.81 -49.37
C PHE F 164 -18.16 36.49 -50.86
N SER F 165 -18.69 35.31 -51.14
CA SER F 165 -18.91 34.90 -52.51
C SER F 165 -20.38 35.02 -52.88
N GLU F 166 -20.64 35.25 -54.16
CA GLU F 166 -22.01 35.36 -54.66
C GLU F 166 -22.63 33.98 -54.40
N ARG F 167 -23.70 33.96 -53.63
CA ARG F 167 -24.36 32.69 -53.34
C ARG F 167 -25.82 32.85 -53.70
N PRO F 168 -26.51 31.74 -54.00
CA PRO F 168 -27.93 31.83 -54.36
C PRO F 168 -28.73 32.29 -53.14
N ALA F 169 -29.90 32.87 -53.39
CA ALA F 169 -30.77 33.34 -52.32
C ALA F 169 -30.10 34.42 -51.48
N LEU F 170 -29.42 35.33 -52.17
CA LEU F 170 -28.73 36.41 -51.48
C LEU F 170 -29.54 37.68 -51.68
N ILE F 171 -29.87 38.36 -50.59
CA ILE F 171 -30.65 39.59 -50.70
C ILE F 171 -29.87 40.73 -51.34
N GLU F 172 -28.83 41.21 -50.67
CA GLU F 172 -28.03 42.30 -51.20
C GLU F 172 -26.72 41.81 -51.83
N GLY F 173 -26.84 40.87 -52.77
CA GLY F 173 -25.67 40.34 -53.44
C GLY F 173 -24.63 41.38 -53.79
N TRP F 174 -25.07 42.48 -54.40
CA TRP F 174 -24.16 43.55 -54.81
C TRP F 174 -23.33 44.02 -53.63
N LYS F 175 -23.92 44.02 -52.45
CA LYS F 175 -23.20 44.46 -51.26
C LYS F 175 -22.09 43.47 -50.91
N VAL F 176 -22.38 42.19 -51.07
CA VAL F 176 -21.41 41.13 -50.82
C VAL F 176 -20.26 41.27 -51.81
N GLU F 177 -20.61 41.42 -53.08
CA GLU F 177 -19.63 41.56 -54.14
C GLU F 177 -18.67 42.73 -53.89
N LYS F 178 -19.21 43.85 -53.46
CA LYS F 178 -18.36 45.00 -53.21
C LYS F 178 -17.39 44.71 -52.08
N ILE F 179 -17.85 43.97 -51.07
CA ILE F 179 -16.98 43.62 -49.95
C ILE F 179 -15.88 42.68 -50.44
N GLN F 180 -16.28 41.69 -51.25
CA GLN F 180 -15.30 40.76 -51.79
C GLN F 180 -14.21 41.49 -52.55
N GLU F 181 -14.62 42.51 -53.33
CA GLU F 181 -13.67 43.32 -54.11
C GLU F 181 -12.50 43.82 -53.27
N ILE F 182 -12.81 44.33 -52.08
CA ILE F 182 -11.79 44.87 -51.20
C ILE F 182 -10.75 43.80 -50.88
N TYR F 183 -11.22 42.60 -50.53
CA TYR F 183 -10.31 41.51 -50.21
C TYR F 183 -9.54 41.05 -51.48
N LEU F 184 -10.20 41.07 -52.63
CA LEU F 184 -9.51 40.67 -53.85
C LEU F 184 -8.37 41.65 -54.14
N GLU F 185 -8.61 42.95 -53.90
CA GLU F 185 -7.60 43.97 -54.12
C GLU F 185 -6.45 43.74 -53.14
N ALA F 186 -6.78 43.42 -51.89
CA ALA F 186 -5.76 43.17 -50.89
C ALA F 186 -4.88 42.00 -51.34
N LEU F 187 -5.51 40.91 -51.77
CA LEU F 187 -4.79 39.73 -52.20
C LEU F 187 -3.81 40.07 -53.33
N ARG F 188 -4.33 40.66 -54.40
CA ARG F 188 -3.51 41.03 -55.55
C ARG F 188 -2.30 41.84 -55.11
N ALA F 189 -2.55 42.90 -54.36
CA ALA F 189 -1.49 43.75 -53.86
C ALA F 189 -0.46 42.92 -53.10
N TYR F 190 -0.93 42.09 -52.17
CA TYR F 190 -0.04 41.25 -51.38
C TYR F 190 0.79 40.35 -52.28
N VAL F 191 0.14 39.76 -53.27
CA VAL F 191 0.80 38.85 -54.21
C VAL F 191 1.83 39.55 -55.10
N ASP F 192 1.52 40.74 -55.58
CA ASP F 192 2.46 41.46 -56.43
C ASP F 192 3.74 41.71 -55.66
N ASN F 193 3.59 42.15 -54.41
CA ASN F 193 4.73 42.44 -53.55
C ASN F 193 5.62 41.23 -53.28
N ARG F 194 5.04 40.18 -52.71
CA ARG F 194 5.79 38.97 -52.40
C ARG F 194 5.35 37.82 -53.31
N ARG F 195 6.07 37.57 -54.39
CA ARG F 195 5.73 36.48 -55.33
C ARG F 195 6.37 36.62 -56.70
N LYS F 196 7.08 37.72 -56.94
CA LYS F 196 7.64 38.00 -58.26
C LYS F 196 8.68 37.10 -59.01
N PRO F 197 8.15 36.32 -59.98
CA PRO F 197 7.95 35.35 -61.07
C PRO F 197 6.47 35.20 -61.39
N LYS F 198 5.94 36.11 -62.19
CA LYS F 198 4.54 36.08 -62.60
C LYS F 198 3.56 36.19 -61.43
N PRO F 199 3.48 37.37 -60.79
CA PRO F 199 2.56 37.58 -59.68
C PRO F 199 1.12 37.32 -60.14
N GLY F 200 0.73 37.97 -61.24
CA GLY F 200 -0.61 37.79 -61.77
C GLY F 200 -1.03 36.35 -62.02
N THR F 201 -0.06 35.47 -62.28
CA THR F 201 -0.36 34.06 -62.51
C THR F 201 -0.69 33.42 -61.17
N ILE F 202 0.14 33.67 -60.16
CA ILE F 202 -0.12 33.11 -58.85
C ILE F 202 -1.51 33.56 -58.40
N PHE F 203 -1.83 34.82 -58.69
CA PHE F 203 -3.12 35.39 -58.33
C PHE F 203 -4.26 34.57 -58.91
N ALA F 204 -4.14 34.24 -60.19
CA ALA F 204 -5.17 33.47 -60.87
C ALA F 204 -5.20 32.03 -60.32
N LYS F 205 -4.03 31.47 -60.02
CA LYS F 205 -3.98 30.11 -59.48
C LYS F 205 -4.73 30.04 -58.16
N LEU F 206 -4.51 31.04 -57.32
CA LEU F 206 -5.18 31.10 -56.02
C LEU F 206 -6.68 31.20 -56.19
N LEU F 207 -7.14 32.04 -57.13
CA LEU F 207 -8.58 32.16 -57.33
C LEU F 207 -9.19 30.87 -57.91
N SER F 208 -8.41 30.12 -58.69
CA SER F 208 -8.89 28.88 -59.27
C SER F 208 -9.26 27.90 -58.14
N VAL F 209 -8.66 28.11 -56.98
CA VAL F 209 -8.95 27.26 -55.84
C VAL F 209 -10.44 27.38 -55.51
N LEU F 210 -10.96 28.60 -55.58
CA LEU F 210 -12.37 28.81 -55.29
C LEU F 210 -13.22 27.91 -56.17
N THR F 211 -12.87 27.80 -57.45
CA THR F 211 -13.70 26.97 -58.30
C THR F 211 -13.59 25.50 -57.90
N GLU F 212 -12.39 25.08 -57.53
CA GLU F 212 -12.22 23.70 -57.10
C GLU F 212 -13.02 23.42 -55.81
N LEU F 213 -13.15 24.45 -54.98
CA LEU F 213 -13.89 24.34 -53.73
C LEU F 213 -15.38 24.04 -53.98
N ARG F 214 -15.89 24.45 -55.14
CA ARG F 214 -17.31 24.16 -55.44
C ARG F 214 -17.44 22.67 -55.58
N THR F 215 -16.41 22.04 -56.16
CA THR F 215 -16.43 20.60 -56.34
C THR F 215 -16.30 19.85 -54.99
N LEU F 216 -15.30 20.20 -54.19
CA LEU F 216 -15.12 19.54 -52.90
C LEU F 216 -16.36 19.72 -52.03
N GLY F 217 -16.89 20.94 -52.04
CA GLY F 217 -18.08 21.22 -51.25
C GLY F 217 -19.25 20.34 -51.69
N ASN F 218 -19.35 20.13 -52.99
CA ASN F 218 -20.44 19.33 -53.51
C ASN F 218 -20.25 17.88 -53.12
N GLN F 219 -19.02 17.45 -53.09
CA GLN F 219 -18.68 16.09 -52.71
C GLN F 219 -19.03 15.87 -51.22
N ASN F 220 -18.78 16.89 -50.41
CA ASN F 220 -19.09 16.78 -49.00
C ASN F 220 -20.57 16.47 -48.84
N SER F 221 -21.40 17.17 -49.60
CA SER F 221 -22.85 16.97 -49.55
C SER F 221 -23.21 15.57 -50.01
N GLU F 222 -22.55 15.12 -51.07
CA GLU F 222 -22.83 13.80 -51.58
C GLU F 222 -22.52 12.76 -50.52
N MET F 223 -21.39 12.92 -49.85
CA MET F 223 -21.03 11.97 -48.81
C MET F 223 -22.00 11.96 -47.63
N CYS F 224 -22.49 13.14 -47.26
CA CYS F 224 -23.41 13.22 -46.14
C CYS F 224 -24.67 12.43 -46.47
N PHE F 225 -25.16 12.59 -47.69
CA PHE F 225 -26.35 11.86 -48.09
C PHE F 225 -26.08 10.36 -48.07
N SER F 226 -24.86 9.99 -48.45
CA SER F 226 -24.48 8.58 -48.48
C SER F 226 -24.37 7.96 -47.07
N LEU F 227 -24.23 8.78 -46.05
CA LEU F 227 -24.15 8.26 -44.70
C LEU F 227 -25.48 7.63 -44.33
N LYS F 228 -26.54 8.07 -45.00
CA LYS F 228 -27.87 7.53 -44.75
C LYS F 228 -27.95 6.11 -45.30
N LEU F 229 -27.23 5.84 -46.40
CA LEU F 229 -27.25 4.49 -46.98
C LEU F 229 -26.72 3.56 -45.91
N LYS F 230 -25.56 3.94 -45.36
CA LYS F 230 -24.97 3.18 -44.28
C LYS F 230 -25.91 3.59 -43.16
N ASN F 231 -25.68 3.17 -41.94
CA ASN F 231 -26.62 3.62 -40.93
C ASN F 231 -25.95 4.59 -39.98
N LYS F 232 -25.24 5.54 -40.57
CA LYS F 232 -24.50 6.56 -39.83
C LYS F 232 -25.33 7.84 -39.76
N LYS F 233 -25.47 8.40 -38.56
CA LYS F 233 -26.22 9.62 -38.40
C LYS F 233 -25.25 10.79 -38.28
N LEU F 234 -25.49 11.82 -39.07
CA LEU F 234 -24.65 13.01 -39.05
C LEU F 234 -25.12 13.84 -37.85
N PRO F 235 -24.18 14.35 -37.04
CA PRO F 235 -24.58 15.16 -35.88
C PRO F 235 -25.56 16.24 -36.36
N PRO F 236 -26.64 16.46 -35.61
CA PRO F 236 -27.66 17.46 -35.97
C PRO F 236 -27.12 18.82 -36.41
N PHE F 237 -26.16 19.36 -35.67
CA PHE F 237 -25.57 20.64 -36.00
C PHE F 237 -25.10 20.70 -37.45
N LEU F 238 -24.31 19.70 -37.85
CA LEU F 238 -23.77 19.60 -39.20
C LEU F 238 -24.89 19.36 -40.22
N ALA F 239 -25.76 18.41 -39.93
CA ALA F 239 -26.85 18.10 -40.85
C ALA F 239 -27.68 19.34 -41.11
N GLU F 240 -27.82 20.17 -40.07
CA GLU F 240 -28.60 21.39 -40.17
C GLU F 240 -27.89 22.48 -40.96
N ILE F 241 -26.73 22.92 -40.49
CA ILE F 241 -25.99 23.98 -41.16
C ILE F 241 -25.74 23.68 -42.64
N TRP F 242 -25.57 22.41 -42.99
CA TRP F 242 -25.35 22.05 -44.38
C TRP F 242 -26.63 21.61 -45.07
N ASP F 243 -27.76 21.70 -44.38
CA ASP F 243 -29.05 21.31 -44.96
C ASP F 243 -28.97 19.94 -45.63
N VAL F 244 -28.31 19.01 -44.96
CA VAL F 244 -28.12 17.67 -45.49
C VAL F 244 -29.37 16.80 -45.39
N ASP F 245 -30.53 17.42 -45.38
CA ASP F 245 -31.77 16.65 -45.28
C ASP F 245 -32.81 17.04 -46.30
N ASP G 8 -30.13 20.02 1.21
CA ASP G 8 -29.05 21.06 1.32
C ASP G 8 -27.83 20.60 2.11
N MET G 9 -27.53 19.30 2.08
CA MET G 9 -26.37 18.80 2.82
C MET G 9 -25.30 18.16 1.94
N PRO G 10 -24.46 18.97 1.31
CA PRO G 10 -23.42 18.42 0.45
C PRO G 10 -22.50 17.47 1.23
N LEU G 11 -22.45 16.21 0.84
CA LEU G 11 -21.57 15.25 1.54
C LEU G 11 -20.10 15.64 1.35
N GLU G 12 -19.86 16.51 0.38
CA GLU G 12 -18.52 16.99 0.06
C GLU G 12 -18.12 18.03 1.11
N ARG G 13 -19.04 18.95 1.34
CA ARG G 13 -18.83 20.02 2.32
C ARG G 13 -18.45 19.38 3.67
N ILE G 14 -19.14 18.29 4.01
CA ILE G 14 -18.89 17.59 5.26
C ILE G 14 -17.55 16.88 5.29
N ILE G 15 -17.22 16.18 4.21
CA ILE G 15 -15.93 15.46 4.16
C ILE G 15 -14.79 16.47 4.20
N GLU G 16 -15.05 17.66 3.68
CA GLU G 16 -14.07 18.74 3.61
C GLU G 16 -13.76 19.26 5.00
N ALA G 17 -14.81 19.67 5.71
CA ALA G 17 -14.69 20.21 7.06
C ALA G 17 -13.88 19.29 7.97
N GLU G 18 -14.08 17.99 7.82
CA GLU G 18 -13.35 17.04 8.66
C GLU G 18 -11.93 16.91 8.14
N LYS G 19 -11.72 17.28 6.88
CA LYS G 19 -10.40 17.19 6.26
C LYS G 19 -9.55 18.40 6.59
N ARG G 20 -10.13 19.59 6.45
CA ARG G 20 -9.43 20.84 6.74
C ARG G 20 -8.80 20.80 8.12
N VAL G 21 -9.30 19.92 8.97
CA VAL G 21 -8.80 19.78 10.33
C VAL G 21 -8.06 18.46 10.49
N GLU G 22 -8.12 17.63 9.45
CA GLU G 22 -7.47 16.32 9.46
C GLU G 22 -6.06 16.46 10.03
N CYS G 23 -5.91 16.08 11.30
CA CYS G 23 -4.61 16.17 11.95
C CYS G 23 -3.84 14.88 11.75
N ASN G 24 -2.53 15.00 11.55
CA ASN G 24 -1.68 13.84 11.34
C ASN G 24 -0.24 14.30 11.17
N ASP G 25 0.51 14.33 12.27
CA ASP G 25 1.89 14.76 12.20
C ASP G 25 2.87 13.76 12.83
N PRO G 26 3.18 13.88 14.13
CA PRO G 26 4.14 12.88 14.61
C PRO G 26 3.49 11.69 15.31
N LEU G 27 3.82 11.56 16.60
CA LEU G 27 3.32 10.50 17.46
C LEU G 27 4.17 10.64 18.72
N VAL G 28 4.24 11.88 19.20
CA VAL G 28 5.03 12.24 20.38
C VAL G 28 4.36 11.93 21.72
N ALA G 29 4.90 10.95 22.44
CA ALA G 29 4.36 10.59 23.75
C ALA G 29 4.54 11.79 24.66
N LEU G 30 3.56 12.04 25.53
CA LEU G 30 3.66 13.19 26.43
C LEU G 30 4.65 12.99 27.56
N VAL G 31 5.33 14.08 27.92
CA VAL G 31 6.33 14.06 28.98
C VAL G 31 5.71 14.57 30.28
N VAL G 32 5.67 13.72 31.31
CA VAL G 32 5.09 14.10 32.59
C VAL G 32 6.06 14.84 33.51
N ASN G 33 6.52 16.01 33.09
CA ASN G 33 7.46 16.79 33.89
C ASN G 33 7.22 18.30 33.85
N GLU G 34 7.71 19.00 34.86
CA GLU G 34 7.55 20.45 34.95
C GLU G 34 8.65 21.19 34.20
N ASN G 35 9.12 20.60 33.10
CA ASN G 35 10.16 21.22 32.30
C ASN G 35 9.64 22.42 31.53
N ASN G 36 8.58 23.05 32.04
CA ASN G 36 7.95 24.22 31.41
C ASN G 36 7.93 24.11 29.89
N THR G 37 8.04 22.88 29.39
CA THR G 37 8.03 22.61 27.96
C THR G 37 6.79 21.78 27.70
N THR G 38 6.59 20.75 28.53
CA THR G 38 5.42 19.89 28.42
C THR G 38 4.21 20.79 28.59
N VAL G 39 4.37 21.84 29.39
CA VAL G 39 3.30 22.79 29.66
C VAL G 39 2.91 23.47 28.34
N ASN G 40 3.87 23.54 27.43
CA ASN G 40 3.63 24.17 26.12
C ASN G 40 3.17 23.13 25.12
N ASN G 41 3.64 21.89 25.27
CA ASN G 41 3.24 20.81 24.36
C ASN G 41 1.76 20.54 24.62
N ILE G 42 1.38 20.60 25.89
CA ILE G 42 -0.01 20.39 26.28
C ILE G 42 -0.80 21.62 25.85
N CYS G 43 -0.30 22.79 26.21
CA CYS G 43 -0.95 24.05 25.86
C CYS G 43 -1.13 24.17 24.36
N GLN G 44 -0.15 23.72 23.59
CA GLN G 44 -0.22 23.79 22.15
C GLN G 44 -1.29 22.84 21.63
N ALA G 45 -1.24 21.60 22.11
CA ALA G 45 -2.20 20.58 21.72
C ALA G 45 -3.61 21.11 21.97
N THR G 46 -3.77 21.75 23.12
CA THR G 46 -5.05 22.31 23.49
C THR G 46 -5.50 23.35 22.48
N HIS G 47 -4.74 24.44 22.38
CA HIS G 47 -5.07 25.52 21.47
C HIS G 47 -5.45 25.02 20.08
N LYS G 48 -4.65 24.10 19.54
CA LYS G 48 -4.94 23.57 18.21
C LYS G 48 -6.26 22.80 18.22
N GLN G 49 -6.46 21.96 19.23
CA GLN G 49 -7.66 21.16 19.34
C GLN G 49 -8.92 22.03 19.38
N LEU G 50 -8.91 23.05 20.21
CA LEU G 50 -10.07 23.93 20.33
C LEU G 50 -10.27 24.83 19.11
N PHE G 51 -9.18 25.21 18.46
CA PHE G 51 -9.32 26.05 17.27
C PHE G 51 -9.94 25.19 16.18
N GLN G 52 -9.44 23.95 16.05
CA GLN G 52 -9.95 23.02 15.06
C GLN G 52 -11.43 22.72 15.31
N LEU G 53 -11.85 22.79 16.56
CA LEU G 53 -13.23 22.53 16.91
C LEU G 53 -14.13 23.57 16.26
N VAL G 54 -13.83 24.85 16.49
CA VAL G 54 -14.63 25.93 15.91
C VAL G 54 -14.38 26.01 14.39
N GLN G 55 -13.13 25.78 13.99
CA GLN G 55 -12.78 25.81 12.58
C GLN G 55 -13.63 24.80 11.84
N TRP G 56 -13.78 23.62 12.45
CA TRP G 56 -14.57 22.53 11.89
C TRP G 56 -16.05 22.90 11.78
N ALA G 57 -16.60 23.41 12.87
CA ALA G 57 -18.00 23.80 12.91
C ALA G 57 -18.40 24.80 11.84
N LYS G 58 -17.52 25.76 11.57
CA LYS G 58 -17.80 26.79 10.57
C LYS G 58 -17.81 26.22 9.17
N LEU G 59 -17.05 25.15 8.97
CA LEU G 59 -16.99 24.48 7.67
C LEU G 59 -18.16 23.53 7.42
N VAL G 60 -19.00 23.32 8.43
CA VAL G 60 -20.16 22.45 8.29
C VAL G 60 -21.31 23.23 7.67
N PRO G 61 -21.91 22.67 6.61
CA PRO G 61 -23.03 23.26 5.87
C PRO G 61 -24.09 23.99 6.68
N HIS G 62 -24.21 25.29 6.43
CA HIS G 62 -25.22 26.15 7.07
C HIS G 62 -25.02 26.47 8.55
N PHE G 63 -23.91 26.05 9.14
CA PHE G 63 -23.70 26.34 10.56
C PHE G 63 -23.64 27.85 10.81
N THR G 64 -22.82 28.53 10.02
CA THR G 64 -22.63 29.97 10.13
C THR G 64 -23.90 30.74 9.77
N SER G 65 -24.86 30.05 9.16
CA SER G 65 -26.11 30.69 8.78
C SER G 65 -27.05 30.72 9.96
N LEU G 66 -26.62 30.12 11.07
CA LEU G 66 -27.43 30.11 12.27
C LEU G 66 -27.18 31.36 13.10
N PRO G 67 -28.16 31.77 13.90
CA PRO G 67 -28.01 32.96 14.75
C PRO G 67 -26.73 32.81 15.60
N LEU G 68 -25.93 33.86 15.69
CA LEU G 68 -24.70 33.80 16.46
C LEU G 68 -24.88 33.12 17.82
N THR G 69 -25.88 33.54 18.58
CA THR G 69 -26.15 32.96 19.89
C THR G 69 -26.33 31.45 19.81
N ASP G 70 -27.00 31.00 18.77
CA ASP G 70 -27.27 29.57 18.57
C ASP G 70 -26.03 28.75 18.23
N GLN G 71 -25.10 29.31 17.46
CA GLN G 71 -23.92 28.54 17.13
C GLN G 71 -23.00 28.48 18.33
N VAL G 72 -23.20 29.40 19.27
CA VAL G 72 -22.38 29.41 20.49
C VAL G 72 -22.92 28.33 21.40
N GLN G 73 -24.24 28.29 21.54
CA GLN G 73 -24.90 27.29 22.37
C GLN G 73 -24.63 25.88 21.87
N LEU G 74 -24.71 25.70 20.56
CA LEU G 74 -24.48 24.38 19.98
C LEU G 74 -23.07 23.86 20.22
N LEU G 75 -22.08 24.73 20.18
CA LEU G 75 -20.70 24.30 20.41
C LEU G 75 -20.44 24.06 21.89
N ARG G 76 -21.01 24.90 22.73
CA ARG G 76 -20.85 24.77 24.16
C ARG G 76 -21.43 23.44 24.61
N ALA G 77 -22.58 23.10 24.06
CA ALA G 77 -23.26 21.86 24.42
C ALA G 77 -22.56 20.63 23.87
N GLY G 78 -22.16 20.69 22.59
CA GLY G 78 -21.53 19.55 21.96
C GLY G 78 -20.04 19.43 22.21
N TRP G 79 -19.44 20.51 22.72
CA TRP G 79 -18.01 20.55 23.01
C TRP G 79 -17.37 19.20 23.35
N ASN G 80 -17.64 18.65 24.54
CA ASN G 80 -17.03 17.39 24.92
C ASN G 80 -17.27 16.20 23.98
N GLU G 81 -18.51 15.97 23.60
CA GLU G 81 -18.78 14.86 22.71
C GLU G 81 -18.00 15.01 21.41
N LEU G 82 -18.01 16.23 20.87
CA LEU G 82 -17.31 16.52 19.63
C LEU G 82 -15.80 16.23 19.76
N LEU G 83 -15.19 16.71 20.84
CA LEU G 83 -13.77 16.48 21.04
C LEU G 83 -13.47 15.01 21.30
N ILE G 84 -14.26 14.35 22.14
CA ILE G 84 -14.00 12.95 22.43
C ILE G 84 -14.08 12.14 21.15
N ALA G 85 -15.04 12.48 20.31
CA ALA G 85 -15.20 11.75 19.06
C ALA G 85 -13.93 11.98 18.22
N ALA G 86 -13.53 13.25 18.12
CA ALA G 86 -12.36 13.64 17.35
C ALA G 86 -11.09 12.89 17.76
N PHE G 87 -10.67 13.03 19.01
CA PHE G 87 -9.46 12.36 19.42
C PHE G 87 -9.62 10.85 19.52
N SER G 88 -10.85 10.36 19.51
CA SER G 88 -11.05 8.92 19.61
C SER G 88 -10.76 8.30 18.26
N HIS G 89 -11.27 8.95 17.22
CA HIS G 89 -11.07 8.46 15.87
C HIS G 89 -9.61 8.50 15.43
N ARG G 90 -8.90 9.58 15.71
CA ARG G 90 -7.51 9.62 15.31
C ARG G 90 -6.64 8.94 16.34
N SER G 91 -7.24 8.10 17.17
CA SER G 91 -6.47 7.36 18.16
C SER G 91 -6.44 5.90 17.74
N MET G 92 -7.00 5.64 16.56
CA MET G 92 -7.05 4.30 16.01
C MET G 92 -5.66 3.79 15.71
N GLN G 93 -4.76 4.69 15.30
CA GLN G 93 -3.38 4.28 15.00
C GLN G 93 -2.61 3.94 16.26
N ALA G 94 -2.71 4.81 17.25
CA ALA G 94 -2.03 4.58 18.51
C ALA G 94 -2.28 3.16 19.00
N GLN G 95 -1.22 2.50 19.44
CA GLN G 95 -1.33 1.13 19.92
C GLN G 95 -2.25 1.09 21.13
N ASP G 96 -1.83 1.76 22.20
CA ASP G 96 -2.62 1.79 23.41
C ASP G 96 -2.54 3.18 24.03
N ALA G 97 -3.18 4.15 23.40
CA ALA G 97 -3.17 5.52 23.90
C ALA G 97 -4.08 6.45 23.09
N ILE G 98 -4.22 7.68 23.60
CA ILE G 98 -5.05 8.68 22.94
C ILE G 98 -4.19 9.72 22.23
N VAL G 99 -4.58 10.04 21.00
CA VAL G 99 -3.85 10.99 20.17
C VAL G 99 -4.49 12.38 20.10
N LEU G 100 -3.76 13.40 20.56
CA LEU G 100 -4.29 14.76 20.53
C LEU G 100 -3.95 15.47 19.22
N ALA G 101 -4.22 16.77 19.14
CA ALA G 101 -3.97 17.55 17.92
C ALA G 101 -2.48 17.78 17.64
N THR G 102 -1.74 18.19 18.67
CA THR G 102 -0.30 18.42 18.53
C THR G 102 0.37 17.16 17.99
N GLY G 103 -0.38 16.07 17.95
CA GLY G 103 0.17 14.82 17.51
C GLY G 103 0.64 14.19 18.80
N LEU G 104 0.56 15.00 19.85
CA LEU G 104 0.94 14.59 21.20
C LEU G 104 0.01 13.46 21.63
N THR G 105 0.56 12.45 22.31
CA THR G 105 -0.28 11.35 22.75
C THR G 105 -0.25 11.14 24.27
N VAL G 106 -1.37 10.67 24.82
CA VAL G 106 -1.50 10.42 26.24
C VAL G 106 -1.76 8.94 26.53
N ASN G 107 -1.39 8.53 27.73
CA ASN G 107 -1.54 7.15 28.16
C ASN G 107 -2.10 7.04 29.58
N LYS G 108 -2.63 5.86 29.92
CA LYS G 108 -3.20 5.58 31.22
C LYS G 108 -2.53 6.32 32.37
N SER G 109 -1.20 6.36 32.36
CA SER G 109 -0.44 7.03 33.43
C SER G 109 -0.24 8.52 33.19
N THR G 110 -0.05 8.89 31.93
CA THR G 110 0.15 10.29 31.57
C THR G 110 -1.17 10.93 31.16
N ALA G 111 -2.25 10.54 31.81
CA ALA G 111 -3.56 11.06 31.47
C ALA G 111 -4.10 12.22 32.29
N HIS G 112 -3.79 12.29 33.59
CA HIS G 112 -4.31 13.39 34.39
C HIS G 112 -4.21 14.73 33.67
N ALA G 113 -3.02 15.29 33.55
CA ALA G 113 -2.87 16.55 32.83
C ALA G 113 -3.53 16.28 31.48
N VAL G 114 -4.13 17.31 30.89
CA VAL G 114 -4.82 17.18 29.61
C VAL G 114 -6.22 16.65 29.89
N GLY G 115 -6.74 16.94 31.09
CA GLY G 115 -8.06 16.47 31.45
C GLY G 115 -8.11 14.97 31.27
N VAL G 116 -9.24 14.46 30.78
CA VAL G 116 -9.37 13.02 30.58
C VAL G 116 -8.96 12.36 31.90
N GLY G 117 -8.53 11.11 31.85
CA GLY G 117 -8.13 10.46 33.06
C GLY G 117 -9.07 9.32 33.38
N ASN G 118 -10.26 9.62 33.88
CA ASN G 118 -11.18 8.55 34.21
C ASN G 118 -12.16 8.21 33.10
N ILE G 119 -11.92 8.76 31.92
CA ILE G 119 -12.76 8.44 30.79
C ILE G 119 -11.86 7.65 29.86
N TYR G 120 -10.59 7.58 30.25
CA TYR G 120 -9.57 6.89 29.46
C TYR G 120 -9.89 5.44 29.13
N ASP G 121 -10.01 4.61 30.15
CA ASP G 121 -10.30 3.20 29.90
C ASP G 121 -11.52 3.04 29.01
N ARG G 122 -12.59 3.74 29.37
CA ARG G 122 -13.84 3.68 28.63
C ARG G 122 -13.73 4.22 27.21
N VAL G 123 -13.02 5.34 27.05
CA VAL G 123 -12.84 5.91 25.72
C VAL G 123 -12.19 4.88 24.78
N LEU G 124 -11.12 4.26 25.27
CA LEU G 124 -10.38 3.27 24.50
C LEU G 124 -11.21 2.03 24.16
N SER G 125 -11.88 1.47 25.16
CA SER G 125 -12.68 0.26 24.97
C SER G 125 -14.02 0.40 24.25
N GLU G 126 -14.74 1.49 24.47
CA GLU G 126 -16.04 1.65 23.82
C GLU G 126 -16.05 2.49 22.54
N LEU G 127 -15.00 3.26 22.33
CA LEU G 127 -14.90 4.10 21.14
C LEU G 127 -13.74 3.72 20.21
N VAL G 128 -12.52 3.92 20.68
CA VAL G 128 -11.34 3.60 19.89
C VAL G 128 -11.40 2.17 19.31
N ASN G 129 -11.42 1.18 20.18
CA ASN G 129 -11.47 -0.21 19.73
C ASN G 129 -12.64 -0.47 18.82
N LYS G 130 -13.79 0.07 19.19
CA LYS G 130 -14.98 -0.13 18.39
C LYS G 130 -14.80 0.46 17.00
N MET G 131 -14.32 1.70 16.94
CA MET G 131 -14.10 2.38 15.65
C MET G 131 -13.04 1.64 14.83
N LYS G 132 -12.05 1.11 15.55
CA LYS G 132 -10.96 0.38 14.93
C LYS G 132 -11.46 -0.90 14.26
N GLU G 133 -12.13 -1.77 15.02
CA GLU G 133 -12.64 -3.03 14.48
C GLU G 133 -13.80 -2.84 13.50
N MET G 134 -14.25 -1.59 13.34
CA MET G 134 -15.37 -1.30 12.45
C MET G 134 -14.88 -0.56 11.22
N LYS G 135 -13.60 -0.16 11.26
CA LYS G 135 -13.01 0.57 10.15
C LYS G 135 -13.84 1.82 9.85
N MET G 136 -14.14 2.59 10.89
CA MET G 136 -14.92 3.82 10.69
C MET G 136 -14.04 4.82 9.93
N ASP G 137 -14.57 5.37 8.84
CA ASP G 137 -13.78 6.33 8.08
C ASP G 137 -14.15 7.78 8.35
N LYS G 138 -13.22 8.69 8.04
CA LYS G 138 -13.42 10.12 8.28
C LYS G 138 -14.75 10.67 7.78
N THR G 139 -15.33 10.06 6.76
CA THR G 139 -16.61 10.59 6.25
C THR G 139 -17.74 10.29 7.23
N GLU G 140 -17.67 9.09 7.79
CA GLU G 140 -18.65 8.62 8.76
C GLU G 140 -18.50 9.48 10.00
N LEU G 141 -17.26 9.60 10.45
CA LEU G 141 -16.96 10.42 11.63
C LEU G 141 -17.52 11.80 11.40
N GLY G 142 -17.20 12.36 10.23
CA GLY G 142 -17.67 13.69 9.90
C GLY G 142 -19.17 13.81 10.05
N CYS G 143 -19.91 12.81 9.61
CA CYS G 143 -21.36 12.87 9.71
C CYS G 143 -21.83 12.75 11.17
N LEU G 144 -21.24 11.83 11.91
CA LEU G 144 -21.62 11.63 13.30
C LEU G 144 -21.39 12.92 14.11
N ARG G 145 -20.21 13.51 13.96
CA ARG G 145 -19.90 14.73 14.68
C ARG G 145 -20.88 15.83 14.28
N ALA G 146 -21.25 15.89 13.01
CA ALA G 146 -22.19 16.91 12.57
C ALA G 146 -23.53 16.65 13.21
N ILE G 147 -23.86 15.36 13.38
CA ILE G 147 -25.12 14.96 13.99
C ILE G 147 -25.10 15.46 15.43
N ILE G 148 -24.00 15.18 16.11
CA ILE G 148 -23.81 15.61 17.48
C ILE G 148 -23.99 17.12 17.59
N LEU G 149 -23.40 17.85 16.64
CA LEU G 149 -23.48 19.31 16.60
C LEU G 149 -24.90 19.86 16.43
N TYR G 150 -25.65 19.30 15.50
CA TYR G 150 -27.01 19.75 15.26
C TYR G 150 -28.03 19.07 16.15
N ASN G 151 -27.92 19.32 17.45
CA ASN G 151 -28.82 18.75 18.44
C ASN G 151 -29.91 19.79 18.68
N PRO G 152 -31.07 19.60 18.04
CA PRO G 152 -32.19 20.53 18.17
C PRO G 152 -32.73 20.60 19.58
N ASP G 153 -32.28 19.70 20.45
CA ASP G 153 -32.76 19.69 21.81
C ASP G 153 -31.87 20.42 22.79
N VAL G 154 -30.73 20.92 22.30
CA VAL G 154 -29.85 21.70 23.16
C VAL G 154 -30.66 22.88 23.67
N ARG G 155 -30.56 23.19 24.95
CA ARG G 155 -31.34 24.29 25.49
C ARG G 155 -30.86 25.70 25.17
N GLY G 156 -31.83 26.60 25.05
CA GLY G 156 -31.54 27.98 24.74
C GLY G 156 -31.45 28.22 23.25
N ILE G 157 -31.61 27.18 22.45
CA ILE G 157 -31.52 27.29 21.01
C ILE G 157 -32.77 27.93 20.40
N LYS G 158 -32.57 28.86 19.48
CA LYS G 158 -33.66 29.57 18.83
C LYS G 158 -34.13 28.85 17.58
N SER G 159 -33.21 28.66 16.65
CA SER G 159 -33.49 28.00 15.39
C SER G 159 -33.70 26.49 15.53
N VAL G 160 -34.56 26.11 16.46
CA VAL G 160 -34.85 24.70 16.73
C VAL G 160 -35.15 23.89 15.47
N GLN G 161 -36.30 24.17 14.88
CA GLN G 161 -36.74 23.49 13.66
C GLN G 161 -35.69 23.54 12.56
N GLU G 162 -35.00 24.66 12.47
CA GLU G 162 -33.95 24.80 11.47
C GLU G 162 -32.87 23.73 11.70
N VAL G 163 -32.49 23.56 12.97
CA VAL G 163 -31.47 22.59 13.35
C VAL G 163 -31.95 21.17 13.17
N GLU G 164 -33.20 20.91 13.55
CA GLU G 164 -33.77 19.57 13.41
C GLU G 164 -33.65 19.13 11.95
N MET G 165 -34.03 20.02 11.04
CA MET G 165 -33.98 19.73 9.61
C MET G 165 -32.56 19.47 9.12
N LEU G 166 -31.63 20.30 9.55
CA LEU G 166 -30.25 20.11 9.14
C LEU G 166 -29.75 18.75 9.60
N ARG G 167 -30.18 18.33 10.80
CA ARG G 167 -29.73 17.05 11.32
C ARG G 167 -30.30 15.91 10.50
N GLU G 168 -31.60 16.00 10.19
CA GLU G 168 -32.25 14.97 9.41
C GLU G 168 -31.56 14.79 8.06
N LYS G 169 -31.13 15.90 7.47
CA LYS G 169 -30.45 15.83 6.19
C LYS G 169 -29.14 15.06 6.32
N ILE G 170 -28.46 15.22 7.46
CA ILE G 170 -27.20 14.51 7.69
C ILE G 170 -27.45 13.02 7.88
N TYR G 171 -28.61 12.69 8.45
CA TYR G 171 -28.96 11.27 8.63
C TYR G 171 -29.04 10.68 7.23
N GLY G 172 -29.84 11.33 6.38
CA GLY G 172 -29.99 10.89 5.00
C GLY G 172 -28.67 10.73 4.26
N VAL G 173 -27.79 11.72 4.39
CA VAL G 173 -26.50 11.65 3.74
C VAL G 173 -25.72 10.45 4.22
N LEU G 174 -25.61 10.29 5.54
CA LEU G 174 -24.86 9.17 6.08
C LEU G 174 -25.55 7.85 5.73
N GLU G 175 -26.88 7.86 5.74
CA GLU G 175 -27.65 6.66 5.41
C GLU G 175 -27.28 6.27 3.98
N GLU G 176 -27.35 7.24 3.08
CA GLU G 176 -27.02 7.03 1.67
C GLU G 176 -25.57 6.63 1.47
N TYR G 177 -24.67 7.35 2.14
CA TYR G 177 -23.26 7.06 2.03
C TYR G 177 -22.92 5.62 2.38
N THR G 178 -23.50 5.12 3.47
CA THR G 178 -23.21 3.75 3.91
C THR G 178 -23.77 2.67 3.01
N ARG G 179 -24.96 2.89 2.46
CA ARG G 179 -25.56 1.90 1.58
C ARG G 179 -24.69 1.68 0.34
N THR G 180 -24.16 2.77 -0.21
CA THR G 180 -23.33 2.69 -1.40
C THR G 180 -21.88 2.29 -1.12
N THR G 181 -21.38 2.56 0.08
CA THR G 181 -19.99 2.22 0.41
C THR G 181 -19.85 0.81 0.98
N HIS G 182 -20.93 0.30 1.55
CA HIS G 182 -20.94 -1.05 2.13
C HIS G 182 -22.29 -1.70 1.85
N PRO G 183 -22.59 -1.99 0.57
CA PRO G 183 -23.87 -2.62 0.24
C PRO G 183 -23.88 -4.01 0.85
N ASN G 184 -22.70 -4.42 1.30
CA ASN G 184 -22.47 -5.73 1.90
C ASN G 184 -22.75 -5.78 3.41
N GLU G 185 -22.81 -4.61 4.05
CA GLU G 185 -23.02 -4.51 5.49
C GLU G 185 -24.26 -3.66 5.80
N PRO G 186 -25.45 -4.27 5.80
CA PRO G 186 -26.71 -3.57 6.08
C PRO G 186 -26.77 -2.88 7.44
N GLY G 187 -26.21 -3.53 8.46
CA GLY G 187 -26.21 -2.96 9.80
C GLY G 187 -25.31 -1.75 9.95
N ARG G 188 -24.39 -1.57 9.01
CA ARG G 188 -23.43 -0.47 9.02
C ARG G 188 -24.04 0.85 9.54
N PHE G 189 -25.14 1.29 8.94
CA PHE G 189 -25.78 2.54 9.36
C PHE G 189 -26.09 2.55 10.86
N ALA G 190 -26.88 1.57 11.31
CA ALA G 190 -27.22 1.47 12.72
C ALA G 190 -25.97 1.33 13.59
N LYS G 191 -25.03 0.49 13.15
CA LYS G 191 -23.81 0.29 13.92
C LYS G 191 -23.06 1.59 14.16
N LEU G 192 -23.14 2.50 13.18
CA LEU G 192 -22.48 3.80 13.28
C LEU G 192 -23.20 4.66 14.34
N LEU G 193 -24.51 4.80 14.17
CA LEU G 193 -25.33 5.60 15.07
C LEU G 193 -25.30 5.10 16.52
N LEU G 194 -25.10 3.80 16.73
CA LEU G 194 -25.07 3.28 18.08
C LEU G 194 -23.80 3.64 18.83
N ARG G 195 -22.92 4.41 18.22
CA ARG G 195 -21.71 4.85 18.89
C ARG G 195 -22.07 6.14 19.68
N LEU G 196 -23.14 6.80 19.26
CA LEU G 196 -23.57 8.03 19.89
C LEU G 196 -24.00 7.89 21.36
N PRO G 197 -24.66 6.77 21.72
CA PRO G 197 -25.06 6.66 23.12
C PRO G 197 -23.83 6.50 24.01
N ALA G 198 -22.90 5.67 23.54
CA ALA G 198 -21.67 5.45 24.28
C ALA G 198 -20.93 6.78 24.42
N LEU G 199 -20.92 7.56 23.34
CA LEU G 199 -20.24 8.83 23.34
C LEU G 199 -20.91 9.79 24.31
N ARG G 200 -22.24 9.78 24.37
CA ARG G 200 -22.96 10.68 25.27
C ARG G 200 -22.64 10.27 26.72
N SER G 201 -22.66 8.97 26.99
CA SER G 201 -22.35 8.47 28.34
C SER G 201 -20.98 8.94 28.80
N ILE G 202 -19.97 8.75 27.97
CA ILE G 202 -18.63 9.17 28.31
C ILE G 202 -18.58 10.68 28.55
N GLY G 203 -19.25 11.44 27.70
CA GLY G 203 -19.25 12.88 27.86
C GLY G 203 -19.86 13.29 29.18
N LEU G 204 -20.92 12.60 29.59
CA LEU G 204 -21.60 12.90 30.86
C LEU G 204 -20.66 12.73 32.03
N LYS G 205 -19.62 11.91 31.87
CA LYS G 205 -18.66 11.69 32.94
C LYS G 205 -17.66 12.83 33.06
N CYS G 206 -17.73 13.82 32.17
CA CYS G 206 -16.77 14.90 32.21
C CYS G 206 -16.91 15.99 33.30
N LEU G 207 -18.02 16.71 33.35
CA LEU G 207 -18.23 17.74 34.38
C LEU G 207 -17.70 19.12 34.08
N GLU G 208 -16.80 19.22 33.10
CA GLU G 208 -16.27 20.51 32.69
C GLU G 208 -15.91 20.36 31.22
N HIS G 209 -15.80 21.47 30.49
CA HIS G 209 -15.44 21.40 29.08
C HIS G 209 -13.97 20.99 28.98
N LEU G 210 -13.72 19.86 28.35
CA LEU G 210 -12.36 19.35 28.22
C LEU G 210 -11.36 20.36 27.66
N PHE G 211 -10.14 20.31 28.20
CA PHE G 211 -9.03 21.19 27.79
C PHE G 211 -9.22 22.71 27.91
N PHE G 212 -10.32 23.17 28.49
CA PHE G 212 -10.53 24.61 28.57
C PHE G 212 -9.62 25.33 29.55
N PHE G 213 -8.96 24.59 30.43
CA PHE G 213 -8.11 25.23 31.43
C PHE G 213 -6.63 25.25 31.12
N LYS G 214 -6.25 24.54 30.08
CA LYS G 214 -4.86 24.53 29.66
C LYS G 214 -4.72 25.73 28.72
N LEU G 215 -5.82 26.44 28.53
CA LEU G 215 -5.85 27.63 27.69
C LEU G 215 -5.21 28.79 28.43
N ILE G 216 -4.68 29.73 27.67
CA ILE G 216 -4.01 30.90 28.23
C ILE G 216 -4.99 31.95 28.79
N GLY G 217 -4.59 32.52 29.93
CA GLY G 217 -5.41 33.54 30.56
C GLY G 217 -6.84 33.13 30.87
N ASP G 218 -7.62 34.09 31.35
CA ASP G 218 -9.02 33.84 31.69
C ASP G 218 -9.95 34.47 30.66
N VAL G 219 -11.07 33.79 30.41
CA VAL G 219 -12.07 34.26 29.47
C VAL G 219 -13.22 33.25 29.47
N PRO G 220 -14.43 33.70 29.81
CA PRO G 220 -15.59 32.81 29.85
C PRO G 220 -15.84 32.01 28.58
N ILE G 221 -16.33 30.79 28.75
CA ILE G 221 -16.62 29.90 27.62
C ILE G 221 -17.39 30.57 26.49
N ASP G 222 -18.55 31.15 26.81
CA ASP G 222 -19.35 31.80 25.79
C ASP G 222 -18.58 32.89 25.04
N THR G 223 -17.60 33.49 25.70
CA THR G 223 -16.79 34.55 25.08
C THR G 223 -15.70 33.96 24.19
N PHE G 224 -15.00 32.96 24.69
CA PHE G 224 -13.95 32.31 23.91
C PHE G 224 -14.58 31.86 22.60
N LEU G 225 -15.77 31.27 22.69
CA LEU G 225 -16.48 30.80 21.51
C LEU G 225 -16.91 31.98 20.64
N MET G 226 -17.61 32.94 21.24
CA MET G 226 -18.10 34.10 20.52
C MET G 226 -17.05 34.74 19.62
N GLU G 227 -15.82 34.87 20.13
CA GLU G 227 -14.76 35.49 19.35
C GLU G 227 -14.13 34.53 18.35
N MET G 228 -14.04 33.25 18.71
CA MET G 228 -13.47 32.25 17.82
C MET G 228 -14.35 32.10 16.57
N LEU G 229 -15.66 32.22 16.77
CA LEU G 229 -16.61 32.10 15.67
C LEU G 229 -16.49 33.34 14.79
N GLU G 230 -15.45 34.10 15.08
CA GLU G 230 -15.10 35.33 14.37
C GLU G 230 -13.58 35.37 14.33
N GLY G 231 -13.01 34.69 13.35
CA GLY G 231 -11.57 34.63 13.19
C GLY G 231 -11.28 33.27 12.59
N THR G 232 -12.37 32.60 12.21
CA THR G 232 -12.28 31.26 11.63
C THR G 232 -13.47 30.93 10.72
N THR G 233 -14.12 31.95 10.16
CA THR G 233 -15.31 31.75 9.33
C THR G 233 -15.26 31.16 7.93
N ASP G 234 -16.42 30.63 7.54
CA ASP G 234 -16.67 30.00 6.25
C ASP G 234 -18.05 30.43 5.77
N ILE H 10 -40.94 -6.68 4.62
CA ILE H 10 -40.66 -7.34 5.92
C ILE H 10 -40.22 -8.81 5.71
N SER H 11 -40.16 -9.58 6.78
CA SER H 11 -39.74 -10.98 6.72
C SER H 11 -40.56 -11.91 7.61
N PRO H 12 -41.13 -12.99 7.02
CA PRO H 12 -41.92 -13.93 7.82
C PRO H 12 -40.97 -14.58 8.81
N GLU H 13 -40.93 -14.00 10.00
CA GLU H 13 -40.07 -14.44 11.08
C GLU H 13 -39.87 -13.18 11.90
N GLN H 14 -39.65 -12.08 11.19
CA GLN H 14 -39.47 -10.79 11.83
C GLN H 14 -40.84 -10.34 12.30
N GLU H 15 -41.86 -10.59 11.49
CA GLU H 15 -43.21 -10.21 11.88
C GLU H 15 -43.59 -11.03 13.09
N GLU H 16 -43.07 -12.25 13.15
CA GLU H 16 -43.34 -13.13 14.28
C GLU H 16 -42.69 -12.51 15.53
N LEU H 17 -41.42 -12.15 15.41
CA LEU H 17 -40.69 -11.53 16.51
C LEU H 17 -41.41 -10.27 16.99
N ILE H 18 -41.86 -9.46 16.05
CA ILE H 18 -42.55 -8.23 16.38
C ILE H 18 -43.93 -8.49 17.00
N HIS H 19 -44.61 -9.54 16.54
CA HIS H 19 -45.92 -9.91 17.10
C HIS H 19 -45.70 -10.25 18.56
N ARG H 20 -44.64 -11.03 18.78
CA ARG H 20 -44.26 -11.47 20.11
C ARG H 20 -43.96 -10.28 21.01
N LEU H 21 -43.11 -9.37 20.54
CA LEU H 21 -42.76 -8.20 21.34
C LEU H 21 -43.99 -7.35 21.68
N VAL H 22 -44.81 -7.06 20.69
CA VAL H 22 -45.99 -6.25 20.94
C VAL H 22 -46.84 -6.91 22.02
N TYR H 23 -46.92 -8.24 21.95
CA TYR H 23 -47.69 -9.04 22.92
C TYR H 23 -47.14 -8.86 24.33
N PHE H 24 -45.85 -9.12 24.49
CA PHE H 24 -45.19 -8.98 25.78
C PHE H 24 -45.35 -7.56 26.28
N GLN H 25 -45.25 -6.60 25.37
CA GLN H 25 -45.39 -5.21 25.76
C GLN H 25 -46.76 -4.98 26.37
N ASN H 26 -47.79 -5.53 25.73
CA ASN H 26 -49.15 -5.38 26.22
C ASN H 26 -49.39 -6.15 27.53
N GLU H 27 -48.79 -7.34 27.63
CA GLU H 27 -48.91 -8.19 28.80
C GLU H 27 -48.38 -7.54 30.06
N TYR H 28 -47.35 -6.72 29.92
CA TYR H 28 -46.78 -6.10 31.09
C TYR H 28 -46.87 -4.58 31.15
N GLU H 29 -47.78 -4.02 30.37
CA GLU H 29 -47.91 -2.57 30.38
C GLU H 29 -48.18 -2.01 31.79
N HIS H 30 -49.27 -2.43 32.42
CA HIS H 30 -49.60 -1.94 33.75
C HIS H 30 -49.61 -3.03 34.81
N PRO H 31 -49.50 -2.65 36.10
CA PRO H 31 -49.48 -3.60 37.21
C PRO H 31 -50.84 -4.13 37.63
N SER H 32 -50.82 -5.10 38.55
CA SER H 32 -52.01 -5.77 39.08
C SER H 32 -52.95 -4.86 39.85
N GLU H 33 -54.24 -5.14 39.75
CA GLU H 33 -55.26 -4.37 40.48
C GLU H 33 -54.93 -4.46 41.96
N GLU H 34 -54.55 -5.66 42.38
CA GLU H 34 -54.21 -5.92 43.77
C GLU H 34 -52.98 -5.14 44.23
N ASP H 35 -51.89 -5.23 43.45
CA ASP H 35 -50.65 -4.54 43.80
C ASP H 35 -50.85 -3.02 43.88
N VAL H 36 -51.67 -2.49 42.99
CA VAL H 36 -51.93 -1.05 42.98
C VAL H 36 -52.74 -0.61 44.19
N LYS H 37 -53.88 -1.23 44.39
CA LYS H 37 -54.72 -0.90 45.54
C LYS H 37 -53.94 -1.08 46.83
N ARG H 38 -53.07 -2.08 46.84
CA ARG H 38 -52.26 -2.37 48.02
C ARG H 38 -51.34 -1.20 48.37
N ILE H 39 -51.25 -0.20 47.51
CA ILE H 39 -50.39 0.95 47.77
C ILE H 39 -51.09 2.04 48.55
N ILE H 40 -52.12 2.65 47.96
CA ILE H 40 -52.84 3.72 48.66
C ILE H 40 -53.65 3.18 49.84
N ASN H 41 -53.01 3.17 51.00
CA ASN H 41 -53.65 2.68 52.23
C ASN H 41 -53.35 3.62 53.40
N ASP H 45 -52.28 8.90 54.78
CA ASP H 45 -51.93 8.09 55.94
C ASP H 45 -50.73 8.67 56.70
N GLY H 46 -50.72 8.47 58.01
CA GLY H 46 -49.63 8.95 58.85
C GLY H 46 -49.11 10.37 58.65
N GLU H 47 -48.36 10.59 57.57
CA GLU H 47 -47.76 11.89 57.27
C GLU H 47 -48.61 12.78 56.35
N ASP H 48 -48.13 13.99 56.10
CA ASP H 48 -48.83 14.98 55.27
C ASP H 48 -48.94 14.66 53.78
N GLN H 49 -49.80 15.41 53.11
CA GLN H 49 -50.08 15.28 51.67
C GLN H 49 -48.87 15.33 50.74
N CYS H 50 -47.71 15.67 51.28
CA CYS H 50 -46.49 15.74 50.46
C CYS H 50 -45.81 14.37 50.43
N ASP H 51 -45.45 13.87 51.61
CA ASP H 51 -44.79 12.58 51.72
C ASP H 51 -45.66 11.47 51.18
N VAL H 52 -46.88 11.84 50.80
CA VAL H 52 -47.81 10.87 50.25
C VAL H 52 -47.61 10.71 48.75
N ARG H 53 -47.67 11.82 48.01
CA ARG H 53 -47.49 11.76 46.57
C ARG H 53 -46.12 11.16 46.26
N PHE H 54 -45.19 11.32 47.19
CA PHE H 54 -43.83 10.77 47.05
C PHE H 54 -43.85 9.26 47.21
N ARG H 55 -44.64 8.79 48.17
CA ARG H 55 -44.73 7.36 48.45
C ARG H 55 -45.42 6.65 47.29
N HIS H 56 -46.41 7.32 46.69
CA HIS H 56 -47.11 6.72 45.57
C HIS H 56 -46.18 6.60 44.39
N ILE H 57 -45.53 7.71 44.04
CA ILE H 57 -44.61 7.71 42.93
C ILE H 57 -43.54 6.64 43.09
N THR H 58 -42.90 6.60 44.25
CA THR H 58 -41.85 5.61 44.45
C THR H 58 -42.36 4.17 44.49
N GLU H 59 -43.47 3.94 45.18
CA GLU H 59 -44.00 2.58 45.27
C GLU H 59 -44.46 2.07 43.92
N ILE H 60 -45.24 2.86 43.19
CA ILE H 60 -45.69 2.45 41.88
C ILE H 60 -44.50 2.18 40.98
N THR H 61 -43.46 2.99 41.10
CA THR H 61 -42.28 2.80 40.27
C THR H 61 -41.67 1.43 40.50
N ILE H 62 -41.77 0.92 41.72
CA ILE H 62 -41.22 -0.40 42.02
C ILE H 62 -41.93 -1.44 41.16
N LEU H 63 -43.25 -1.32 41.05
CA LEU H 63 -44.02 -2.24 40.24
C LEU H 63 -43.56 -2.10 38.80
N THR H 64 -43.39 -0.85 38.38
CA THR H 64 -42.94 -0.54 37.03
C THR H 64 -41.63 -1.26 36.69
N VAL H 65 -40.67 -1.20 37.59
CA VAL H 65 -39.39 -1.85 37.33
C VAL H 65 -39.61 -3.34 37.21
N GLN H 66 -40.43 -3.89 38.12
CA GLN H 66 -40.74 -5.32 38.10
C GLN H 66 -41.31 -5.73 36.73
N LEU H 67 -42.25 -4.93 36.22
CA LEU H 67 -42.83 -5.21 34.93
C LEU H 67 -41.76 -5.22 33.85
N ILE H 68 -40.81 -4.29 33.93
CA ILE H 68 -39.73 -4.21 32.95
C ILE H 68 -38.93 -5.51 32.96
N VAL H 69 -38.60 -6.00 34.15
CA VAL H 69 -37.84 -7.25 34.23
C VAL H 69 -38.65 -8.41 33.64
N GLU H 70 -39.95 -8.43 33.90
CA GLU H 70 -40.77 -9.49 33.35
C GLU H 70 -40.71 -9.48 31.81
N PHE H 71 -40.78 -8.30 31.23
CA PHE H 71 -40.72 -8.12 29.79
C PHE H 71 -39.36 -8.57 29.27
N ALA H 72 -38.29 -8.09 29.90
CA ALA H 72 -36.96 -8.44 29.45
C ALA H 72 -36.73 -9.94 29.51
N LYS H 73 -37.01 -10.53 30.67
CA LYS H 73 -36.82 -11.96 30.88
C LYS H 73 -37.40 -12.81 29.75
N ARG H 74 -38.47 -12.34 29.12
CA ARG H 74 -39.11 -13.09 28.05
C ARG H 74 -38.70 -12.76 26.61
N LEU H 75 -37.71 -11.88 26.46
CA LEU H 75 -37.27 -11.50 25.13
C LEU H 75 -36.38 -12.56 24.51
N PRO H 76 -36.67 -12.94 23.27
CA PRO H 76 -35.86 -13.95 22.59
C PRO H 76 -34.38 -13.52 22.65
N GLY H 77 -33.52 -14.40 23.12
CA GLY H 77 -32.11 -14.07 23.22
C GLY H 77 -31.67 -13.91 24.65
N PHE H 78 -32.53 -13.34 25.49
CA PHE H 78 -32.18 -13.14 26.88
C PHE H 78 -31.61 -14.41 27.53
N ASP H 79 -32.34 -15.52 27.39
CA ASP H 79 -31.93 -16.78 28.01
C ASP H 79 -30.60 -17.34 27.53
N LYS H 80 -30.06 -16.76 26.46
CA LYS H 80 -28.78 -17.23 25.93
C LYS H 80 -27.61 -16.51 26.59
N LEU H 81 -27.88 -15.65 27.56
CA LEU H 81 -26.82 -14.91 28.22
C LEU H 81 -26.45 -15.49 29.57
N LEU H 82 -25.24 -15.17 30.04
CA LEU H 82 -24.78 -15.62 31.35
C LEU H 82 -25.60 -14.87 32.39
N ARG H 83 -25.89 -15.54 33.50
CA ARG H 83 -26.68 -14.92 34.56
C ARG H 83 -26.15 -13.53 34.91
N GLU H 84 -24.83 -13.44 35.05
CA GLU H 84 -24.17 -12.20 35.41
C GLU H 84 -24.44 -11.08 34.43
N ASP H 85 -24.43 -11.40 33.14
CA ASP H 85 -24.70 -10.39 32.14
C ASP H 85 -26.17 -9.98 32.16
N GLN H 86 -27.05 -10.93 32.48
CA GLN H 86 -28.46 -10.66 32.56
C GLN H 86 -28.71 -9.62 33.65
N ILE H 87 -28.13 -9.86 34.83
CA ILE H 87 -28.28 -8.92 35.91
C ILE H 87 -27.77 -7.55 35.45
N ALA H 88 -26.57 -7.51 34.88
CA ALA H 88 -25.99 -6.25 34.42
C ALA H 88 -26.92 -5.48 33.46
N LEU H 89 -27.43 -6.17 32.45
CA LEU H 89 -28.29 -5.51 31.49
C LEU H 89 -29.59 -5.00 32.14
N LEU H 90 -30.19 -5.81 33.01
CA LEU H 90 -31.43 -5.42 33.67
C LEU H 90 -31.21 -4.22 34.59
N LYS H 91 -30.12 -4.21 35.35
CA LYS H 91 -29.84 -3.09 36.24
C LYS H 91 -29.72 -1.81 35.41
N ALA H 92 -28.96 -1.87 34.33
CA ALA H 92 -28.70 -0.72 33.48
C ALA H 92 -29.87 -0.17 32.67
N CYS H 93 -30.80 -1.04 32.27
CA CYS H 93 -31.93 -0.60 31.44
C CYS H 93 -33.14 -0.09 32.22
N SER H 94 -33.24 -0.45 33.49
CA SER H 94 -34.36 -0.04 34.34
C SER H 94 -34.73 1.41 34.17
N SER H 95 -33.84 2.29 34.60
CA SER H 95 -34.09 3.72 34.55
C SER H 95 -34.35 4.23 33.14
N GLU H 96 -33.80 3.54 32.14
CA GLU H 96 -34.00 3.96 30.76
C GLU H 96 -35.34 3.50 30.22
N VAL H 97 -35.56 2.19 30.22
CA VAL H 97 -36.81 1.63 29.73
C VAL H 97 -38.04 2.29 30.37
N MET H 98 -37.92 2.72 31.63
CA MET H 98 -39.08 3.33 32.26
C MET H 98 -39.47 4.65 31.62
N MET H 99 -38.55 5.32 30.94
CA MET H 99 -38.90 6.57 30.28
C MET H 99 -39.90 6.27 29.16
N PHE H 100 -39.75 5.11 28.52
CA PHE H 100 -40.67 4.74 27.45
C PHE H 100 -42.02 4.49 28.09
N ARG H 101 -42.04 3.71 29.18
CA ARG H 101 -43.30 3.40 29.84
C ARG H 101 -43.99 4.68 30.20
N MET H 102 -43.21 5.66 30.65
CA MET H 102 -43.75 6.95 31.00
C MET H 102 -44.33 7.67 29.77
N ALA H 103 -43.52 7.78 28.72
CA ALA H 103 -43.96 8.46 27.50
C ALA H 103 -45.24 7.88 26.94
N ARG H 104 -45.41 6.57 27.04
CA ARG H 104 -46.61 5.95 26.51
C ARG H 104 -47.87 6.32 27.28
N ARG H 105 -47.71 6.89 28.47
CA ARG H 105 -48.86 7.28 29.26
C ARG H 105 -48.96 8.80 29.33
N TYR H 106 -48.31 9.47 28.38
CA TYR H 106 -48.33 10.92 28.32
C TYR H 106 -49.57 11.43 27.62
N ASP H 107 -50.23 12.41 28.22
CA ASP H 107 -51.42 13.03 27.66
C ASP H 107 -51.04 14.42 27.16
N VAL H 108 -51.15 14.64 25.86
CA VAL H 108 -50.81 15.94 25.27
C VAL H 108 -51.74 17.03 25.77
N GLN H 109 -53.01 16.68 25.90
CA GLN H 109 -54.06 17.58 26.37
C GLN H 109 -53.68 18.34 27.64
N THR H 110 -53.30 17.60 28.66
CA THR H 110 -52.97 18.17 29.95
C THR H 110 -51.47 18.22 30.27
N ASP H 111 -50.63 17.90 29.28
CA ASP H 111 -49.18 17.91 29.50
C ASP H 111 -48.88 17.16 30.80
N SER H 112 -49.45 15.96 30.93
CA SER H 112 -49.25 15.16 32.13
C SER H 112 -49.06 13.68 31.84
N ILE H 113 -48.93 12.91 32.91
CA ILE H 113 -48.77 11.48 32.78
C ILE H 113 -49.92 10.80 33.51
N LEU H 114 -50.60 9.89 32.82
CA LEU H 114 -51.72 9.17 33.41
C LEU H 114 -51.24 7.97 34.19
N PHE H 115 -51.20 8.09 35.52
CA PHE H 115 -50.77 6.97 36.35
C PHE H 115 -51.80 5.84 36.31
N VAL H 116 -51.45 4.71 36.91
CA VAL H 116 -52.32 3.54 36.94
C VAL H 116 -53.74 3.88 37.41
N ASN H 117 -53.83 4.64 38.49
CA ASN H 117 -55.12 5.02 39.05
C ASN H 117 -55.80 6.16 38.28
N ASN H 118 -55.45 6.29 37.01
CA ASN H 118 -56.03 7.31 36.15
C ASN H 118 -55.77 8.74 36.59
N GLN H 119 -55.19 8.89 37.78
CA GLN H 119 -54.87 10.21 38.32
C GLN H 119 -53.74 10.80 37.48
N PRO H 120 -54.02 11.87 36.73
CA PRO H 120 -52.95 12.46 35.91
C PRO H 120 -51.99 13.26 36.77
N TYR H 121 -50.70 13.01 36.59
CA TYR H 121 -49.66 13.73 37.33
C TYR H 121 -48.98 14.75 36.44
N SER H 122 -48.81 15.96 36.95
CA SER H 122 -48.21 17.05 36.20
C SER H 122 -46.98 17.62 36.91
N ARG H 123 -46.47 18.72 36.38
CA ARG H 123 -45.32 19.39 36.96
C ARG H 123 -45.60 19.61 38.45
N ASP H 124 -46.76 20.17 38.73
CA ASP H 124 -47.17 20.44 40.10
C ASP H 124 -47.15 19.20 40.96
N SER H 125 -47.68 18.10 40.42
CA SER H 125 -47.72 16.86 41.16
C SER H 125 -46.33 16.39 41.56
N TYR H 126 -45.41 16.35 40.59
CA TYR H 126 -44.05 15.92 40.87
C TYR H 126 -43.39 16.91 41.82
N ASN H 127 -43.64 18.19 41.59
CA ASN H 127 -43.07 19.22 42.43
C ASN H 127 -43.50 18.99 43.87
N LEU H 128 -44.80 18.77 44.08
CA LEU H 128 -45.29 18.54 45.41
C LEU H 128 -44.61 17.32 46.04
N ALA H 129 -44.25 16.34 45.22
CA ALA H 129 -43.62 15.11 45.72
C ALA H 129 -42.12 15.28 45.96
N GLY H 130 -41.58 16.44 45.63
CA GLY H 130 -40.17 16.68 45.82
C GLY H 130 -39.33 16.24 44.65
N MET H 131 -39.92 16.25 43.46
CA MET H 131 -39.21 15.85 42.27
C MET H 131 -39.48 16.80 41.12
N GLY H 132 -39.52 18.09 41.43
CA GLY H 132 -39.74 19.09 40.41
C GLY H 132 -38.48 19.42 39.64
N GLU H 133 -37.34 18.93 40.14
CA GLU H 133 -36.06 19.20 39.50
C GLU H 133 -35.92 18.62 38.11
N THR H 134 -36.41 17.40 37.90
CA THR H 134 -36.29 16.78 36.60
C THR H 134 -37.56 16.65 35.76
N ILE H 135 -38.72 16.84 36.38
CA ILE H 135 -40.00 16.71 35.68
C ILE H 135 -40.11 17.44 34.33
N GLU H 136 -39.49 18.62 34.21
CA GLU H 136 -39.51 19.36 32.97
C GLU H 136 -38.89 18.57 31.83
N ASP H 137 -37.69 18.07 32.06
CA ASP H 137 -36.98 17.29 31.07
C ASP H 137 -37.73 16.02 30.75
N LEU H 138 -38.36 15.47 31.78
CA LEU H 138 -39.14 14.25 31.62
C LEU H 138 -40.31 14.52 30.67
N LEU H 139 -41.09 15.56 30.96
CA LEU H 139 -42.23 15.91 30.13
C LEU H 139 -41.76 16.25 28.72
N HIS H 140 -40.59 16.86 28.63
CA HIS H 140 -40.04 17.24 27.33
C HIS H 140 -39.81 15.99 26.50
N PHE H 141 -39.25 14.95 27.15
CA PHE H 141 -39.01 13.70 26.45
C PHE H 141 -40.36 13.12 25.96
N CYS H 142 -41.38 13.20 26.81
CA CYS H 142 -42.68 12.69 26.43
C CYS H 142 -43.21 13.36 25.16
N ARG H 143 -43.02 14.67 25.08
CA ARG H 143 -43.43 15.43 23.91
C ARG H 143 -42.62 15.02 22.70
N THR H 144 -41.31 14.93 22.85
CA THR H 144 -40.47 14.54 21.75
C THR H 144 -40.97 13.21 21.18
N MET H 145 -41.12 12.22 22.04
CA MET H 145 -41.59 10.91 21.62
C MET H 145 -42.92 11.01 20.90
N TYR H 146 -43.83 11.78 21.47
CA TYR H 146 -45.15 11.95 20.90
C TYR H 146 -45.09 12.50 19.50
N SER H 147 -44.35 13.57 19.30
CA SER H 147 -44.24 14.18 18.00
C SER H 147 -43.76 13.21 16.91
N MET H 148 -43.01 12.18 17.31
CA MET H 148 -42.49 11.22 16.35
C MET H 148 -43.51 10.13 16.03
N ARG H 149 -44.68 10.21 16.65
CA ARG H 149 -45.73 9.23 16.40
C ARG H 149 -45.16 7.80 16.47
N VAL H 150 -44.49 7.47 17.57
CA VAL H 150 -43.92 6.13 17.72
C VAL H 150 -45.06 5.15 18.04
N ASP H 151 -45.13 4.04 17.31
CA ASP H 151 -46.20 3.07 17.56
C ASP H 151 -45.72 1.95 18.46
N ASN H 152 -46.64 1.04 18.77
CA ASN H 152 -46.36 -0.11 19.63
C ASN H 152 -45.16 -0.96 19.24
N ALA H 153 -45.07 -1.30 17.96
CA ALA H 153 -43.97 -2.14 17.50
C ALA H 153 -42.65 -1.41 17.65
N GLU H 154 -42.64 -0.15 17.24
CA GLU H 154 -41.42 0.63 17.32
C GLU H 154 -41.00 0.72 18.77
N TYR H 155 -41.97 0.97 19.66
CA TYR H 155 -41.66 1.06 21.07
C TYR H 155 -41.09 -0.27 21.59
N ALA H 156 -41.75 -1.36 21.21
CA ALA H 156 -41.32 -2.69 21.65
C ALA H 156 -39.91 -2.99 21.16
N LEU H 157 -39.65 -2.81 19.87
CA LEU H 157 -38.32 -3.06 19.30
C LEU H 157 -37.29 -2.18 20.02
N LEU H 158 -37.61 -0.90 20.12
CA LEU H 158 -36.74 0.05 20.76
C LEU H 158 -36.39 -0.41 22.19
N THR H 159 -37.40 -0.84 22.93
CA THR H 159 -37.20 -1.34 24.30
C THR H 159 -36.19 -2.49 24.28
N ALA H 160 -36.41 -3.45 23.39
CA ALA H 160 -35.51 -4.61 23.28
C ALA H 160 -34.11 -4.12 22.95
N ILE H 161 -34.02 -3.20 21.99
CA ILE H 161 -32.75 -2.62 21.58
C ILE H 161 -32.05 -1.97 22.76
N VAL H 162 -32.81 -1.25 23.59
CA VAL H 162 -32.25 -0.61 24.77
C VAL H 162 -31.73 -1.67 25.72
N ILE H 163 -32.54 -2.70 25.96
CA ILE H 163 -32.13 -3.77 26.89
C ILE H 163 -30.83 -4.47 26.48
N PHE H 164 -30.69 -4.73 25.18
CA PHE H 164 -29.49 -5.39 24.69
C PHE H 164 -28.42 -4.40 24.22
N SER H 165 -28.07 -3.45 25.08
CA SER H 165 -27.08 -2.46 24.74
C SER H 165 -25.74 -2.76 25.37
N GLU H 166 -24.67 -2.33 24.71
CA GLU H 166 -23.33 -2.53 25.24
C GLU H 166 -23.29 -1.76 26.56
N ARG H 167 -23.00 -2.47 27.65
CA ARG H 167 -22.93 -1.82 28.94
C ARG H 167 -21.58 -2.17 29.57
N PRO H 168 -21.09 -1.33 30.48
CA PRO H 168 -19.80 -1.61 31.11
C PRO H 168 -19.93 -2.87 31.97
N ALA H 169 -18.80 -3.53 32.21
CA ALA H 169 -18.76 -4.74 33.03
C ALA H 169 -19.62 -5.83 32.42
N LEU H 170 -19.50 -6.00 31.12
CA LEU H 170 -20.27 -7.02 30.44
C LEU H 170 -19.31 -8.15 30.07
N ILE H 171 -19.65 -9.37 30.45
CA ILE H 171 -18.79 -10.52 30.16
C ILE H 171 -18.74 -10.84 28.67
N GLU H 172 -19.85 -11.28 28.11
CA GLU H 172 -19.90 -11.63 26.69
C GLU H 172 -20.54 -10.53 25.84
N GLY H 173 -20.00 -9.32 25.96
CA GLY H 173 -20.52 -8.18 25.20
C GLY H 173 -20.85 -8.51 23.76
N TRP H 174 -19.94 -9.18 23.08
CA TRP H 174 -20.16 -9.55 21.67
C TRP H 174 -21.46 -10.33 21.50
N LYS H 175 -21.80 -11.14 22.49
CA LYS H 175 -23.03 -11.92 22.41
C LYS H 175 -24.25 -11.00 22.50
N VAL H 176 -24.15 -9.97 23.35
CA VAL H 176 -25.23 -9.01 23.52
C VAL H 176 -25.40 -8.26 22.22
N GLU H 177 -24.29 -7.77 21.67
CA GLU H 177 -24.29 -7.03 20.42
C GLU H 177 -24.94 -7.80 19.29
N LYS H 178 -24.62 -9.08 19.17
CA LYS H 178 -25.22 -9.89 18.11
C LYS H 178 -26.72 -9.97 18.30
N ILE H 179 -27.16 -10.11 19.55
CA ILE H 179 -28.59 -10.18 19.81
C ILE H 179 -29.24 -8.85 19.40
N GLN H 180 -28.61 -7.75 19.80
CA GLN H 180 -29.16 -6.44 19.48
C GLN H 180 -29.32 -6.29 17.96
N GLU H 181 -28.34 -6.78 17.20
CA GLU H 181 -28.39 -6.74 15.74
C GLU H 181 -29.70 -7.25 15.17
N ILE H 182 -30.13 -8.39 15.68
CA ILE H 182 -31.37 -8.98 15.21
C ILE H 182 -32.54 -8.03 15.38
N TYR H 183 -32.62 -7.37 16.54
CA TYR H 183 -33.71 -6.43 16.80
C TYR H 183 -33.55 -5.17 15.93
N LEU H 184 -32.31 -4.76 15.72
CA LEU H 184 -32.08 -3.59 14.88
C LEU H 184 -32.56 -3.89 13.45
N GLU H 185 -32.28 -5.10 12.96
CA GLU H 185 -32.71 -5.50 11.64
C GLU H 185 -34.25 -5.52 11.57
N ALA H 186 -34.88 -6.04 12.62
CA ALA H 186 -36.32 -6.08 12.67
C ALA H 186 -36.89 -4.67 12.58
N LEU H 187 -36.33 -3.77 13.39
CA LEU H 187 -36.78 -2.38 13.41
C LEU H 187 -36.70 -1.76 12.03
N ARG H 188 -35.51 -1.80 11.43
CA ARG H 188 -35.30 -1.21 10.10
C ARG H 188 -36.36 -1.74 9.11
N ALA H 189 -36.46 -3.07 9.04
CA ALA H 189 -37.42 -3.71 8.15
C ALA H 189 -38.83 -3.17 8.42
N TYR H 190 -39.22 -3.14 9.69
CA TYR H 190 -40.54 -2.65 10.05
C TYR H 190 -40.72 -1.23 9.58
N VAL H 191 -39.69 -0.41 9.78
CA VAL H 191 -39.73 1.01 9.41
C VAL H 191 -39.78 1.24 7.91
N ASP H 192 -39.02 0.46 7.15
CA ASP H 192 -39.04 0.63 5.71
C ASP H 192 -40.46 0.40 5.19
N ASN H 193 -41.08 -0.67 5.67
CA ASN H 193 -42.43 -1.05 5.26
C ASN H 193 -43.47 0.03 5.57
N ARG H 194 -43.61 0.38 6.84
CA ARG H 194 -44.57 1.38 7.25
C ARG H 194 -43.87 2.64 7.71
N ARG H 195 -43.72 3.63 6.84
CA ARG H 195 -43.05 4.91 7.18
C ARG H 195 -42.61 5.72 5.98
N LYS H 196 -42.77 5.19 4.79
CA LYS H 196 -42.28 5.83 3.57
C LYS H 196 -42.70 7.25 3.06
N PRO H 197 -41.82 8.24 3.33
CA PRO H 197 -41.15 9.55 3.44
C PRO H 197 -39.88 9.42 4.26
N LYS H 198 -38.80 8.97 3.63
CA LYS H 198 -37.51 8.81 4.30
C LYS H 198 -37.52 7.82 5.46
N PRO H 199 -37.68 6.52 5.15
CA PRO H 199 -37.69 5.48 6.19
C PRO H 199 -36.39 5.52 6.99
N GLY H 200 -35.26 5.49 6.27
CA GLY H 200 -33.96 5.53 6.91
C GLY H 200 -33.75 6.68 7.89
N THR H 201 -34.44 7.80 7.66
CA THR H 201 -34.33 8.95 8.55
C THR H 201 -35.07 8.65 9.85
N ILE H 202 -36.30 8.16 9.73
CA ILE H 202 -37.06 7.81 10.92
C ILE H 202 -36.27 6.78 11.72
N PHE H 203 -35.60 5.88 11.03
CA PHE H 203 -34.80 4.85 11.69
C PHE H 203 -33.74 5.50 12.56
N ALA H 204 -33.03 6.48 11.99
CA ALA H 204 -31.98 7.17 12.70
C ALA H 204 -32.57 8.00 13.85
N LYS H 205 -33.71 8.63 13.62
CA LYS H 205 -34.35 9.41 14.68
C LYS H 205 -34.69 8.53 15.88
N LEU H 206 -35.23 7.34 15.63
CA LEU H 206 -35.57 6.42 16.68
C LEU H 206 -34.33 5.99 17.44
N LEU H 207 -33.23 5.72 16.74
CA LEU H 207 -32.00 5.32 17.42
C LEU H 207 -31.43 6.47 18.25
N SER H 208 -31.64 7.70 17.81
CA SER H 208 -31.12 8.86 18.53
C SER H 208 -31.76 8.91 19.92
N VAL H 209 -32.94 8.31 20.05
CA VAL H 209 -33.61 8.25 21.34
C VAL H 209 -32.70 7.53 22.35
N LEU H 210 -32.04 6.47 21.91
CA LEU H 210 -31.13 5.75 22.80
C LEU H 210 -30.11 6.68 23.38
N THR H 211 -29.54 7.54 22.56
CA THR H 211 -28.51 8.41 23.12
C THR H 211 -29.12 9.41 24.12
N GLU H 212 -30.31 9.91 23.84
CA GLU H 212 -30.97 10.82 24.77
C GLU H 212 -31.27 10.09 26.11
N LEU H 213 -31.56 8.80 26.00
CA LEU H 213 -31.87 7.99 27.19
C LEU H 213 -30.67 7.90 28.14
N ARG H 214 -29.45 8.07 27.62
CA ARG H 214 -28.28 8.04 28.50
C ARG H 214 -28.37 9.28 29.39
N THR H 215 -28.83 10.38 28.83
CA THR H 215 -28.95 11.61 29.60
C THR H 215 -30.06 11.51 30.63
N LEU H 216 -31.25 11.09 30.23
CA LEU H 216 -32.36 10.98 31.19
C LEU H 216 -31.99 10.01 32.30
N GLY H 217 -31.35 8.90 31.92
CA GLY H 217 -30.96 7.92 32.90
C GLY H 217 -29.98 8.49 33.89
N ASN H 218 -29.07 9.32 33.40
CA ASN H 218 -28.08 9.93 34.27
C ASN H 218 -28.75 10.91 35.22
N GLN H 219 -29.75 11.62 34.71
CA GLN H 219 -30.49 12.59 35.49
C GLN H 219 -31.25 11.87 36.62
N ASN H 220 -31.79 10.70 36.31
CA ASN H 220 -32.51 9.93 37.31
C ASN H 220 -31.58 9.65 38.50
N SER H 221 -30.35 9.25 38.20
CA SER H 221 -29.37 8.98 39.23
C SER H 221 -29.06 10.25 40.01
N GLU H 222 -28.89 11.35 39.30
CA GLU H 222 -28.58 12.58 39.99
C GLU H 222 -29.70 12.92 40.96
N MET H 223 -30.95 12.75 40.53
CA MET H 223 -32.06 13.06 41.40
C MET H 223 -32.12 12.16 42.63
N CYS H 224 -31.83 10.88 42.44
CA CYS H 224 -31.86 9.96 43.56
C CYS H 224 -30.86 10.40 44.61
N PHE H 225 -29.66 10.77 44.19
CA PHE H 225 -28.64 11.22 45.13
C PHE H 225 -29.14 12.47 45.84
N SER H 226 -29.83 13.34 45.11
CA SER H 226 -30.36 14.58 45.69
C SER H 226 -31.45 14.35 46.72
N LEU H 227 -32.07 13.18 46.70
CA LEU H 227 -33.13 12.89 47.67
C LEU H 227 -32.51 12.81 49.06
N LYS H 228 -31.22 12.50 49.13
CA LYS H 228 -30.52 12.42 50.39
C LYS H 228 -30.35 13.82 50.97
N LEU H 229 -30.20 14.83 50.11
CA LEU H 229 -30.06 16.22 50.59
C LEU H 229 -31.32 16.54 51.35
N LYS H 230 -32.45 16.28 50.71
CA LYS H 230 -33.73 16.47 51.37
C LYS H 230 -33.69 15.26 52.29
N ASN H 231 -34.74 14.99 53.04
CA ASN H 231 -34.64 13.82 53.89
C ASN H 231 -35.58 12.75 53.42
N LYS H 232 -35.54 12.52 52.12
CA LYS H 232 -36.37 11.52 51.45
C LYS H 232 -35.57 10.23 51.25
N LYS H 233 -36.15 9.10 51.65
CA LYS H 233 -35.47 7.83 51.48
C LYS H 233 -36.06 7.12 50.27
N LEU H 234 -35.18 6.68 49.39
CA LEU H 234 -35.60 5.98 48.20
C LEU H 234 -35.87 4.52 48.63
N PRO H 235 -37.02 3.96 48.21
CA PRO H 235 -37.32 2.58 48.58
C PRO H 235 -36.09 1.71 48.30
N PRO H 236 -35.74 0.81 49.22
CA PRO H 236 -34.57 -0.07 49.08
C PRO H 236 -34.44 -0.76 47.71
N PHE H 237 -35.56 -1.30 47.21
CA PHE H 237 -35.55 -1.97 45.92
C PHE H 237 -34.93 -1.10 44.82
N LEU H 238 -35.43 0.13 44.72
CA LEU H 238 -34.97 1.10 43.75
C LEU H 238 -33.52 1.53 44.01
N ALA H 239 -33.22 1.86 45.26
CA ALA H 239 -31.87 2.29 45.61
C ALA H 239 -30.89 1.19 45.25
N GLU H 240 -31.32 -0.05 45.42
CA GLU H 240 -30.47 -1.21 45.13
C GLU H 240 -30.27 -1.45 43.64
N ILE H 241 -31.35 -1.71 42.92
CA ILE H 241 -31.26 -1.98 41.49
C ILE H 241 -30.52 -0.88 40.72
N TRP H 242 -30.65 0.37 41.17
CA TRP H 242 -29.97 1.48 40.50
C TRP H 242 -28.64 1.83 41.17
N ASP H 243 -28.25 1.07 42.19
CA ASP H 243 -27.01 1.31 42.91
C ASP H 243 -26.87 2.79 43.29
N VAL H 244 -27.96 3.36 43.79
CA VAL H 244 -28.01 4.76 44.18
C VAL H 244 -27.36 5.04 45.53
N ASP H 245 -26.45 4.17 45.96
CA ASP H 245 -25.80 4.41 47.23
C ASP H 245 -24.37 4.11 46.96
N LEU H 246 -24.08 2.86 47.16
CA LEU H 246 -22.75 2.36 46.87
C LEU H 246 -21.75 2.99 47.87
C5 P1A I . 7.87 -44.33 31.41
C10 P1A I . 8.85 -44.07 32.65
C1 P1A I . 10.27 -44.54 32.28
C2 P1A I . 10.29 -46.03 31.91
C3 P1A I . 9.31 -46.37 30.68
C4 P1A I . 7.83 -45.89 31.03
C9 P1A I . 8.22 -44.90 33.95
C19 P1A I . 8.93 -42.54 32.98
C11 P1A I . 9.17 -44.67 35.21
C8 P1A I . 6.71 -44.39 34.20
C12 P1A I . 8.54 -44.66 36.62
C14 P1A I . 6.22 -44.47 35.63
C13 P1A I . 7.18 -43.87 36.79
C18 P1A I . 7.40 -42.31 36.62
C17 P1A I . 6.20 -44.24 37.97
O14 P1A I . 6.04 -45.92 35.85
C15 P1A I . 4.80 -43.97 35.97
C20 P1A I . 6.53 -43.85 39.50
C16 P1A I . 4.78 -43.75 37.48
C22 P1A I . 5.37 -44.35 40.44
O20 P1A I . 6.55 -42.40 39.65
C21 P1A I . 7.92 -44.37 39.97
C6 P1A I . 6.42 -43.88 31.76
C7 P1A I . 5.93 -43.93 33.15
O3 P1A I . 9.73 -45.69 29.48
O2 P1A I . 11.61 -46.45 31.58
O22 P1A I . 5.73 -43.96 41.76
C23 P1A I . 5.10 -45.91 40.48
C24 P1A I . 3.94 -46.18 41.45
C25 P1A I . 3.30 -47.49 41.46
C26 P1A I . 2.37 -47.62 40.18
C27 P1A I . 2.50 -47.66 42.71
O6 P1A I . 5.67 -43.48 30.90
C5 P1A J . 45.29 16.82 -21.24
C10 P1A J . 43.82 16.20 -21.32
C1 P1A J . 42.97 17.04 -22.31
C2 P1A J . 42.89 18.52 -21.86
C3 P1A J . 44.33 19.18 -21.74
C4 P1A J . 45.21 18.34 -20.72
C9 P1A J . 43.19 16.24 -19.77
C19 P1A J . 43.87 14.74 -21.86
C11 P1A J . 41.74 15.62 -19.82
C8 P1A J . 44.19 15.44 -18.79
C12 P1A J . 41.23 14.81 -18.61
C14 P1A J . 43.55 14.80 -17.57
C13 P1A J . 42.27 13.87 -17.86
C18 P1A J . 42.66 12.62 -18.76
C17 P1A J . 42.02 13.51 -16.33
O14 P1A J . 43.17 15.97 -16.76
C15 P1A J . 44.41 14.00 -16.57
C20 P1A J . 40.88 12.49 -15.87
C16 P1A J . 43.44 13.14 -15.77
C22 P1A J . 40.84 12.31 -14.33
O20 P1A J . 41.18 11.16 -16.38
C21 P1A J . 39.48 12.90 -16.43
C6 P1A J . 46.16 16.00 -20.22
C7 P1A J . 45.56 15.35 -19.05
O3 P1A J . 45.00 19.19 -23.01
O2 P1A J . 42.11 19.27 -22.78
O22 P1A J . 39.80 11.34 -14.08
C23 P1A J . 40.53 13.61 -13.48
C24 P1A J . 40.70 13.26 -11.99
C25 P1A J . 41.10 14.31 -11.04
C26 P1A J . 42.64 14.60 -11.20
C27 P1A J . 40.79 13.87 -9.64
O6 P1A J . 47.36 15.88 -20.41
C5 P1A K . -8.85 20.18 -36.90
C10 P1A K . -8.87 20.47 -38.47
C1 P1A K . -8.48 21.97 -38.71
C2 P1A K . -9.47 22.92 -38.00
C3 P1A K . -9.51 22.65 -36.43
C4 P1A K . -9.90 21.13 -36.17
C9 P1A K . -10.41 20.11 -39.02
C19 P1A K . -7.80 19.60 -39.21
C11 P1A K . -10.47 20.41 -40.56
C8 P1A K . -10.71 18.57 -38.66
C12 P1A K . -11.27 19.49 -41.52
C14 P1A K . -11.66 17.84 -39.63
C13 P1A K . -11.29 17.94 -41.21
C18 P1A K . -9.89 17.28 -41.56
C17 P1A K . -12.53 17.09 -41.70
O14 P1A K . -12.98 18.47 -39.38
C15 P1A K . -12.01 16.34 -39.40
C20 P1A K . -12.77 16.71 -43.22
C16 P1A K . -12.54 15.83 -40.73
C22 P1A K . -14.08 15.86 -43.39
O20 P1A K . -11.68 15.87 -43.70
C21 P1A K . -12.79 17.99 -44.14
C6 P1A K . -9.24 18.69 -36.62
C7 P1A K . -10.15 17.96 -37.54
O3 P1A K . -8.22 22.89 -35.85
O2 P1A K . -9.09 24.28 -38.22
O22 P1A K . -14.18 15.56 -44.80
C23 P1A K . -15.46 16.54 -42.95
C24 P1A K . -16.53 15.42 -42.82
C25 P1A K . -17.79 15.67 -42.15
C26 P1A K . -17.76 14.95 -40.77
C27 P1A K . -18.94 15.15 -42.95
O6 P1A K . -8.77 18.10 -35.65
C5 P1A L . -47.59 3.77 35.49
C10 P1A L . -46.48 4.37 34.47
C1 P1A L . -46.38 3.45 33.22
C2 P1A L . -45.98 2.02 33.61
C3 P1A L . -47.02 1.36 34.64
C4 P1A L . -47.16 2.28 35.94
C9 P1A L . -45.05 4.43 35.34
C19 P1A L . -46.90 5.79 33.98
C11 P1A L . -43.91 5.00 34.40
C8 P1A L . -45.30 5.34 36.66
C12 P1A L . -42.80 5.89 35.02
C14 P1A L . -44.09 6.10 37.19
C13 P1A L . -43.25 6.96 36.08
C18 P1A L . -44.16 8.09 35.41
C17 P1A L . -42.17 7.55 37.11
O14 P1A L . -43.23 5.03 37.76
C15 P1A L . -44.22 7.02 38.43
C20 P1A L . -41.08 8.62 36.64
C16 P1A L . -43.01 7.99 38.38
C22 P1A L . -40.13 9.04 37.82
O20 P1A L . -41.74 9.84 36.26
C21 P1A L . -40.26 8.16 35.39
C6 P1A L . -47.71 4.67 36.77
C7 P1A L . -46.54 5.40 37.29
O3 P1A L . -48.33 1.26 34.05
O2 P1A L . -45.88 1.20 32.44
O22 P1A L . -39.20 10.00 37.28
C23 P1A L . -39.23 7.90 38.45
C24 P1A L . -38.67 8.41 39.79
C25 P1A L . -38.28 7.45 40.80
C26 P1A L . -39.49 7.27 41.81
C27 P1A L . -37.06 7.91 41.52
O6 P1A L . -48.76 4.78 37.37
#